data_2AAN
# 
_entry.id   2AAN 
# 
_audit_conform.dict_name       mmcif_pdbx.dic 
_audit_conform.dict_version    5.389 
_audit_conform.dict_location   http://mmcif.pdb.org/dictionaries/ascii/mmcif_pdbx.dic 
# 
loop_
_database_2.database_id 
_database_2.database_code 
_database_2.pdbx_database_accession 
_database_2.pdbx_DOI 
PDB   2AAN         pdb_00002aan 10.2210/pdb2aan/pdb 
RCSB  RCSB033687   ?            ?                   
WWPDB D_1000033687 ?            ?                   
# 
loop_
_pdbx_audit_revision_history.ordinal 
_pdbx_audit_revision_history.data_content_type 
_pdbx_audit_revision_history.major_revision 
_pdbx_audit_revision_history.minor_revision 
_pdbx_audit_revision_history.revision_date 
1 'Structure model' 1 0 2006-07-11 
2 'Structure model' 1 1 2008-04-30 
3 'Structure model' 1 2 2011-07-13 
4 'Structure model' 1 3 2018-05-23 
5 'Structure model' 1 4 2019-10-23 
6 'Structure model' 1 5 2024-03-13 
7 'Structure model' 1 6 2024-04-03 
# 
_pdbx_audit_revision_details.ordinal             1 
_pdbx_audit_revision_details.revision_ordinal    1 
_pdbx_audit_revision_details.data_content_type   'Structure model' 
_pdbx_audit_revision_details.provider            repository 
_pdbx_audit_revision_details.type                'Initial release' 
_pdbx_audit_revision_details.description         ? 
_pdbx_audit_revision_details.details             ? 
# 
loop_
_pdbx_audit_revision_group.ordinal 
_pdbx_audit_revision_group.revision_ordinal 
_pdbx_audit_revision_group.data_content_type 
_pdbx_audit_revision_group.group 
1  2 'Structure model' 'Version format compliance' 
2  3 'Structure model' Advisory                    
3  3 'Structure model' 'Derived calculations'      
4  3 'Structure model' 'Version format compliance' 
5  4 'Structure model' 'Data collection'           
6  5 'Structure model' 'Data collection'           
7  6 'Structure model' 'Data collection'           
8  6 'Structure model' 'Database references'       
9  6 'Structure model' 'Derived calculations'      
10 7 'Structure model' 'Refinement description'    
# 
loop_
_pdbx_audit_revision_category.ordinal 
_pdbx_audit_revision_category.revision_ordinal 
_pdbx_audit_revision_category.data_content_type 
_pdbx_audit_revision_category.category 
1 4 'Structure model' diffrn_source                 
2 5 'Structure model' reflns_shell                  
3 6 'Structure model' chem_comp_atom                
4 6 'Structure model' chem_comp_bond                
5 6 'Structure model' database_2                    
6 6 'Structure model' pdbx_struct_conn_angle        
7 6 'Structure model' struct_conn                   
8 6 'Structure model' struct_site                   
9 7 'Structure model' pdbx_initial_refinement_model 
# 
loop_
_pdbx_audit_revision_item.ordinal 
_pdbx_audit_revision_item.revision_ordinal 
_pdbx_audit_revision_item.data_content_type 
_pdbx_audit_revision_item.item 
1  4 'Structure model' '_diffrn_source.pdbx_synchrotron_site'        
2  5 'Structure model' '_reflns_shell.Rmerge_I_obs'                  
3  6 'Structure model' '_database_2.pdbx_DOI'                        
4  6 'Structure model' '_database_2.pdbx_database_accession'         
5  6 'Structure model' '_pdbx_struct_conn_angle.ptnr1_auth_comp_id'  
6  6 'Structure model' '_pdbx_struct_conn_angle.ptnr1_auth_seq_id'   
7  6 'Structure model' '_pdbx_struct_conn_angle.ptnr1_label_atom_id' 
8  6 'Structure model' '_pdbx_struct_conn_angle.ptnr1_label_comp_id' 
9  6 'Structure model' '_pdbx_struct_conn_angle.ptnr1_label_seq_id'  
10 6 'Structure model' '_pdbx_struct_conn_angle.ptnr3_auth_comp_id'  
11 6 'Structure model' '_pdbx_struct_conn_angle.ptnr3_auth_seq_id'   
12 6 'Structure model' '_pdbx_struct_conn_angle.ptnr3_label_atom_id' 
13 6 'Structure model' '_pdbx_struct_conn_angle.ptnr3_label_comp_id' 
14 6 'Structure model' '_pdbx_struct_conn_angle.ptnr3_label_seq_id'  
15 6 'Structure model' '_pdbx_struct_conn_angle.value'               
16 6 'Structure model' '_struct_conn.pdbx_dist_value'                
17 6 'Structure model' '_struct_conn.ptnr1_auth_comp_id'             
18 6 'Structure model' '_struct_conn.ptnr1_auth_seq_id'              
19 6 'Structure model' '_struct_conn.ptnr1_label_asym_id'            
20 6 'Structure model' '_struct_conn.ptnr1_label_atom_id'            
21 6 'Structure model' '_struct_conn.ptnr1_label_comp_id'            
22 6 'Structure model' '_struct_conn.ptnr1_label_seq_id'             
23 6 'Structure model' '_struct_conn.ptnr2_auth_comp_id'             
24 6 'Structure model' '_struct_conn.ptnr2_auth_seq_id'              
25 6 'Structure model' '_struct_conn.ptnr2_label_asym_id'            
26 6 'Structure model' '_struct_conn.ptnr2_label_atom_id'            
27 6 'Structure model' '_struct_conn.ptnr2_label_comp_id'            
28 6 'Structure model' '_struct_conn.ptnr2_label_seq_id'             
29 6 'Structure model' '_struct_site.pdbx_auth_asym_id'              
30 6 'Structure model' '_struct_site.pdbx_auth_comp_id'              
31 6 'Structure model' '_struct_site.pdbx_auth_seq_id'               
# 
_pdbx_database_status.status_code                     REL 
_pdbx_database_status.entry_id                        2AAN 
_pdbx_database_status.recvd_initial_deposition_date   2005-07-13 
_pdbx_database_status.deposit_site                    RCSB 
_pdbx_database_status.process_site                    PDBJ 
_pdbx_database_status.status_code_sf                  REL 
_pdbx_database_status.status_code_mr                  ? 
_pdbx_database_status.SG_entry                        ? 
_pdbx_database_status.pdb_format_compatible           Y 
_pdbx_database_status.status_code_cs                  ? 
_pdbx_database_status.methods_development_category    ? 
_pdbx_database_status.status_code_nmr_data            ? 
# 
loop_
_audit_author.name 
_audit_author.pdbx_ordinal 
'Lee, M.'       1 
'Guss, J.M.'    2 
'Freeman, H.C.' 3 
# 
_citation.id                        primary 
_citation.title                     
;The Crystal Structure of Auracyanin A at 1.85 A Resolution:  Why the Photosynthetic Bacterium Chloroflexus Needs Two Almost Identical 'Blue' Copper Proteins
;
_citation.journal_abbrev            'to be published' 
_citation.journal_volume            ? 
_citation.page_first                ? 
_citation.page_last                 ? 
_citation.year                      ? 
_citation.journal_id_ASTM           ? 
_citation.country                   ? 
_citation.journal_id_ISSN           ? 
_citation.journal_id_CSD            0353 
_citation.book_publisher            ? 
_citation.pdbx_database_id_PubMed   ? 
_citation.pdbx_database_id_DOI      ? 
# 
loop_
_citation_author.citation_id 
_citation_author.name 
_citation_author.ordinal 
_citation_author.identifier_ORCID 
primary 'Lee, M.'       1 ? 
primary 'Guss, J.M.'    2 ? 
primary 'Freeman, H.C.' 3 ? 
# 
loop_
_entity.id 
_entity.type 
_entity.src_method 
_entity.pdbx_description 
_entity.formula_weight 
_entity.pdbx_number_of_molecules 
_entity.pdbx_ec 
_entity.pdbx_mutation 
_entity.pdbx_fragment 
_entity.details 
1 polymer     man 'auracyanin A'    13915.344 1  ? ? ? ? 
2 non-polymer syn 'COPPER (II) ION' 63.546    1  ? ? ? ? 
3 non-polymer syn 'SULFATE ION'     96.063    2  ? ? ? ? 
4 water       nat water             18.015    92 ? ? ? ? 
# 
_entity_poly.entity_id                      1 
_entity_poly.type                           'polypeptide(L)' 
_entity_poly.nstd_linkage                   no 
_entity_poly.nstd_monomer                   no 
_entity_poly.pdbx_seq_one_letter_code       
;GGGGSSGGSTGGGSGSGPVTIEIGSKGEELAFDKTELTVSAGQTVTIRFKNNSAVQQHNWILVKGGEAEAANIANAGLSA
GPAANYLPADKSNIIAESPLANGNETVEVTFTAPAAGTYLYICTVPGHYPLMQGKLVVN
;
_entity_poly.pdbx_seq_one_letter_code_can   
;GGGGSSGGSTGGGSGSGPVTIEIGSKGEELAFDKTELTVSAGQTVTIRFKNNSAVQQHNWILVKGGEAEAANIANAGLSA
GPAANYLPADKSNIIAESPLANGNETVEVTFTAPAAGTYLYICTVPGHYPLMQGKLVVN
;
_entity_poly.pdbx_strand_id                 A 
_entity_poly.pdbx_target_identifier         ? 
# 
loop_
_pdbx_entity_nonpoly.entity_id 
_pdbx_entity_nonpoly.name 
_pdbx_entity_nonpoly.comp_id 
2 'COPPER (II) ION' CU  
3 'SULFATE ION'     SO4 
4 water             HOH 
# 
loop_
_entity_poly_seq.entity_id 
_entity_poly_seq.num 
_entity_poly_seq.mon_id 
_entity_poly_seq.hetero 
1 1   GLY n 
1 2   GLY n 
1 3   GLY n 
1 4   GLY n 
1 5   SER n 
1 6   SER n 
1 7   GLY n 
1 8   GLY n 
1 9   SER n 
1 10  THR n 
1 11  GLY n 
1 12  GLY n 
1 13  GLY n 
1 14  SER n 
1 15  GLY n 
1 16  SER n 
1 17  GLY n 
1 18  PRO n 
1 19  VAL n 
1 20  THR n 
1 21  ILE n 
1 22  GLU n 
1 23  ILE n 
1 24  GLY n 
1 25  SER n 
1 26  LYS n 
1 27  GLY n 
1 28  GLU n 
1 29  GLU n 
1 30  LEU n 
1 31  ALA n 
1 32  PHE n 
1 33  ASP n 
1 34  LYS n 
1 35  THR n 
1 36  GLU n 
1 37  LEU n 
1 38  THR n 
1 39  VAL n 
1 40  SER n 
1 41  ALA n 
1 42  GLY n 
1 43  GLN n 
1 44  THR n 
1 45  VAL n 
1 46  THR n 
1 47  ILE n 
1 48  ARG n 
1 49  PHE n 
1 50  LYS n 
1 51  ASN n 
1 52  ASN n 
1 53  SER n 
1 54  ALA n 
1 55  VAL n 
1 56  GLN n 
1 57  GLN n 
1 58  HIS n 
1 59  ASN n 
1 60  TRP n 
1 61  ILE n 
1 62  LEU n 
1 63  VAL n 
1 64  LYS n 
1 65  GLY n 
1 66  GLY n 
1 67  GLU n 
1 68  ALA n 
1 69  GLU n 
1 70  ALA n 
1 71  ALA n 
1 72  ASN n 
1 73  ILE n 
1 74  ALA n 
1 75  ASN n 
1 76  ALA n 
1 77  GLY n 
1 78  LEU n 
1 79  SER n 
1 80  ALA n 
1 81  GLY n 
1 82  PRO n 
1 83  ALA n 
1 84  ALA n 
1 85  ASN n 
1 86  TYR n 
1 87  LEU n 
1 88  PRO n 
1 89  ALA n 
1 90  ASP n 
1 91  LYS n 
1 92  SER n 
1 93  ASN n 
1 94  ILE n 
1 95  ILE n 
1 96  ALA n 
1 97  GLU n 
1 98  SER n 
1 99  PRO n 
1 100 LEU n 
1 101 ALA n 
1 102 ASN n 
1 103 GLY n 
1 104 ASN n 
1 105 GLU n 
1 106 THR n 
1 107 VAL n 
1 108 GLU n 
1 109 VAL n 
1 110 THR n 
1 111 PHE n 
1 112 THR n 
1 113 ALA n 
1 114 PRO n 
1 115 ALA n 
1 116 ALA n 
1 117 GLY n 
1 118 THR n 
1 119 TYR n 
1 120 LEU n 
1 121 TYR n 
1 122 ILE n 
1 123 CYS n 
1 124 THR n 
1 125 VAL n 
1 126 PRO n 
1 127 GLY n 
1 128 HIS n 
1 129 TYR n 
1 130 PRO n 
1 131 LEU n 
1 132 MET n 
1 133 GLN n 
1 134 GLY n 
1 135 LYS n 
1 136 LEU n 
1 137 VAL n 
1 138 VAL n 
1 139 ASN n 
# 
_entity_src_gen.entity_id                          1 
_entity_src_gen.pdbx_src_id                        1 
_entity_src_gen.pdbx_alt_source_flag               sample 
_entity_src_gen.pdbx_seq_type                      ? 
_entity_src_gen.pdbx_beg_seq_num                   ? 
_entity_src_gen.pdbx_end_seq_num                   ? 
_entity_src_gen.gene_src_common_name               ? 
_entity_src_gen.gene_src_genus                     Chloroflexus 
_entity_src_gen.pdbx_gene_src_gene                 ? 
_entity_src_gen.gene_src_species                   ? 
_entity_src_gen.gene_src_strain                    ? 
_entity_src_gen.gene_src_tissue                    ? 
_entity_src_gen.gene_src_tissue_fraction           ? 
_entity_src_gen.gene_src_details                   ? 
_entity_src_gen.pdbx_gene_src_fragment             ? 
_entity_src_gen.pdbx_gene_src_scientific_name      'Chloroflexus aurantiacus' 
_entity_src_gen.pdbx_gene_src_ncbi_taxonomy_id     1108 
_entity_src_gen.pdbx_gene_src_variant              ? 
_entity_src_gen.pdbx_gene_src_cell_line            ? 
_entity_src_gen.pdbx_gene_src_atcc                 ? 
_entity_src_gen.pdbx_gene_src_organ                ? 
_entity_src_gen.pdbx_gene_src_organelle            ? 
_entity_src_gen.pdbx_gene_src_cell                 ? 
_entity_src_gen.pdbx_gene_src_cellular_location    ? 
_entity_src_gen.host_org_common_name               ? 
_entity_src_gen.pdbx_host_org_scientific_name      'Escherichia coli' 
_entity_src_gen.pdbx_host_org_ncbi_taxonomy_id     562 
_entity_src_gen.host_org_genus                     Escherichia 
_entity_src_gen.pdbx_host_org_gene                 ? 
_entity_src_gen.pdbx_host_org_organ                ? 
_entity_src_gen.host_org_species                   ? 
_entity_src_gen.pdbx_host_org_tissue               ? 
_entity_src_gen.pdbx_host_org_tissue_fraction      ? 
_entity_src_gen.pdbx_host_org_strain               'BL21(DE3)pLysS' 
_entity_src_gen.pdbx_host_org_variant              ? 
_entity_src_gen.pdbx_host_org_cell_line            ? 
_entity_src_gen.pdbx_host_org_atcc                 ? 
_entity_src_gen.pdbx_host_org_culture_collection   ? 
_entity_src_gen.pdbx_host_org_cell                 ? 
_entity_src_gen.pdbx_host_org_organelle            ? 
_entity_src_gen.pdbx_host_org_cellular_location    ? 
_entity_src_gen.pdbx_host_org_vector_type          plasmid 
_entity_src_gen.pdbx_host_org_vector               ? 
_entity_src_gen.host_org_details                   ? 
_entity_src_gen.expression_system_id               ? 
_entity_src_gen.plasmid_name                       pRSETA 
_entity_src_gen.plasmid_details                    ? 
_entity_src_gen.pdbx_description                   ? 
# 
loop_
_chem_comp.id 
_chem_comp.type 
_chem_comp.mon_nstd_flag 
_chem_comp.name 
_chem_comp.pdbx_synonyms 
_chem_comp.formula 
_chem_comp.formula_weight 
ALA 'L-peptide linking' y ALANINE           ? 'C3 H7 N O2'     89.093  
ARG 'L-peptide linking' y ARGININE          ? 'C6 H15 N4 O2 1' 175.209 
ASN 'L-peptide linking' y ASPARAGINE        ? 'C4 H8 N2 O3'    132.118 
ASP 'L-peptide linking' y 'ASPARTIC ACID'   ? 'C4 H7 N O4'     133.103 
CU  non-polymer         . 'COPPER (II) ION' ? 'Cu 2'           63.546  
CYS 'L-peptide linking' y CYSTEINE          ? 'C3 H7 N O2 S'   121.158 
GLN 'L-peptide linking' y GLUTAMINE         ? 'C5 H10 N2 O3'   146.144 
GLU 'L-peptide linking' y 'GLUTAMIC ACID'   ? 'C5 H9 N O4'     147.129 
GLY 'peptide linking'   y GLYCINE           ? 'C2 H5 N O2'     75.067  
HIS 'L-peptide linking' y HISTIDINE         ? 'C6 H10 N3 O2 1' 156.162 
HOH non-polymer         . WATER             ? 'H2 O'           18.015  
ILE 'L-peptide linking' y ISOLEUCINE        ? 'C6 H13 N O2'    131.173 
LEU 'L-peptide linking' y LEUCINE           ? 'C6 H13 N O2'    131.173 
LYS 'L-peptide linking' y LYSINE            ? 'C6 H15 N2 O2 1' 147.195 
MET 'L-peptide linking' y METHIONINE        ? 'C5 H11 N O2 S'  149.211 
PHE 'L-peptide linking' y PHENYLALANINE     ? 'C9 H11 N O2'    165.189 
PRO 'L-peptide linking' y PROLINE           ? 'C5 H9 N O2'     115.130 
SER 'L-peptide linking' y SERINE            ? 'C3 H7 N O3'     105.093 
SO4 non-polymer         . 'SULFATE ION'     ? 'O4 S -2'        96.063  
THR 'L-peptide linking' y THREONINE         ? 'C4 H9 N O3'     119.119 
TRP 'L-peptide linking' y TRYPTOPHAN        ? 'C11 H12 N2 O2'  204.225 
TYR 'L-peptide linking' y TYROSINE          ? 'C9 H11 N O3'    181.189 
VAL 'L-peptide linking' y VALINE            ? 'C5 H11 N O2'    117.146 
# 
loop_
_pdbx_poly_seq_scheme.asym_id 
_pdbx_poly_seq_scheme.entity_id 
_pdbx_poly_seq_scheme.seq_id 
_pdbx_poly_seq_scheme.mon_id 
_pdbx_poly_seq_scheme.ndb_seq_num 
_pdbx_poly_seq_scheme.pdb_seq_num 
_pdbx_poly_seq_scheme.auth_seq_num 
_pdbx_poly_seq_scheme.pdb_mon_id 
_pdbx_poly_seq_scheme.auth_mon_id 
_pdbx_poly_seq_scheme.pdb_strand_id 
_pdbx_poly_seq_scheme.pdb_ins_code 
_pdbx_poly_seq_scheme.hetero 
A 1 1   GLY 1   1   ?   ?   ?   A . n 
A 1 2   GLY 2   2   ?   ?   ?   A . n 
A 1 3   GLY 3   3   ?   ?   ?   A . n 
A 1 4   GLY 4   4   ?   ?   ?   A . n 
A 1 5   SER 5   5   ?   ?   ?   A . n 
A 1 6   SER 6   6   ?   ?   ?   A . n 
A 1 7   GLY 7   7   ?   ?   ?   A . n 
A 1 8   GLY 8   8   ?   ?   ?   A . n 
A 1 9   SER 9   9   ?   ?   ?   A . n 
A 1 10  THR 10  10  ?   ?   ?   A . n 
A 1 11  GLY 11  11  ?   ?   ?   A . n 
A 1 12  GLY 12  12  ?   ?   ?   A . n 
A 1 13  GLY 13  13  ?   ?   ?   A . n 
A 1 14  SER 14  14  ?   ?   ?   A . n 
A 1 15  GLY 15  15  ?   ?   ?   A . n 
A 1 16  SER 16  16  ?   ?   ?   A . n 
A 1 17  GLY 17  17  17  GLY GLY A . n 
A 1 18  PRO 18  18  18  PRO PRO A . n 
A 1 19  VAL 19  19  19  VAL VAL A . n 
A 1 20  THR 20  20  20  THR THR A . n 
A 1 21  ILE 21  21  21  ILE ILE A . n 
A 1 22  GLU 22  22  22  GLU GLU A . n 
A 1 23  ILE 23  23  23  ILE ILE A . n 
A 1 24  GLY 24  24  24  GLY GLY A . n 
A 1 25  SER 25  25  25  SER SER A . n 
A 1 26  LYS 26  26  26  LYS LYS A . n 
A 1 27  GLY 27  27  27  GLY GLY A . n 
A 1 28  GLU 28  28  28  GLU GLU A . n 
A 1 29  GLU 29  29  29  GLU GLU A . n 
A 1 30  LEU 30  30  30  LEU LEU A . n 
A 1 31  ALA 31  31  31  ALA ALA A . n 
A 1 32  PHE 32  32  32  PHE PHE A . n 
A 1 33  ASP 33  33  33  ASP ASP A . n 
A 1 34  LYS 34  34  34  LYS LYS A . n 
A 1 35  THR 35  35  35  THR THR A . n 
A 1 36  GLU 36  36  36  GLU GLU A . n 
A 1 37  LEU 37  37  37  LEU LEU A . n 
A 1 38  THR 38  38  38  THR THR A . n 
A 1 39  VAL 39  39  39  VAL VAL A . n 
A 1 40  SER 40  40  40  SER SER A . n 
A 1 41  ALA 41  41  41  ALA ALA A . n 
A 1 42  GLY 42  42  42  GLY GLY A . n 
A 1 43  GLN 43  43  43  GLN GLN A . n 
A 1 44  THR 44  44  44  THR THR A . n 
A 1 45  VAL 45  45  45  VAL VAL A . n 
A 1 46  THR 46  46  46  THR THR A . n 
A 1 47  ILE 47  47  47  ILE ILE A . n 
A 1 48  ARG 48  48  48  ARG ARG A . n 
A 1 49  PHE 49  49  49  PHE PHE A . n 
A 1 50  LYS 50  50  50  LYS LYS A . n 
A 1 51  ASN 51  51  51  ASN ASN A . n 
A 1 52  ASN 52  52  52  ASN ASN A . n 
A 1 53  SER 53  53  53  SER SER A . n 
A 1 54  ALA 54  54  54  ALA ALA A . n 
A 1 55  VAL 55  55  55  VAL VAL A . n 
A 1 56  GLN 56  56  56  GLN GLN A . n 
A 1 57  GLN 57  57  57  GLN GLN A . n 
A 1 58  HIS 58  58  58  HIS HIS A . n 
A 1 59  ASN 59  59  59  ASN ASN A . n 
A 1 60  TRP 60  60  60  TRP TRP A . n 
A 1 61  ILE 61  61  61  ILE ILE A . n 
A 1 62  LEU 62  62  62  LEU LEU A . n 
A 1 63  VAL 63  63  63  VAL VAL A . n 
A 1 64  LYS 64  64  64  LYS LYS A . n 
A 1 65  GLY 65  65  65  GLY GLY A . n 
A 1 66  GLY 66  66  66  GLY GLY A . n 
A 1 67  GLU 67  67  67  GLU GLU A . n 
A 1 68  ALA 68  68  68  ALA ALA A . n 
A 1 69  GLU 69  69  69  GLU GLU A . n 
A 1 70  ALA 70  70  70  ALA ALA A . n 
A 1 71  ALA 71  71  71  ALA ALA A . n 
A 1 72  ASN 72  72  72  ASN ASN A . n 
A 1 73  ILE 73  73  73  ILE ILE A . n 
A 1 74  ALA 74  74  74  ALA ALA A . n 
A 1 75  ASN 75  75  75  ASN ASN A . n 
A 1 76  ALA 76  76  76  ALA ALA A . n 
A 1 77  GLY 77  77  77  GLY GLY A . n 
A 1 78  LEU 78  78  78  LEU LEU A . n 
A 1 79  SER 79  79  79  SER SER A . n 
A 1 80  ALA 80  80  80  ALA ALA A . n 
A 1 81  GLY 81  81  81  GLY GLY A . n 
A 1 82  PRO 82  82  82  PRO PRO A . n 
A 1 83  ALA 83  83  83  ALA ALA A . n 
A 1 84  ALA 84  84  84  ALA ALA A . n 
A 1 85  ASN 85  85  85  ASN ASN A . n 
A 1 86  TYR 86  86  86  TYR TYR A . n 
A 1 87  LEU 87  87  87  LEU LEU A . n 
A 1 88  PRO 88  88  88  PRO PRO A . n 
A 1 89  ALA 89  89  89  ALA ALA A . n 
A 1 90  ASP 90  90  90  ASP ASP A . n 
A 1 91  LYS 91  91  91  LYS LYS A . n 
A 1 92  SER 92  92  92  SER SER A . n 
A 1 93  ASN 93  93  93  ASN ASN A . n 
A 1 94  ILE 94  94  94  ILE ILE A . n 
A 1 95  ILE 95  95  95  ILE ILE A . n 
A 1 96  ALA 96  96  96  ALA ALA A . n 
A 1 97  GLU 97  97  97  GLU GLU A . n 
A 1 98  SER 98  98  98  SER SER A . n 
A 1 99  PRO 99  99  99  PRO PRO A . n 
A 1 100 LEU 100 100 100 LEU LEU A . n 
A 1 101 ALA 101 101 101 ALA ALA A . n 
A 1 102 ASN 102 102 102 ASN ASN A . n 
A 1 103 GLY 103 103 103 GLY GLY A . n 
A 1 104 ASN 104 104 104 ASN ASN A . n 
A 1 105 GLU 105 105 105 GLU GLU A . n 
A 1 106 THR 106 106 106 THR THR A . n 
A 1 107 VAL 107 107 107 VAL VAL A . n 
A 1 108 GLU 108 108 108 GLU GLU A . n 
A 1 109 VAL 109 109 109 VAL VAL A . n 
A 1 110 THR 110 110 110 THR THR A . n 
A 1 111 PHE 111 111 111 PHE PHE A . n 
A 1 112 THR 112 112 112 THR THR A . n 
A 1 113 ALA 113 113 113 ALA ALA A . n 
A 1 114 PRO 114 114 114 PRO PRO A . n 
A 1 115 ALA 115 115 115 ALA ALA A . n 
A 1 116 ALA 116 116 116 ALA ALA A . n 
A 1 117 GLY 117 117 117 GLY GLY A . n 
A 1 118 THR 118 118 118 THR THR A . n 
A 1 119 TYR 119 119 119 TYR TYR A . n 
A 1 120 LEU 120 120 120 LEU LEU A . n 
A 1 121 TYR 121 121 121 TYR TYR A . n 
A 1 122 ILE 122 122 122 ILE ILE A . n 
A 1 123 CYS 123 123 123 CYS CYS A . n 
A 1 124 THR 124 124 124 THR THR A . n 
A 1 125 VAL 125 125 125 VAL VAL A . n 
A 1 126 PRO 126 126 126 PRO PRO A . n 
A 1 127 GLY 127 127 127 GLY GLY A . n 
A 1 128 HIS 128 128 128 HIS HIS A . n 
A 1 129 TYR 129 129 129 TYR TYR A . n 
A 1 130 PRO 130 130 130 PRO PRO A . n 
A 1 131 LEU 131 131 131 LEU LEU A . n 
A 1 132 MET 132 132 132 MET MET A . n 
A 1 133 GLN 133 133 133 GLN GLN A . n 
A 1 134 GLY 134 134 134 GLY GLY A . n 
A 1 135 LYS 135 135 135 LYS LYS A . n 
A 1 136 LEU 136 136 136 LEU LEU A . n 
A 1 137 VAL 137 137 137 VAL VAL A . n 
A 1 138 VAL 138 138 138 VAL VAL A . n 
A 1 139 ASN 139 139 139 ASN ASN A . n 
# 
loop_
_pdbx_nonpoly_scheme.asym_id 
_pdbx_nonpoly_scheme.entity_id 
_pdbx_nonpoly_scheme.mon_id 
_pdbx_nonpoly_scheme.ndb_seq_num 
_pdbx_nonpoly_scheme.pdb_seq_num 
_pdbx_nonpoly_scheme.auth_seq_num 
_pdbx_nonpoly_scheme.pdb_mon_id 
_pdbx_nonpoly_scheme.auth_mon_id 
_pdbx_nonpoly_scheme.pdb_strand_id 
_pdbx_nonpoly_scheme.pdb_ins_code 
B 2 CU  1  140 140 CU  CU  A . 
C 3 SO4 1  143 143 SO4 SO4 A . 
D 3 SO4 1  144 144 SO4 SO4 A . 
E 4 HOH 1  145 1   HOH HOH A . 
E 4 HOH 2  146 2   HOH HOH A . 
E 4 HOH 3  147 3   HOH HOH A . 
E 4 HOH 4  148 4   HOH HOH A . 
E 4 HOH 5  149 5   HOH HOH A . 
E 4 HOH 6  150 6   HOH HOH A . 
E 4 HOH 7  151 7   HOH HOH A . 
E 4 HOH 8  152 8   HOH HOH A . 
E 4 HOH 9  153 9   HOH HOH A . 
E 4 HOH 10 154 10  HOH HOH A . 
E 4 HOH 11 155 11  HOH HOH A . 
E 4 HOH 12 156 12  HOH HOH A . 
E 4 HOH 13 157 13  HOH HOH A . 
E 4 HOH 14 158 14  HOH HOH A . 
E 4 HOH 15 159 15  HOH HOH A . 
E 4 HOH 16 160 16  HOH HOH A . 
E 4 HOH 17 161 17  HOH HOH A . 
E 4 HOH 18 162 18  HOH HOH A . 
E 4 HOH 19 163 19  HOH HOH A . 
E 4 HOH 20 164 20  HOH HOH A . 
E 4 HOH 21 165 21  HOH HOH A . 
E 4 HOH 22 166 22  HOH HOH A . 
E 4 HOH 23 167 23  HOH HOH A . 
E 4 HOH 24 168 24  HOH HOH A . 
E 4 HOH 25 169 25  HOH HOH A . 
E 4 HOH 26 170 26  HOH HOH A . 
E 4 HOH 27 171 27  HOH HOH A . 
E 4 HOH 28 172 28  HOH HOH A . 
E 4 HOH 29 173 29  HOH HOH A . 
E 4 HOH 30 174 30  HOH HOH A . 
E 4 HOH 31 175 31  HOH HOH A . 
E 4 HOH 32 176 32  HOH HOH A . 
E 4 HOH 33 177 33  HOH HOH A . 
E 4 HOH 34 178 34  HOH HOH A . 
E 4 HOH 35 179 35  HOH HOH A . 
E 4 HOH 36 180 36  HOH HOH A . 
E 4 HOH 37 181 37  HOH HOH A . 
E 4 HOH 38 182 38  HOH HOH A . 
E 4 HOH 39 183 39  HOH HOH A . 
E 4 HOH 40 184 40  HOH HOH A . 
E 4 HOH 41 185 41  HOH HOH A . 
E 4 HOH 42 186 42  HOH HOH A . 
E 4 HOH 43 187 43  HOH HOH A . 
E 4 HOH 44 188 44  HOH HOH A . 
E 4 HOH 45 189 45  HOH HOH A . 
E 4 HOH 46 190 46  HOH HOH A . 
E 4 HOH 47 191 47  HOH HOH A . 
E 4 HOH 48 192 48  HOH HOH A . 
E 4 HOH 49 193 49  HOH HOH A . 
E 4 HOH 50 194 50  HOH HOH A . 
E 4 HOH 51 195 51  HOH HOH A . 
E 4 HOH 52 196 52  HOH HOH A . 
E 4 HOH 53 197 53  HOH HOH A . 
E 4 HOH 54 198 54  HOH HOH A . 
E 4 HOH 55 199 55  HOH HOH A . 
E 4 HOH 56 200 56  HOH HOH A . 
E 4 HOH 57 201 57  HOH HOH A . 
E 4 HOH 58 202 58  HOH HOH A . 
E 4 HOH 59 203 59  HOH HOH A . 
E 4 HOH 60 204 60  HOH HOH A . 
E 4 HOH 61 205 61  HOH HOH A . 
E 4 HOH 62 206 62  HOH HOH A . 
E 4 HOH 63 207 63  HOH HOH A . 
E 4 HOH 64 208 64  HOH HOH A . 
E 4 HOH 65 209 65  HOH HOH A . 
E 4 HOH 66 210 66  HOH HOH A . 
E 4 HOH 67 211 67  HOH HOH A . 
E 4 HOH 68 212 68  HOH HOH A . 
E 4 HOH 69 213 69  HOH HOH A . 
E 4 HOH 70 214 70  HOH HOH A . 
E 4 HOH 71 215 71  HOH HOH A . 
E 4 HOH 72 216 72  HOH HOH A . 
E 4 HOH 73 217 73  HOH HOH A . 
E 4 HOH 74 218 74  HOH HOH A . 
E 4 HOH 75 219 75  HOH HOH A . 
E 4 HOH 76 220 76  HOH HOH A . 
E 4 HOH 77 221 77  HOH HOH A . 
E 4 HOH 78 222 78  HOH HOH A . 
E 4 HOH 79 223 79  HOH HOH A . 
E 4 HOH 80 224 80  HOH HOH A . 
E 4 HOH 81 225 81  HOH HOH A . 
E 4 HOH 82 226 82  HOH HOH A . 
E 4 HOH 83 227 83  HOH HOH A . 
E 4 HOH 84 228 84  HOH HOH A . 
E 4 HOH 85 229 85  HOH HOH A . 
E 4 HOH 86 230 86  HOH HOH A . 
E 4 HOH 87 231 87  HOH HOH A . 
E 4 HOH 88 232 88  HOH HOH A . 
E 4 HOH 89 233 89  HOH HOH A . 
E 4 HOH 90 234 90  HOH HOH A . 
E 4 HOH 91 235 91  HOH HOH A . 
E 4 HOH 92 236 92  HOH HOH A . 
# 
loop_
_software.name 
_software.classification 
_software.version 
_software.citation_id 
_software.pdbx_ordinal 
_software.date 
_software.type 
_software.location 
_software.language 
REFMAC    refinement       5.2.0005 ? 1 ? ? ? ? 
HKL-2000  'data reduction' .        ? 2 ? ? ? ? 
SCALEPACK 'data scaling'   .        ? 3 ? ? ? ? 
AMoRE     phasing          .        ? 4 ? ? ? ? 
# 
_cell.entry_id           2AAN 
_cell.length_a           70.578 
_cell.length_b           70.578 
_cell.length_c           45.665 
_cell.angle_alpha        90.00 
_cell.angle_beta         90.00 
_cell.angle_gamma        90.00 
_cell.Z_PDB              8 
_cell.pdbx_unique_axis   ? 
_cell.length_a_esd       ? 
_cell.length_b_esd       ? 
_cell.length_c_esd       ? 
_cell.angle_alpha_esd    ? 
_cell.angle_beta_esd     ? 
_cell.angle_gamma_esd    ? 
# 
_symmetry.entry_id                         2AAN 
_symmetry.space_group_name_H-M             'P 41 21 2' 
_symmetry.pdbx_full_space_group_name_H-M   ? 
_symmetry.cell_setting                     ? 
_symmetry.Int_Tables_number                92 
_symmetry.space_group_name_Hall            ? 
# 
_exptl.entry_id          2AAN 
_exptl.method            'X-RAY DIFFRACTION' 
_exptl.crystals_number   1 
# 
_exptl_crystal.id                    1 
_exptl_crystal.density_meas          ? 
_exptl_crystal.density_Matthews      2.0 
_exptl_crystal.density_percent_sol   38.7 
_exptl_crystal.description           ? 
_exptl_crystal.F_000                 ? 
_exptl_crystal.preparation           ? 
# 
_exptl_crystal_grow.crystal_id      1 
_exptl_crystal_grow.method          'VAPOR DIFFUSION, HANGING DROP' 
_exptl_crystal_grow.temp            277 
_exptl_crystal_grow.temp_details    ? 
_exptl_crystal_grow.pH              5.2 
_exptl_crystal_grow.pdbx_details    'Lithium sulfate, sodium citrate, pH 5.2, VAPOR DIFFUSION, HANGING DROP, temperature 277K' 
_exptl_crystal_grow.pdbx_pH_range   . 
# 
_diffrn.id                     1 
_diffrn.ambient_temp           100 
_diffrn.ambient_temp_details   ? 
_diffrn.crystal_id             1 
# 
_diffrn_detector.diffrn_id              1 
_diffrn_detector.detector               CCD 
_diffrn_detector.type                   MARRESEARCH 
_diffrn_detector.pdbx_collection_date   2004-03-07 
_diffrn_detector.details                ? 
# 
_diffrn_radiation.diffrn_id                        1 
_diffrn_radiation.wavelength_id                    1 
_diffrn_radiation.pdbx_monochromatic_or_laue_m_l   M 
_diffrn_radiation.monochromator                    Sillicon 
_diffrn_radiation.pdbx_diffrn_protocol             'SINGLE WAVELENGTH' 
_diffrn_radiation.pdbx_scattering_type             x-ray 
# 
_diffrn_radiation_wavelength.id           1 
_diffrn_radiation_wavelength.wavelength   0.96868 
_diffrn_radiation_wavelength.wt           1.0 
# 
_diffrn_source.diffrn_id                   1 
_diffrn_source.source                      SYNCHROTRON 
_diffrn_source.type                        'MAX II BEAMLINE I911-5' 
_diffrn_source.pdbx_synchrotron_site       'MAX II' 
_diffrn_source.pdbx_synchrotron_beamline   I911-5 
_diffrn_source.pdbx_wavelength             ? 
_diffrn_source.pdbx_wavelength_list        0.96868 
# 
_reflns.entry_id                     2AAN 
_reflns.observed_criterion_sigma_F   2.0 
_reflns.observed_criterion_sigma_I   2.0 
_reflns.d_resolution_high            1.85 
_reflns.d_resolution_low             30 
_reflns.number_all                   9667 
_reflns.number_obs                   9667 
_reflns.percent_possible_obs         95.6 
_reflns.pdbx_Rmerge_I_obs            0.086 
_reflns.pdbx_Rsym_value              ? 
_reflns.pdbx_netI_over_sigmaI        ? 
_reflns.B_iso_Wilson_estimate        15.5 
_reflns.pdbx_redundancy              10.8 
_reflns.R_free_details               ? 
_reflns.limit_h_max                  ? 
_reflns.limit_h_min                  ? 
_reflns.limit_k_max                  ? 
_reflns.limit_k_min                  ? 
_reflns.limit_l_max                  ? 
_reflns.limit_l_min                  ? 
_reflns.observed_criterion_F_max     ? 
_reflns.observed_criterion_F_min     ? 
_reflns.pdbx_chi_squared             ? 
_reflns.pdbx_scaling_rejects         ? 
_reflns.pdbx_ordinal                 1 
_reflns.pdbx_diffrn_id               1 
_reflns.pdbx_CC_half                 ? 
_reflns.pdbx_Rpim_I_all              ? 
_reflns.pdbx_Rrim_I_all              ? 
# 
_reflns_shell.d_res_high             1.85 
_reflns_shell.d_res_low              1.898 
_reflns_shell.percent_possible_all   99.3 
_reflns_shell.Rmerge_I_obs           0.32 
_reflns_shell.pdbx_Rsym_value        ? 
_reflns_shell.meanI_over_sigI_obs    ? 
_reflns_shell.pdbx_redundancy        10 
_reflns_shell.percent_possible_obs   ? 
_reflns_shell.number_unique_all      ? 
_reflns_shell.number_measured_all    ? 
_reflns_shell.number_measured_obs    ? 
_reflns_shell.number_unique_obs      ? 
_reflns_shell.pdbx_chi_squared       ? 
_reflns_shell.pdbx_ordinal           1 
_reflns_shell.pdbx_diffrn_id         1 
_reflns_shell.pdbx_CC_half           ? 
_reflns_shell.pdbx_Rpim_I_all        ? 
_reflns_shell.pdbx_Rrim_I_all        ? 
# 
_refine.entry_id                                 2AAN 
_refine.ls_number_reflns_obs                     9202 
_refine.ls_number_reflns_all                     9667 
_refine.pdbx_ls_sigma_I                          ? 
_refine.pdbx_ls_sigma_F                          0 
_refine.pdbx_data_cutoff_high_absF               ? 
_refine.pdbx_data_cutoff_low_absF                ? 
_refine.pdbx_data_cutoff_high_rms_absF           ? 
_refine.ls_d_res_low                             18.00 
_refine.ls_d_res_high                            1.85 
_refine.ls_percent_reflns_obs                    93.85 
_refine.ls_R_factor_obs                          0.16436 
_refine.ls_R_factor_all                          0.16436 
_refine.ls_R_factor_R_work                       0.16217 
_refine.ls_R_factor_R_free                       0.20703 
_refine.ls_R_factor_R_free_error                 ? 
_refine.ls_R_factor_R_free_error_details         ? 
_refine.ls_percent_reflns_R_free                 4.8 
_refine.ls_number_reflns_R_free                  465 
_refine.ls_number_parameters                     ? 
_refine.ls_number_restraints                     ? 
_refine.occupancy_min                            ? 
_refine.occupancy_max                            ? 
_refine.correlation_coeff_Fo_to_Fc               0.953 
_refine.correlation_coeff_Fo_to_Fc_free          0.940 
_refine.B_iso_mean                               16.993 
_refine.aniso_B[1][1]                            0.49 
_refine.aniso_B[2][2]                            0.49 
_refine.aniso_B[3][3]                            -0.98 
_refine.aniso_B[1][2]                            0.00 
_refine.aniso_B[1][3]                            0.00 
_refine.aniso_B[2][3]                            0.00 
_refine.solvent_model_details                    'BABINET MODEL WITH MASK' 
_refine.solvent_model_param_ksol                 ? 
_refine.solvent_model_param_bsol                 ? 
_refine.pdbx_solvent_vdw_probe_radii             1.20 
_refine.pdbx_solvent_ion_probe_radii             0.80 
_refine.pdbx_solvent_shrinkage_radii             0.80 
_refine.pdbx_ls_cross_valid_method               THROUGHOUT 
_refine.details                                  'HYDROGENS HAVE BEEN ADDED IN THE RIDING POSITIONS' 
_refine.pdbx_starting_model                      'auracyanin B' 
_refine.pdbx_method_to_determine_struct          'MOLECULAR REPLACEMENT' 
_refine.pdbx_isotropic_thermal_model             ? 
_refine.pdbx_stereochemistry_target_values       'MAXIMUM LIKELIHOOD' 
_refine.pdbx_stereochem_target_val_spec_case     ? 
_refine.pdbx_R_Free_selection_details            RANDOM 
_refine.pdbx_overall_ESU_R                       0.137 
_refine.pdbx_overall_ESU_R_Free                  0.131 
_refine.overall_SU_ML                            0.099 
_refine.overall_SU_B                             6.253 
_refine.ls_redundancy_reflns_obs                 ? 
_refine.B_iso_min                                ? 
_refine.B_iso_max                                ? 
_refine.overall_SU_R_Cruickshank_DPI             ? 
_refine.overall_SU_R_free                        ? 
_refine.ls_wR_factor_R_free                      ? 
_refine.ls_wR_factor_R_work                      ? 
_refine.overall_FOM_free_R_set                   ? 
_refine.overall_FOM_work_R_set                   ? 
_refine.pdbx_refine_id                           'X-RAY DIFFRACTION' 
_refine.pdbx_TLS_residual_ADP_flag               'LIKELY RESIDUAL' 
_refine.pdbx_diffrn_id                           1 
_refine.pdbx_overall_phase_error                 ? 
_refine.pdbx_overall_SU_R_free_Cruickshank_DPI   ? 
_refine.pdbx_overall_SU_R_Blow_DPI               ? 
_refine.pdbx_overall_SU_R_free_Blow_DPI          ? 
# 
_refine_hist.pdbx_refine_id                   'X-RAY DIFFRACTION' 
_refine_hist.cycle_id                         LAST 
_refine_hist.pdbx_number_atoms_protein        901 
_refine_hist.pdbx_number_atoms_nucleic_acid   0 
_refine_hist.pdbx_number_atoms_ligand         11 
_refine_hist.number_atoms_solvent             92 
_refine_hist.number_atoms_total               1004 
_refine_hist.d_res_high                       1.85 
_refine_hist.d_res_low                        18.00 
# 
loop_
_refine_ls_restr.type 
_refine_ls_restr.dev_ideal 
_refine_ls_restr.dev_ideal_target 
_refine_ls_restr.weight 
_refine_ls_restr.number 
_refine_ls_restr.pdbx_refine_id 
_refine_ls_restr.pdbx_restraint_function 
r_bond_refined_d         0.015  0.022  ? 926  'X-RAY DIFFRACTION' ? 
r_bond_other_d           0.001  0.020  ? 826  'X-RAY DIFFRACTION' ? 
r_angle_refined_deg      1.586  1.965  ? 1266 'X-RAY DIFFRACTION' ? 
r_angle_other_deg        0.792  3.000  ? 1932 'X-RAY DIFFRACTION' ? 
r_dihedral_angle_1_deg   7.017  5.000  ? 122  'X-RAY DIFFRACTION' ? 
r_dihedral_angle_2_deg   35.716 26.667 ? 36   'X-RAY DIFFRACTION' ? 
r_dihedral_angle_3_deg   10.959 15.000 ? 139  'X-RAY DIFFRACTION' ? 
r_dihedral_angle_4_deg   8.031  15.000 ? 1    'X-RAY DIFFRACTION' ? 
r_chiral_restr           0.100  0.200  ? 148  'X-RAY DIFFRACTION' ? 
r_gen_planes_refined     0.006  0.020  ? 1041 'X-RAY DIFFRACTION' ? 
r_gen_planes_other       0.001  0.020  ? 159  'X-RAY DIFFRACTION' ? 
r_nbd_refined            0.197  0.200  ? 170  'X-RAY DIFFRACTION' ? 
r_nbd_other              0.168  0.200  ? 778  'X-RAY DIFFRACTION' ? 
r_nbtor_refined          0.179  0.200  ? 462  'X-RAY DIFFRACTION' ? 
r_nbtor_other            0.086  0.200  ? 571  'X-RAY DIFFRACTION' ? 
r_xyhbond_nbd_refined    0.140  0.200  ? 58   'X-RAY DIFFRACTION' ? 
r_symmetry_vdw_refined   0.154  0.200  ? 9    'X-RAY DIFFRACTION' ? 
r_symmetry_vdw_other     0.104  0.200  ? 43   'X-RAY DIFFRACTION' ? 
r_symmetry_hbond_refined 0.200  0.200  ? 26   'X-RAY DIFFRACTION' ? 
r_mcbond_it              4.393  4.000  ? 768  'X-RAY DIFFRACTION' ? 
r_mcbond_other           1.380  4.000  ? 253  'X-RAY DIFFRACTION' ? 
r_mcangle_it             4.502  6.000  ? 977  'X-RAY DIFFRACTION' ? 
r_scbond_it              5.124  4.000  ? 364  'X-RAY DIFFRACTION' ? 
r_scangle_it             7.487  6.000  ? 289  'X-RAY DIFFRACTION' ? 
# 
_refine_ls_shell.pdbx_total_number_of_bins_used   20 
_refine_ls_shell.d_res_high                       1.850 
_refine_ls_shell.d_res_low                        1.898 
_refine_ls_shell.number_reflns_R_work             709 
_refine_ls_shell.R_factor_R_work                  0.196 
_refine_ls_shell.percent_reflns_obs               99.33 
_refine_ls_shell.R_factor_R_free                  0.247 
_refine_ls_shell.R_factor_R_free_error            ? 
_refine_ls_shell.percent_reflns_R_free            ? 
_refine_ls_shell.number_reflns_R_free             32 
_refine_ls_shell.number_reflns_obs                ? 
_refine_ls_shell.redundancy_reflns_obs            ? 
_refine_ls_shell.number_reflns_all                ? 
_refine_ls_shell.R_factor_all                     ? 
_refine_ls_shell.pdbx_refine_id                   'X-RAY DIFFRACTION' 
_refine_ls_shell.R_factor_obs                     ? 
# 
_struct.entry_id                  2AAN 
_struct.title                     
;Auracyanin A: A "blue" copper protein from the green thermophilic photosynthetic bacterium,chloroflexus aurantiacus
;
_struct.pdbx_model_details        ? 
_struct.pdbx_CASP_flag            ? 
_struct.pdbx_model_type_details   ? 
# 
_struct_keywords.entry_id        2AAN 
_struct_keywords.pdbx_keywords   'ELECTRON TRANSPORT' 
_struct_keywords.text            'CUPREDOXIN fold, ELECTRON TRANSPORT' 
# 
loop_
_struct_asym.id 
_struct_asym.pdbx_blank_PDB_chainid_flag 
_struct_asym.pdbx_modified 
_struct_asym.entity_id 
_struct_asym.details 
A N N 1 ? 
B N N 2 ? 
C N N 3 ? 
D N N 3 ? 
E N N 4 ? 
# 
_struct_ref.id                         1 
_struct_ref.db_name                    UNP 
_struct_ref.db_code                    Q8RMH6_CHLAU 
_struct_ref.pdbx_db_accession          Q8RMH6 
_struct_ref.entity_id                  1 
_struct_ref.pdbx_align_begin           24 
_struct_ref.pdbx_db_isoform            ? 
_struct_ref.pdbx_seq_one_letter_code   ? 
# 
_struct_ref_seq.align_id                      1 
_struct_ref_seq.ref_id                        1 
_struct_ref_seq.pdbx_PDB_id_code              2AAN 
_struct_ref_seq.pdbx_strand_id                A 
_struct_ref_seq.seq_align_beg                 1 
_struct_ref_seq.pdbx_seq_align_beg_ins_code   ? 
_struct_ref_seq.seq_align_end                 139 
_struct_ref_seq.pdbx_seq_align_end_ins_code   ? 
_struct_ref_seq.pdbx_db_accession             Q8RMH6 
_struct_ref_seq.db_align_beg                  24 
_struct_ref_seq.pdbx_db_align_beg_ins_code    ? 
_struct_ref_seq.db_align_end                  162 
_struct_ref_seq.pdbx_db_align_end_ins_code    ? 
_struct_ref_seq.pdbx_auth_seq_align_beg       1 
_struct_ref_seq.pdbx_auth_seq_align_end       139 
# 
loop_
_pdbx_struct_assembly.id 
_pdbx_struct_assembly.details 
_pdbx_struct_assembly.method_details 
_pdbx_struct_assembly.oligomeric_details 
_pdbx_struct_assembly.oligomeric_count 
1 author_and_software_defined_assembly PQS  monomeric 1 
2 software_defined_assembly            PISA dimeric   2 
# 
loop_
_pdbx_struct_assembly_prop.biol_id 
_pdbx_struct_assembly_prop.type 
_pdbx_struct_assembly_prop.value 
_pdbx_struct_assembly_prop.details 
2 'ABSA (A^2)' 1580  ? 
2 MORE         -53   ? 
2 'SSA (A^2)'  10580 ? 
# 
loop_
_pdbx_struct_assembly_gen.assembly_id 
_pdbx_struct_assembly_gen.oper_expression 
_pdbx_struct_assembly_gen.asym_id_list 
1 1   A,B,C,D,E 
2 1,2 A,B,C,D,E 
# 
loop_
_pdbx_struct_oper_list.id 
_pdbx_struct_oper_list.type 
_pdbx_struct_oper_list.name 
_pdbx_struct_oper_list.symmetry_operation 
_pdbx_struct_oper_list.matrix[1][1] 
_pdbx_struct_oper_list.matrix[1][2] 
_pdbx_struct_oper_list.matrix[1][3] 
_pdbx_struct_oper_list.vector[1] 
_pdbx_struct_oper_list.matrix[2][1] 
_pdbx_struct_oper_list.matrix[2][2] 
_pdbx_struct_oper_list.matrix[2][3] 
_pdbx_struct_oper_list.vector[2] 
_pdbx_struct_oper_list.matrix[3][1] 
_pdbx_struct_oper_list.matrix[3][2] 
_pdbx_struct_oper_list.matrix[3][3] 
_pdbx_struct_oper_list.vector[3] 
1 'identity operation'         1_555 x,y,z            1.0000000000 0.0000000000  0.0000000000 0.0000000000   0.0000000000  1.0000000000  0.0000000000  0.0000000000   0.0000000000 0.0000000000  1.0000000000  0.0000000000  
2 'crystal symmetry operation' 8_665 -y+1,-x+1,-z+1/2 0.5495995876 -0.4070853449 0.7295353420 -11.1839579488 -0.4070853449 -0.8930572263 -0.1916515393 -14.7938680389 0.7295353420 -0.1916515393 -0.6565423613 15.5006743345 
# 
loop_
_struct_conf.conf_type_id 
_struct_conf.id 
_struct_conf.pdbx_PDB_helix_id 
_struct_conf.beg_label_comp_id 
_struct_conf.beg_label_asym_id 
_struct_conf.beg_label_seq_id 
_struct_conf.pdbx_beg_PDB_ins_code 
_struct_conf.end_label_comp_id 
_struct_conf.end_label_asym_id 
_struct_conf.end_label_seq_id 
_struct_conf.pdbx_end_PDB_ins_code 
_struct_conf.beg_auth_comp_id 
_struct_conf.beg_auth_asym_id 
_struct_conf.beg_auth_seq_id 
_struct_conf.end_auth_comp_id 
_struct_conf.end_auth_asym_id 
_struct_conf.end_auth_seq_id 
_struct_conf.pdbx_PDB_helix_class 
_struct_conf.details 
_struct_conf.pdbx_PDB_helix_length 
HELX_P HELX_P1 1 GLY A 66 ? GLY A 81 ? GLY A 66 GLY A 81 1 ? 16 
HELX_P HELX_P2 2 PRO A 82 ? ASN A 85 ? PRO A 82 ASN A 85 5 ? 4  
# 
_struct_conf_type.id          HELX_P 
_struct_conf_type.criteria    ? 
_struct_conf_type.reference   ? 
# 
loop_
_struct_conn.id 
_struct_conn.conn_type_id 
_struct_conn.pdbx_leaving_atom_flag 
_struct_conn.pdbx_PDB_id 
_struct_conn.ptnr1_label_asym_id 
_struct_conn.ptnr1_label_comp_id 
_struct_conn.ptnr1_label_seq_id 
_struct_conn.ptnr1_label_atom_id 
_struct_conn.pdbx_ptnr1_label_alt_id 
_struct_conn.pdbx_ptnr1_PDB_ins_code 
_struct_conn.pdbx_ptnr1_standard_comp_id 
_struct_conn.ptnr1_symmetry 
_struct_conn.ptnr2_label_asym_id 
_struct_conn.ptnr2_label_comp_id 
_struct_conn.ptnr2_label_seq_id 
_struct_conn.ptnr2_label_atom_id 
_struct_conn.pdbx_ptnr2_label_alt_id 
_struct_conn.pdbx_ptnr2_PDB_ins_code 
_struct_conn.ptnr1_auth_asym_id 
_struct_conn.ptnr1_auth_comp_id 
_struct_conn.ptnr1_auth_seq_id 
_struct_conn.ptnr2_auth_asym_id 
_struct_conn.ptnr2_auth_comp_id 
_struct_conn.ptnr2_auth_seq_id 
_struct_conn.ptnr2_symmetry 
_struct_conn.pdbx_ptnr3_label_atom_id 
_struct_conn.pdbx_ptnr3_label_seq_id 
_struct_conn.pdbx_ptnr3_label_comp_id 
_struct_conn.pdbx_ptnr3_label_asym_id 
_struct_conn.pdbx_ptnr3_label_alt_id 
_struct_conn.pdbx_ptnr3_PDB_ins_code 
_struct_conn.details 
_struct_conn.pdbx_dist_value 
_struct_conn.pdbx_value_order 
_struct_conn.pdbx_role 
metalc1 metalc ? ? A HIS 58  ND1 ? ? ? 1_555 B CU . CU ? ? A HIS 58  A CU 140 1_555 ? ? ? ? ? ? ? 2.061 ? ? 
metalc2 metalc ? ? A CYS 123 SG  ? ? ? 1_555 B CU . CU ? ? A CYS 123 A CU 140 1_555 ? ? ? ? ? ? ? 2.219 ? ? 
metalc3 metalc ? ? A HIS 128 ND1 ? ? ? 1_555 B CU . CU ? ? A HIS 128 A CU 140 1_555 ? ? ? ? ? ? ? 2.088 ? ? 
metalc4 metalc ? ? A MET 132 SD  ? ? ? 1_555 B CU . CU ? ? A MET 132 A CU 140 1_555 ? ? ? ? ? ? ? 2.904 ? ? 
# 
_struct_conn_type.id          metalc 
_struct_conn_type.criteria    ? 
_struct_conn_type.reference   ? 
# 
loop_
_pdbx_struct_conn_angle.id 
_pdbx_struct_conn_angle.ptnr1_label_atom_id 
_pdbx_struct_conn_angle.ptnr1_label_alt_id 
_pdbx_struct_conn_angle.ptnr1_label_asym_id 
_pdbx_struct_conn_angle.ptnr1_label_comp_id 
_pdbx_struct_conn_angle.ptnr1_label_seq_id 
_pdbx_struct_conn_angle.ptnr1_auth_atom_id 
_pdbx_struct_conn_angle.ptnr1_auth_asym_id 
_pdbx_struct_conn_angle.ptnr1_auth_comp_id 
_pdbx_struct_conn_angle.ptnr1_auth_seq_id 
_pdbx_struct_conn_angle.ptnr1_PDB_ins_code 
_pdbx_struct_conn_angle.ptnr1_symmetry 
_pdbx_struct_conn_angle.ptnr2_label_atom_id 
_pdbx_struct_conn_angle.ptnr2_label_alt_id 
_pdbx_struct_conn_angle.ptnr2_label_asym_id 
_pdbx_struct_conn_angle.ptnr2_label_comp_id 
_pdbx_struct_conn_angle.ptnr2_label_seq_id 
_pdbx_struct_conn_angle.ptnr2_auth_atom_id 
_pdbx_struct_conn_angle.ptnr2_auth_asym_id 
_pdbx_struct_conn_angle.ptnr2_auth_comp_id 
_pdbx_struct_conn_angle.ptnr2_auth_seq_id 
_pdbx_struct_conn_angle.ptnr2_PDB_ins_code 
_pdbx_struct_conn_angle.ptnr2_symmetry 
_pdbx_struct_conn_angle.ptnr3_label_atom_id 
_pdbx_struct_conn_angle.ptnr3_label_alt_id 
_pdbx_struct_conn_angle.ptnr3_label_asym_id 
_pdbx_struct_conn_angle.ptnr3_label_comp_id 
_pdbx_struct_conn_angle.ptnr3_label_seq_id 
_pdbx_struct_conn_angle.ptnr3_auth_atom_id 
_pdbx_struct_conn_angle.ptnr3_auth_asym_id 
_pdbx_struct_conn_angle.ptnr3_auth_comp_id 
_pdbx_struct_conn_angle.ptnr3_auth_seq_id 
_pdbx_struct_conn_angle.ptnr3_PDB_ins_code 
_pdbx_struct_conn_angle.ptnr3_symmetry 
_pdbx_struct_conn_angle.value 
_pdbx_struct_conn_angle.value_esd 
1 ND1 ? A HIS 58  ? A HIS 58  ? 1_555 CU ? B CU . ? A CU 140 ? 1_555 SG  ? A CYS 123 ? A CYS 123 ? 1_555 135.7 ? 
2 ND1 ? A HIS 58  ? A HIS 58  ? 1_555 CU ? B CU . ? A CU 140 ? 1_555 ND1 ? A HIS 128 ? A HIS 128 ? 1_555 100.5 ? 
3 SG  ? A CYS 123 ? A CYS 123 ? 1_555 CU ? B CU . ? A CU 140 ? 1_555 ND1 ? A HIS 128 ? A HIS 128 ? 1_555 119.2 ? 
4 ND1 ? A HIS 58  ? A HIS 58  ? 1_555 CU ? B CU . ? A CU 140 ? 1_555 SD  ? A MET 132 ? A MET 132 ? 1_555 79.9  ? 
5 SG  ? A CYS 123 ? A CYS 123 ? 1_555 CU ? B CU . ? A CU 140 ? 1_555 SD  ? A MET 132 ? A MET 132 ? 1_555 107.3 ? 
6 ND1 ? A HIS 128 ? A HIS 128 ? 1_555 CU ? B CU . ? A CU 140 ? 1_555 SD  ? A MET 132 ? A MET 132 ? 1_555 102.9 ? 
# 
_struct_mon_prot_cis.pdbx_id                1 
_struct_mon_prot_cis.label_comp_id          TYR 
_struct_mon_prot_cis.label_seq_id           129 
_struct_mon_prot_cis.label_asym_id          A 
_struct_mon_prot_cis.label_alt_id           . 
_struct_mon_prot_cis.pdbx_PDB_ins_code      ? 
_struct_mon_prot_cis.auth_comp_id           TYR 
_struct_mon_prot_cis.auth_seq_id            129 
_struct_mon_prot_cis.auth_asym_id           A 
_struct_mon_prot_cis.pdbx_label_comp_id_2   PRO 
_struct_mon_prot_cis.pdbx_label_seq_id_2    130 
_struct_mon_prot_cis.pdbx_label_asym_id_2   A 
_struct_mon_prot_cis.pdbx_PDB_ins_code_2    ? 
_struct_mon_prot_cis.pdbx_auth_comp_id_2    PRO 
_struct_mon_prot_cis.pdbx_auth_seq_id_2     130 
_struct_mon_prot_cis.pdbx_auth_asym_id_2    A 
_struct_mon_prot_cis.pdbx_PDB_model_num     1 
_struct_mon_prot_cis.pdbx_omega_angle       10.02 
# 
loop_
_struct_sheet.id 
_struct_sheet.type 
_struct_sheet.number_strands 
_struct_sheet.details 
A ? 3 ? 
B ? 5 ? 
# 
loop_
_struct_sheet_order.sheet_id 
_struct_sheet_order.range_id_1 
_struct_sheet_order.range_id_2 
_struct_sheet_order.offset 
_struct_sheet_order.sense 
A 1 2 ? parallel      
A 2 3 ? anti-parallel 
B 1 2 ? parallel      
B 2 3 ? anti-parallel 
B 3 4 ? anti-parallel 
B 4 5 ? anti-parallel 
# 
loop_
_struct_sheet_range.sheet_id 
_struct_sheet_range.id 
_struct_sheet_range.beg_label_comp_id 
_struct_sheet_range.beg_label_asym_id 
_struct_sheet_range.beg_label_seq_id 
_struct_sheet_range.pdbx_beg_PDB_ins_code 
_struct_sheet_range.end_label_comp_id 
_struct_sheet_range.end_label_asym_id 
_struct_sheet_range.end_label_seq_id 
_struct_sheet_range.pdbx_end_PDB_ins_code 
_struct_sheet_range.beg_auth_comp_id 
_struct_sheet_range.beg_auth_asym_id 
_struct_sheet_range.beg_auth_seq_id 
_struct_sheet_range.end_auth_comp_id 
_struct_sheet_range.end_auth_asym_id 
_struct_sheet_range.end_auth_seq_id 
A 1 VAL A 19  ? GLY A 24  ? VAL A 19  GLY A 24  
A 2 THR A 44  ? LYS A 50  ? THR A 44  LYS A 50  
A 3 THR A 106 ? THR A 112 ? THR A 106 THR A 112 
B 1 GLU A 36  ? SER A 40  ? GLU A 36  SER A 40  
B 2 GLN A 133 ? ASN A 139 ? GLN A 133 ASN A 139 
B 3 GLY A 117 ? ILE A 122 ? GLY A 117 ILE A 122 
B 4 ILE A 61  ? VAL A 63  ? ILE A 61  VAL A 63  
B 5 ILE A 94  ? GLU A 97  ? ILE A 94  GLU A 97  
# 
loop_
_pdbx_struct_sheet_hbond.sheet_id 
_pdbx_struct_sheet_hbond.range_id_1 
_pdbx_struct_sheet_hbond.range_id_2 
_pdbx_struct_sheet_hbond.range_1_label_atom_id 
_pdbx_struct_sheet_hbond.range_1_label_comp_id 
_pdbx_struct_sheet_hbond.range_1_label_asym_id 
_pdbx_struct_sheet_hbond.range_1_label_seq_id 
_pdbx_struct_sheet_hbond.range_1_PDB_ins_code 
_pdbx_struct_sheet_hbond.range_1_auth_atom_id 
_pdbx_struct_sheet_hbond.range_1_auth_comp_id 
_pdbx_struct_sheet_hbond.range_1_auth_asym_id 
_pdbx_struct_sheet_hbond.range_1_auth_seq_id 
_pdbx_struct_sheet_hbond.range_2_label_atom_id 
_pdbx_struct_sheet_hbond.range_2_label_comp_id 
_pdbx_struct_sheet_hbond.range_2_label_asym_id 
_pdbx_struct_sheet_hbond.range_2_label_seq_id 
_pdbx_struct_sheet_hbond.range_2_PDB_ins_code 
_pdbx_struct_sheet_hbond.range_2_auth_atom_id 
_pdbx_struct_sheet_hbond.range_2_auth_comp_id 
_pdbx_struct_sheet_hbond.range_2_auth_asym_id 
_pdbx_struct_sheet_hbond.range_2_auth_seq_id 
A 1 2 N ILE A 21  ? N ILE A 21  O THR A 46  ? O THR A 46  
A 2 3 N ILE A 47  ? N ILE A 47  O VAL A 109 ? O VAL A 109 
B 1 2 N LEU A 37  ? N LEU A 37  O VAL A 137 ? O VAL A 137 
B 2 3 O VAL A 138 ? O VAL A 138 N GLY A 117 ? N GLY A 117 
B 3 4 O ILE A 122 ? O ILE A 122 N ILE A 61  ? N ILE A 61  
B 4 5 N LEU A 62  ? N LEU A 62  O ILE A 95  ? O ILE A 95  
# 
loop_
_struct_site.id 
_struct_site.pdbx_evidence_code 
_struct_site.pdbx_auth_asym_id 
_struct_site.pdbx_auth_comp_id 
_struct_site.pdbx_auth_seq_id 
_struct_site.pdbx_auth_ins_code 
_struct_site.pdbx_num_residues 
_struct_site.details 
AC1 Software A CU  140 ? 5 'BINDING SITE FOR RESIDUE CU A 140'  
AC2 Software A SO4 143 ? 7 'BINDING SITE FOR RESIDUE SO4 A 143' 
AC3 Software A SO4 144 ? 8 'BINDING SITE FOR RESIDUE SO4 A 144' 
# 
loop_
_struct_site_gen.id 
_struct_site_gen.site_id 
_struct_site_gen.pdbx_num_res 
_struct_site_gen.label_comp_id 
_struct_site_gen.label_asym_id 
_struct_site_gen.label_seq_id 
_struct_site_gen.pdbx_auth_ins_code 
_struct_site_gen.auth_comp_id 
_struct_site_gen.auth_asym_id 
_struct_site_gen.auth_seq_id 
_struct_site_gen.label_atom_id 
_struct_site_gen.label_alt_id 
_struct_site_gen.symmetry 
_struct_site_gen.details 
1  AC1 5 GLN A 57  ? GLN A 57  . ? 1_555 ? 
2  AC1 5 HIS A 58  ? HIS A 58  . ? 1_555 ? 
3  AC1 5 CYS A 123 ? CYS A 123 . ? 1_555 ? 
4  AC1 5 HIS A 128 ? HIS A 128 . ? 1_555 ? 
5  AC1 5 MET A 132 ? MET A 132 . ? 1_555 ? 
6  AC2 7 ALA A 89  ? ALA A 89  . ? 1_555 ? 
7  AC2 7 VAL A 109 ? VAL A 109 . ? 8_665 ? 
8  AC2 7 THR A 110 ? THR A 110 . ? 8_665 ? 
9  AC2 7 HOH E .   ? HOH A 148 . ? 1_555 ? 
10 AC2 7 HOH E .   ? HOH A 156 . ? 8_665 ? 
11 AC2 7 HOH E .   ? HOH A 178 . ? 8_665 ? 
12 AC2 7 HOH E .   ? HOH A 199 . ? 8_665 ? 
13 AC3 8 PRO A 82  ? PRO A 82  . ? 4_454 ? 
14 AC3 8 LEU A 100 ? LEU A 100 . ? 4_454 ? 
15 AC3 8 ASN A 102 ? ASN A 102 . ? 4_454 ? 
16 AC3 8 THR A 118 ? THR A 118 . ? 1_555 ? 
17 AC3 8 LYS A 135 ? LYS A 135 . ? 1_555 ? 
18 AC3 8 HOH E .   ? HOH A 204 . ? 1_555 ? 
19 AC3 8 HOH E .   ? HOH A 226 . ? 4_454 ? 
20 AC3 8 HOH E .   ? HOH A 236 . ? 1_555 ? 
# 
_pdbx_validate_rmsd_angle.id                         1 
_pdbx_validate_rmsd_angle.PDB_model_num              1 
_pdbx_validate_rmsd_angle.auth_atom_id_1             CB 
_pdbx_validate_rmsd_angle.auth_asym_id_1             A 
_pdbx_validate_rmsd_angle.auth_comp_id_1             ASP 
_pdbx_validate_rmsd_angle.auth_seq_id_1              33 
_pdbx_validate_rmsd_angle.PDB_ins_code_1             ? 
_pdbx_validate_rmsd_angle.label_alt_id_1             ? 
_pdbx_validate_rmsd_angle.auth_atom_id_2             CG 
_pdbx_validate_rmsd_angle.auth_asym_id_2             A 
_pdbx_validate_rmsd_angle.auth_comp_id_2             ASP 
_pdbx_validate_rmsd_angle.auth_seq_id_2              33 
_pdbx_validate_rmsd_angle.PDB_ins_code_2             ? 
_pdbx_validate_rmsd_angle.label_alt_id_2             ? 
_pdbx_validate_rmsd_angle.auth_atom_id_3             OD1 
_pdbx_validate_rmsd_angle.auth_asym_id_3             A 
_pdbx_validate_rmsd_angle.auth_comp_id_3             ASP 
_pdbx_validate_rmsd_angle.auth_seq_id_3              33 
_pdbx_validate_rmsd_angle.PDB_ins_code_3             ? 
_pdbx_validate_rmsd_angle.label_alt_id_3             ? 
_pdbx_validate_rmsd_angle.angle_value                124.11 
_pdbx_validate_rmsd_angle.angle_target_value         118.30 
_pdbx_validate_rmsd_angle.angle_deviation            5.81 
_pdbx_validate_rmsd_angle.angle_standard_deviation   0.90 
_pdbx_validate_rmsd_angle.linker_flag                N 
# 
loop_
_pdbx_validate_torsion.id 
_pdbx_validate_torsion.PDB_model_num 
_pdbx_validate_torsion.auth_comp_id 
_pdbx_validate_torsion.auth_asym_id 
_pdbx_validate_torsion.auth_seq_id 
_pdbx_validate_torsion.PDB_ins_code 
_pdbx_validate_torsion.label_alt_id 
_pdbx_validate_torsion.phi 
_pdbx_validate_torsion.psi 
1 1 ASN A 104 ? ? 59.40  16.18   
2 1 PRO A 114 ? ? -69.70 -170.28 
# 
_pdbx_struct_special_symmetry.id              1 
_pdbx_struct_special_symmetry.PDB_model_num   1 
_pdbx_struct_special_symmetry.auth_asym_id    A 
_pdbx_struct_special_symmetry.auth_comp_id    HOH 
_pdbx_struct_special_symmetry.auth_seq_id     149 
_pdbx_struct_special_symmetry.PDB_ins_code    ? 
_pdbx_struct_special_symmetry.label_asym_id   E 
_pdbx_struct_special_symmetry.label_comp_id   HOH 
_pdbx_struct_special_symmetry.label_seq_id    . 
# 
_pdbx_refine_tls.id               1 
_pdbx_refine_tls.details          ? 
_pdbx_refine_tls.method           refined 
_pdbx_refine_tls.origin_x         0.1751 
_pdbx_refine_tls.origin_y         0.3528 
_pdbx_refine_tls.origin_z         -0.0787 
_pdbx_refine_tls.T[1][1]          -0.0128 
_pdbx_refine_tls.T[2][2]          -0.0013 
_pdbx_refine_tls.T[3][3]          -0.0406 
_pdbx_refine_tls.T[1][2]          -0.0152 
_pdbx_refine_tls.T[1][3]          0.0083 
_pdbx_refine_tls.T[2][3]          0.0033 
_pdbx_refine_tls.L[1][1]          0.5184 
_pdbx_refine_tls.L[2][2]          0.7744 
_pdbx_refine_tls.L[3][3]          0.7156 
_pdbx_refine_tls.L[1][2]          0.3191 
_pdbx_refine_tls.L[1][3]          -0.0688 
_pdbx_refine_tls.L[2][3]          -0.0272 
_pdbx_refine_tls.S[1][1]          0.0511 
_pdbx_refine_tls.S[1][2]          -0.0899 
_pdbx_refine_tls.S[1][3]          -0.0231 
_pdbx_refine_tls.S[2][1]          0.0383 
_pdbx_refine_tls.S[2][2]          -0.0619 
_pdbx_refine_tls.S[2][3]          0.0379 
_pdbx_refine_tls.S[3][1]          0.0145 
_pdbx_refine_tls.S[3][2]          0.0280 
_pdbx_refine_tls.S[3][3]          0.0107 
_pdbx_refine_tls.pdbx_refine_id   'X-RAY DIFFRACTION' 
# 
_pdbx_refine_tls_group.id                  1 
_pdbx_refine_tls_group.refine_tls_id       1 
_pdbx_refine_tls_group.beg_auth_asym_id    A 
_pdbx_refine_tls_group.beg_auth_seq_id     17 
_pdbx_refine_tls_group.beg_label_asym_id   A 
_pdbx_refine_tls_group.beg_label_seq_id    17 
_pdbx_refine_tls_group.end_auth_asym_id    A 
_pdbx_refine_tls_group.end_auth_seq_id     139 
_pdbx_refine_tls_group.end_label_asym_id   A 
_pdbx_refine_tls_group.end_label_seq_id    139 
_pdbx_refine_tls_group.selection           ? 
_pdbx_refine_tls_group.pdbx_refine_id      'X-RAY DIFFRACTION' 
_pdbx_refine_tls_group.selection_details   ? 
# 
loop_
_pdbx_unobs_or_zero_occ_residues.id 
_pdbx_unobs_or_zero_occ_residues.PDB_model_num 
_pdbx_unobs_or_zero_occ_residues.polymer_flag 
_pdbx_unobs_or_zero_occ_residues.occupancy_flag 
_pdbx_unobs_or_zero_occ_residues.auth_asym_id 
_pdbx_unobs_or_zero_occ_residues.auth_comp_id 
_pdbx_unobs_or_zero_occ_residues.auth_seq_id 
_pdbx_unobs_or_zero_occ_residues.PDB_ins_code 
_pdbx_unobs_or_zero_occ_residues.label_asym_id 
_pdbx_unobs_or_zero_occ_residues.label_comp_id 
_pdbx_unobs_or_zero_occ_residues.label_seq_id 
1  1 Y 1 A GLY 1  ? A GLY 1  
2  1 Y 1 A GLY 2  ? A GLY 2  
3  1 Y 1 A GLY 3  ? A GLY 3  
4  1 Y 1 A GLY 4  ? A GLY 4  
5  1 Y 1 A SER 5  ? A SER 5  
6  1 Y 1 A SER 6  ? A SER 6  
7  1 Y 1 A GLY 7  ? A GLY 7  
8  1 Y 1 A GLY 8  ? A GLY 8  
9  1 Y 1 A SER 9  ? A SER 9  
10 1 Y 1 A THR 10 ? A THR 10 
11 1 Y 1 A GLY 11 ? A GLY 11 
12 1 Y 1 A GLY 12 ? A GLY 12 
13 1 Y 1 A GLY 13 ? A GLY 13 
14 1 Y 1 A SER 14 ? A SER 14 
15 1 Y 1 A GLY 15 ? A GLY 15 
16 1 Y 1 A SER 16 ? A SER 16 
# 
loop_
_chem_comp_atom.comp_id 
_chem_comp_atom.atom_id 
_chem_comp_atom.type_symbol 
_chem_comp_atom.pdbx_aromatic_flag 
_chem_comp_atom.pdbx_stereo_config 
_chem_comp_atom.pdbx_ordinal 
ALA N    N  N N 1   
ALA CA   C  N S 2   
ALA C    C  N N 3   
ALA O    O  N N 4   
ALA CB   C  N N 5   
ALA OXT  O  N N 6   
ALA H    H  N N 7   
ALA H2   H  N N 8   
ALA HA   H  N N 9   
ALA HB1  H  N N 10  
ALA HB2  H  N N 11  
ALA HB3  H  N N 12  
ALA HXT  H  N N 13  
ARG N    N  N N 14  
ARG CA   C  N S 15  
ARG C    C  N N 16  
ARG O    O  N N 17  
ARG CB   C  N N 18  
ARG CG   C  N N 19  
ARG CD   C  N N 20  
ARG NE   N  N N 21  
ARG CZ   C  N N 22  
ARG NH1  N  N N 23  
ARG NH2  N  N N 24  
ARG OXT  O  N N 25  
ARG H    H  N N 26  
ARG H2   H  N N 27  
ARG HA   H  N N 28  
ARG HB2  H  N N 29  
ARG HB3  H  N N 30  
ARG HG2  H  N N 31  
ARG HG3  H  N N 32  
ARG HD2  H  N N 33  
ARG HD3  H  N N 34  
ARG HE   H  N N 35  
ARG HH11 H  N N 36  
ARG HH12 H  N N 37  
ARG HH21 H  N N 38  
ARG HH22 H  N N 39  
ARG HXT  H  N N 40  
ASN N    N  N N 41  
ASN CA   C  N S 42  
ASN C    C  N N 43  
ASN O    O  N N 44  
ASN CB   C  N N 45  
ASN CG   C  N N 46  
ASN OD1  O  N N 47  
ASN ND2  N  N N 48  
ASN OXT  O  N N 49  
ASN H    H  N N 50  
ASN H2   H  N N 51  
ASN HA   H  N N 52  
ASN HB2  H  N N 53  
ASN HB3  H  N N 54  
ASN HD21 H  N N 55  
ASN HD22 H  N N 56  
ASN HXT  H  N N 57  
ASP N    N  N N 58  
ASP CA   C  N S 59  
ASP C    C  N N 60  
ASP O    O  N N 61  
ASP CB   C  N N 62  
ASP CG   C  N N 63  
ASP OD1  O  N N 64  
ASP OD2  O  N N 65  
ASP OXT  O  N N 66  
ASP H    H  N N 67  
ASP H2   H  N N 68  
ASP HA   H  N N 69  
ASP HB2  H  N N 70  
ASP HB3  H  N N 71  
ASP HD2  H  N N 72  
ASP HXT  H  N N 73  
CU  CU   CU N N 74  
CYS N    N  N N 75  
CYS CA   C  N R 76  
CYS C    C  N N 77  
CYS O    O  N N 78  
CYS CB   C  N N 79  
CYS SG   S  N N 80  
CYS OXT  O  N N 81  
CYS H    H  N N 82  
CYS H2   H  N N 83  
CYS HA   H  N N 84  
CYS HB2  H  N N 85  
CYS HB3  H  N N 86  
CYS HG   H  N N 87  
CYS HXT  H  N N 88  
GLN N    N  N N 89  
GLN CA   C  N S 90  
GLN C    C  N N 91  
GLN O    O  N N 92  
GLN CB   C  N N 93  
GLN CG   C  N N 94  
GLN CD   C  N N 95  
GLN OE1  O  N N 96  
GLN NE2  N  N N 97  
GLN OXT  O  N N 98  
GLN H    H  N N 99  
GLN H2   H  N N 100 
GLN HA   H  N N 101 
GLN HB2  H  N N 102 
GLN HB3  H  N N 103 
GLN HG2  H  N N 104 
GLN HG3  H  N N 105 
GLN HE21 H  N N 106 
GLN HE22 H  N N 107 
GLN HXT  H  N N 108 
GLU N    N  N N 109 
GLU CA   C  N S 110 
GLU C    C  N N 111 
GLU O    O  N N 112 
GLU CB   C  N N 113 
GLU CG   C  N N 114 
GLU CD   C  N N 115 
GLU OE1  O  N N 116 
GLU OE2  O  N N 117 
GLU OXT  O  N N 118 
GLU H    H  N N 119 
GLU H2   H  N N 120 
GLU HA   H  N N 121 
GLU HB2  H  N N 122 
GLU HB3  H  N N 123 
GLU HG2  H  N N 124 
GLU HG3  H  N N 125 
GLU HE2  H  N N 126 
GLU HXT  H  N N 127 
GLY N    N  N N 128 
GLY CA   C  N N 129 
GLY C    C  N N 130 
GLY O    O  N N 131 
GLY OXT  O  N N 132 
GLY H    H  N N 133 
GLY H2   H  N N 134 
GLY HA2  H  N N 135 
GLY HA3  H  N N 136 
GLY HXT  H  N N 137 
HIS N    N  N N 138 
HIS CA   C  N S 139 
HIS C    C  N N 140 
HIS O    O  N N 141 
HIS CB   C  N N 142 
HIS CG   C  Y N 143 
HIS ND1  N  Y N 144 
HIS CD2  C  Y N 145 
HIS CE1  C  Y N 146 
HIS NE2  N  Y N 147 
HIS OXT  O  N N 148 
HIS H    H  N N 149 
HIS H2   H  N N 150 
HIS HA   H  N N 151 
HIS HB2  H  N N 152 
HIS HB3  H  N N 153 
HIS HD1  H  N N 154 
HIS HD2  H  N N 155 
HIS HE1  H  N N 156 
HIS HE2  H  N N 157 
HIS HXT  H  N N 158 
HOH O    O  N N 159 
HOH H1   H  N N 160 
HOH H2   H  N N 161 
ILE N    N  N N 162 
ILE CA   C  N S 163 
ILE C    C  N N 164 
ILE O    O  N N 165 
ILE CB   C  N S 166 
ILE CG1  C  N N 167 
ILE CG2  C  N N 168 
ILE CD1  C  N N 169 
ILE OXT  O  N N 170 
ILE H    H  N N 171 
ILE H2   H  N N 172 
ILE HA   H  N N 173 
ILE HB   H  N N 174 
ILE HG12 H  N N 175 
ILE HG13 H  N N 176 
ILE HG21 H  N N 177 
ILE HG22 H  N N 178 
ILE HG23 H  N N 179 
ILE HD11 H  N N 180 
ILE HD12 H  N N 181 
ILE HD13 H  N N 182 
ILE HXT  H  N N 183 
LEU N    N  N N 184 
LEU CA   C  N S 185 
LEU C    C  N N 186 
LEU O    O  N N 187 
LEU CB   C  N N 188 
LEU CG   C  N N 189 
LEU CD1  C  N N 190 
LEU CD2  C  N N 191 
LEU OXT  O  N N 192 
LEU H    H  N N 193 
LEU H2   H  N N 194 
LEU HA   H  N N 195 
LEU HB2  H  N N 196 
LEU HB3  H  N N 197 
LEU HG   H  N N 198 
LEU HD11 H  N N 199 
LEU HD12 H  N N 200 
LEU HD13 H  N N 201 
LEU HD21 H  N N 202 
LEU HD22 H  N N 203 
LEU HD23 H  N N 204 
LEU HXT  H  N N 205 
LYS N    N  N N 206 
LYS CA   C  N S 207 
LYS C    C  N N 208 
LYS O    O  N N 209 
LYS CB   C  N N 210 
LYS CG   C  N N 211 
LYS CD   C  N N 212 
LYS CE   C  N N 213 
LYS NZ   N  N N 214 
LYS OXT  O  N N 215 
LYS H    H  N N 216 
LYS H2   H  N N 217 
LYS HA   H  N N 218 
LYS HB2  H  N N 219 
LYS HB3  H  N N 220 
LYS HG2  H  N N 221 
LYS HG3  H  N N 222 
LYS HD2  H  N N 223 
LYS HD3  H  N N 224 
LYS HE2  H  N N 225 
LYS HE3  H  N N 226 
LYS HZ1  H  N N 227 
LYS HZ2  H  N N 228 
LYS HZ3  H  N N 229 
LYS HXT  H  N N 230 
MET N    N  N N 231 
MET CA   C  N S 232 
MET C    C  N N 233 
MET O    O  N N 234 
MET CB   C  N N 235 
MET CG   C  N N 236 
MET SD   S  N N 237 
MET CE   C  N N 238 
MET OXT  O  N N 239 
MET H    H  N N 240 
MET H2   H  N N 241 
MET HA   H  N N 242 
MET HB2  H  N N 243 
MET HB3  H  N N 244 
MET HG2  H  N N 245 
MET HG3  H  N N 246 
MET HE1  H  N N 247 
MET HE2  H  N N 248 
MET HE3  H  N N 249 
MET HXT  H  N N 250 
PHE N    N  N N 251 
PHE CA   C  N S 252 
PHE C    C  N N 253 
PHE O    O  N N 254 
PHE CB   C  N N 255 
PHE CG   C  Y N 256 
PHE CD1  C  Y N 257 
PHE CD2  C  Y N 258 
PHE CE1  C  Y N 259 
PHE CE2  C  Y N 260 
PHE CZ   C  Y N 261 
PHE OXT  O  N N 262 
PHE H    H  N N 263 
PHE H2   H  N N 264 
PHE HA   H  N N 265 
PHE HB2  H  N N 266 
PHE HB3  H  N N 267 
PHE HD1  H  N N 268 
PHE HD2  H  N N 269 
PHE HE1  H  N N 270 
PHE HE2  H  N N 271 
PHE HZ   H  N N 272 
PHE HXT  H  N N 273 
PRO N    N  N N 274 
PRO CA   C  N S 275 
PRO C    C  N N 276 
PRO O    O  N N 277 
PRO CB   C  N N 278 
PRO CG   C  N N 279 
PRO CD   C  N N 280 
PRO OXT  O  N N 281 
PRO H    H  N N 282 
PRO HA   H  N N 283 
PRO HB2  H  N N 284 
PRO HB3  H  N N 285 
PRO HG2  H  N N 286 
PRO HG3  H  N N 287 
PRO HD2  H  N N 288 
PRO HD3  H  N N 289 
PRO HXT  H  N N 290 
SER N    N  N N 291 
SER CA   C  N S 292 
SER C    C  N N 293 
SER O    O  N N 294 
SER CB   C  N N 295 
SER OG   O  N N 296 
SER OXT  O  N N 297 
SER H    H  N N 298 
SER H2   H  N N 299 
SER HA   H  N N 300 
SER HB2  H  N N 301 
SER HB3  H  N N 302 
SER HG   H  N N 303 
SER HXT  H  N N 304 
SO4 S    S  N N 305 
SO4 O1   O  N N 306 
SO4 O2   O  N N 307 
SO4 O3   O  N N 308 
SO4 O4   O  N N 309 
THR N    N  N N 310 
THR CA   C  N S 311 
THR C    C  N N 312 
THR O    O  N N 313 
THR CB   C  N R 314 
THR OG1  O  N N 315 
THR CG2  C  N N 316 
THR OXT  O  N N 317 
THR H    H  N N 318 
THR H2   H  N N 319 
THR HA   H  N N 320 
THR HB   H  N N 321 
THR HG1  H  N N 322 
THR HG21 H  N N 323 
THR HG22 H  N N 324 
THR HG23 H  N N 325 
THR HXT  H  N N 326 
TRP N    N  N N 327 
TRP CA   C  N S 328 
TRP C    C  N N 329 
TRP O    O  N N 330 
TRP CB   C  N N 331 
TRP CG   C  Y N 332 
TRP CD1  C  Y N 333 
TRP CD2  C  Y N 334 
TRP NE1  N  Y N 335 
TRP CE2  C  Y N 336 
TRP CE3  C  Y N 337 
TRP CZ2  C  Y N 338 
TRP CZ3  C  Y N 339 
TRP CH2  C  Y N 340 
TRP OXT  O  N N 341 
TRP H    H  N N 342 
TRP H2   H  N N 343 
TRP HA   H  N N 344 
TRP HB2  H  N N 345 
TRP HB3  H  N N 346 
TRP HD1  H  N N 347 
TRP HE1  H  N N 348 
TRP HE3  H  N N 349 
TRP HZ2  H  N N 350 
TRP HZ3  H  N N 351 
TRP HH2  H  N N 352 
TRP HXT  H  N N 353 
TYR N    N  N N 354 
TYR CA   C  N S 355 
TYR C    C  N N 356 
TYR O    O  N N 357 
TYR CB   C  N N 358 
TYR CG   C  Y N 359 
TYR CD1  C  Y N 360 
TYR CD2  C  Y N 361 
TYR CE1  C  Y N 362 
TYR CE2  C  Y N 363 
TYR CZ   C  Y N 364 
TYR OH   O  N N 365 
TYR OXT  O  N N 366 
TYR H    H  N N 367 
TYR H2   H  N N 368 
TYR HA   H  N N 369 
TYR HB2  H  N N 370 
TYR HB3  H  N N 371 
TYR HD1  H  N N 372 
TYR HD2  H  N N 373 
TYR HE1  H  N N 374 
TYR HE2  H  N N 375 
TYR HH   H  N N 376 
TYR HXT  H  N N 377 
VAL N    N  N N 378 
VAL CA   C  N S 379 
VAL C    C  N N 380 
VAL O    O  N N 381 
VAL CB   C  N N 382 
VAL CG1  C  N N 383 
VAL CG2  C  N N 384 
VAL OXT  O  N N 385 
VAL H    H  N N 386 
VAL H2   H  N N 387 
VAL HA   H  N N 388 
VAL HB   H  N N 389 
VAL HG11 H  N N 390 
VAL HG12 H  N N 391 
VAL HG13 H  N N 392 
VAL HG21 H  N N 393 
VAL HG22 H  N N 394 
VAL HG23 H  N N 395 
VAL HXT  H  N N 396 
# 
loop_
_chem_comp_bond.comp_id 
_chem_comp_bond.atom_id_1 
_chem_comp_bond.atom_id_2 
_chem_comp_bond.value_order 
_chem_comp_bond.pdbx_aromatic_flag 
_chem_comp_bond.pdbx_stereo_config 
_chem_comp_bond.pdbx_ordinal 
ALA N   CA   sing N N 1   
ALA N   H    sing N N 2   
ALA N   H2   sing N N 3   
ALA CA  C    sing N N 4   
ALA CA  CB   sing N N 5   
ALA CA  HA   sing N N 6   
ALA C   O    doub N N 7   
ALA C   OXT  sing N N 8   
ALA CB  HB1  sing N N 9   
ALA CB  HB2  sing N N 10  
ALA CB  HB3  sing N N 11  
ALA OXT HXT  sing N N 12  
ARG N   CA   sing N N 13  
ARG N   H    sing N N 14  
ARG N   H2   sing N N 15  
ARG CA  C    sing N N 16  
ARG CA  CB   sing N N 17  
ARG CA  HA   sing N N 18  
ARG C   O    doub N N 19  
ARG C   OXT  sing N N 20  
ARG CB  CG   sing N N 21  
ARG CB  HB2  sing N N 22  
ARG CB  HB3  sing N N 23  
ARG CG  CD   sing N N 24  
ARG CG  HG2  sing N N 25  
ARG CG  HG3  sing N N 26  
ARG CD  NE   sing N N 27  
ARG CD  HD2  sing N N 28  
ARG CD  HD3  sing N N 29  
ARG NE  CZ   sing N N 30  
ARG NE  HE   sing N N 31  
ARG CZ  NH1  sing N N 32  
ARG CZ  NH2  doub N N 33  
ARG NH1 HH11 sing N N 34  
ARG NH1 HH12 sing N N 35  
ARG NH2 HH21 sing N N 36  
ARG NH2 HH22 sing N N 37  
ARG OXT HXT  sing N N 38  
ASN N   CA   sing N N 39  
ASN N   H    sing N N 40  
ASN N   H2   sing N N 41  
ASN CA  C    sing N N 42  
ASN CA  CB   sing N N 43  
ASN CA  HA   sing N N 44  
ASN C   O    doub N N 45  
ASN C   OXT  sing N N 46  
ASN CB  CG   sing N N 47  
ASN CB  HB2  sing N N 48  
ASN CB  HB3  sing N N 49  
ASN CG  OD1  doub N N 50  
ASN CG  ND2  sing N N 51  
ASN ND2 HD21 sing N N 52  
ASN ND2 HD22 sing N N 53  
ASN OXT HXT  sing N N 54  
ASP N   CA   sing N N 55  
ASP N   H    sing N N 56  
ASP N   H2   sing N N 57  
ASP CA  C    sing N N 58  
ASP CA  CB   sing N N 59  
ASP CA  HA   sing N N 60  
ASP C   O    doub N N 61  
ASP C   OXT  sing N N 62  
ASP CB  CG   sing N N 63  
ASP CB  HB2  sing N N 64  
ASP CB  HB3  sing N N 65  
ASP CG  OD1  doub N N 66  
ASP CG  OD2  sing N N 67  
ASP OD2 HD2  sing N N 68  
ASP OXT HXT  sing N N 69  
CYS N   CA   sing N N 70  
CYS N   H    sing N N 71  
CYS N   H2   sing N N 72  
CYS CA  C    sing N N 73  
CYS CA  CB   sing N N 74  
CYS CA  HA   sing N N 75  
CYS C   O    doub N N 76  
CYS C   OXT  sing N N 77  
CYS CB  SG   sing N N 78  
CYS CB  HB2  sing N N 79  
CYS CB  HB3  sing N N 80  
CYS SG  HG   sing N N 81  
CYS OXT HXT  sing N N 82  
GLN N   CA   sing N N 83  
GLN N   H    sing N N 84  
GLN N   H2   sing N N 85  
GLN CA  C    sing N N 86  
GLN CA  CB   sing N N 87  
GLN CA  HA   sing N N 88  
GLN C   O    doub N N 89  
GLN C   OXT  sing N N 90  
GLN CB  CG   sing N N 91  
GLN CB  HB2  sing N N 92  
GLN CB  HB3  sing N N 93  
GLN CG  CD   sing N N 94  
GLN CG  HG2  sing N N 95  
GLN CG  HG3  sing N N 96  
GLN CD  OE1  doub N N 97  
GLN CD  NE2  sing N N 98  
GLN NE2 HE21 sing N N 99  
GLN NE2 HE22 sing N N 100 
GLN OXT HXT  sing N N 101 
GLU N   CA   sing N N 102 
GLU N   H    sing N N 103 
GLU N   H2   sing N N 104 
GLU CA  C    sing N N 105 
GLU CA  CB   sing N N 106 
GLU CA  HA   sing N N 107 
GLU C   O    doub N N 108 
GLU C   OXT  sing N N 109 
GLU CB  CG   sing N N 110 
GLU CB  HB2  sing N N 111 
GLU CB  HB3  sing N N 112 
GLU CG  CD   sing N N 113 
GLU CG  HG2  sing N N 114 
GLU CG  HG3  sing N N 115 
GLU CD  OE1  doub N N 116 
GLU CD  OE2  sing N N 117 
GLU OE2 HE2  sing N N 118 
GLU OXT HXT  sing N N 119 
GLY N   CA   sing N N 120 
GLY N   H    sing N N 121 
GLY N   H2   sing N N 122 
GLY CA  C    sing N N 123 
GLY CA  HA2  sing N N 124 
GLY CA  HA3  sing N N 125 
GLY C   O    doub N N 126 
GLY C   OXT  sing N N 127 
GLY OXT HXT  sing N N 128 
HIS N   CA   sing N N 129 
HIS N   H    sing N N 130 
HIS N   H2   sing N N 131 
HIS CA  C    sing N N 132 
HIS CA  CB   sing N N 133 
HIS CA  HA   sing N N 134 
HIS C   O    doub N N 135 
HIS C   OXT  sing N N 136 
HIS CB  CG   sing N N 137 
HIS CB  HB2  sing N N 138 
HIS CB  HB3  sing N N 139 
HIS CG  ND1  sing Y N 140 
HIS CG  CD2  doub Y N 141 
HIS ND1 CE1  doub Y N 142 
HIS ND1 HD1  sing N N 143 
HIS CD2 NE2  sing Y N 144 
HIS CD2 HD2  sing N N 145 
HIS CE1 NE2  sing Y N 146 
HIS CE1 HE1  sing N N 147 
HIS NE2 HE2  sing N N 148 
HIS OXT HXT  sing N N 149 
HOH O   H1   sing N N 150 
HOH O   H2   sing N N 151 
ILE N   CA   sing N N 152 
ILE N   H    sing N N 153 
ILE N   H2   sing N N 154 
ILE CA  C    sing N N 155 
ILE CA  CB   sing N N 156 
ILE CA  HA   sing N N 157 
ILE C   O    doub N N 158 
ILE C   OXT  sing N N 159 
ILE CB  CG1  sing N N 160 
ILE CB  CG2  sing N N 161 
ILE CB  HB   sing N N 162 
ILE CG1 CD1  sing N N 163 
ILE CG1 HG12 sing N N 164 
ILE CG1 HG13 sing N N 165 
ILE CG2 HG21 sing N N 166 
ILE CG2 HG22 sing N N 167 
ILE CG2 HG23 sing N N 168 
ILE CD1 HD11 sing N N 169 
ILE CD1 HD12 sing N N 170 
ILE CD1 HD13 sing N N 171 
ILE OXT HXT  sing N N 172 
LEU N   CA   sing N N 173 
LEU N   H    sing N N 174 
LEU N   H2   sing N N 175 
LEU CA  C    sing N N 176 
LEU CA  CB   sing N N 177 
LEU CA  HA   sing N N 178 
LEU C   O    doub N N 179 
LEU C   OXT  sing N N 180 
LEU CB  CG   sing N N 181 
LEU CB  HB2  sing N N 182 
LEU CB  HB3  sing N N 183 
LEU CG  CD1  sing N N 184 
LEU CG  CD2  sing N N 185 
LEU CG  HG   sing N N 186 
LEU CD1 HD11 sing N N 187 
LEU CD1 HD12 sing N N 188 
LEU CD1 HD13 sing N N 189 
LEU CD2 HD21 sing N N 190 
LEU CD2 HD22 sing N N 191 
LEU CD2 HD23 sing N N 192 
LEU OXT HXT  sing N N 193 
LYS N   CA   sing N N 194 
LYS N   H    sing N N 195 
LYS N   H2   sing N N 196 
LYS CA  C    sing N N 197 
LYS CA  CB   sing N N 198 
LYS CA  HA   sing N N 199 
LYS C   O    doub N N 200 
LYS C   OXT  sing N N 201 
LYS CB  CG   sing N N 202 
LYS CB  HB2  sing N N 203 
LYS CB  HB3  sing N N 204 
LYS CG  CD   sing N N 205 
LYS CG  HG2  sing N N 206 
LYS CG  HG3  sing N N 207 
LYS CD  CE   sing N N 208 
LYS CD  HD2  sing N N 209 
LYS CD  HD3  sing N N 210 
LYS CE  NZ   sing N N 211 
LYS CE  HE2  sing N N 212 
LYS CE  HE3  sing N N 213 
LYS NZ  HZ1  sing N N 214 
LYS NZ  HZ2  sing N N 215 
LYS NZ  HZ3  sing N N 216 
LYS OXT HXT  sing N N 217 
MET N   CA   sing N N 218 
MET N   H    sing N N 219 
MET N   H2   sing N N 220 
MET CA  C    sing N N 221 
MET CA  CB   sing N N 222 
MET CA  HA   sing N N 223 
MET C   O    doub N N 224 
MET C   OXT  sing N N 225 
MET CB  CG   sing N N 226 
MET CB  HB2  sing N N 227 
MET CB  HB3  sing N N 228 
MET CG  SD   sing N N 229 
MET CG  HG2  sing N N 230 
MET CG  HG3  sing N N 231 
MET SD  CE   sing N N 232 
MET CE  HE1  sing N N 233 
MET CE  HE2  sing N N 234 
MET CE  HE3  sing N N 235 
MET OXT HXT  sing N N 236 
PHE N   CA   sing N N 237 
PHE N   H    sing N N 238 
PHE N   H2   sing N N 239 
PHE CA  C    sing N N 240 
PHE CA  CB   sing N N 241 
PHE CA  HA   sing N N 242 
PHE C   O    doub N N 243 
PHE C   OXT  sing N N 244 
PHE CB  CG   sing N N 245 
PHE CB  HB2  sing N N 246 
PHE CB  HB3  sing N N 247 
PHE CG  CD1  doub Y N 248 
PHE CG  CD2  sing Y N 249 
PHE CD1 CE1  sing Y N 250 
PHE CD1 HD1  sing N N 251 
PHE CD2 CE2  doub Y N 252 
PHE CD2 HD2  sing N N 253 
PHE CE1 CZ   doub Y N 254 
PHE CE1 HE1  sing N N 255 
PHE CE2 CZ   sing Y N 256 
PHE CE2 HE2  sing N N 257 
PHE CZ  HZ   sing N N 258 
PHE OXT HXT  sing N N 259 
PRO N   CA   sing N N 260 
PRO N   CD   sing N N 261 
PRO N   H    sing N N 262 
PRO CA  C    sing N N 263 
PRO CA  CB   sing N N 264 
PRO CA  HA   sing N N 265 
PRO C   O    doub N N 266 
PRO C   OXT  sing N N 267 
PRO CB  CG   sing N N 268 
PRO CB  HB2  sing N N 269 
PRO CB  HB3  sing N N 270 
PRO CG  CD   sing N N 271 
PRO CG  HG2  sing N N 272 
PRO CG  HG3  sing N N 273 
PRO CD  HD2  sing N N 274 
PRO CD  HD3  sing N N 275 
PRO OXT HXT  sing N N 276 
SER N   CA   sing N N 277 
SER N   H    sing N N 278 
SER N   H2   sing N N 279 
SER CA  C    sing N N 280 
SER CA  CB   sing N N 281 
SER CA  HA   sing N N 282 
SER C   O    doub N N 283 
SER C   OXT  sing N N 284 
SER CB  OG   sing N N 285 
SER CB  HB2  sing N N 286 
SER CB  HB3  sing N N 287 
SER OG  HG   sing N N 288 
SER OXT HXT  sing N N 289 
SO4 S   O1   doub N N 290 
SO4 S   O2   doub N N 291 
SO4 S   O3   sing N N 292 
SO4 S   O4   sing N N 293 
THR N   CA   sing N N 294 
THR N   H    sing N N 295 
THR N   H2   sing N N 296 
THR CA  C    sing N N 297 
THR CA  CB   sing N N 298 
THR CA  HA   sing N N 299 
THR C   O    doub N N 300 
THR C   OXT  sing N N 301 
THR CB  OG1  sing N N 302 
THR CB  CG2  sing N N 303 
THR CB  HB   sing N N 304 
THR OG1 HG1  sing N N 305 
THR CG2 HG21 sing N N 306 
THR CG2 HG22 sing N N 307 
THR CG2 HG23 sing N N 308 
THR OXT HXT  sing N N 309 
TRP N   CA   sing N N 310 
TRP N   H    sing N N 311 
TRP N   H2   sing N N 312 
TRP CA  C    sing N N 313 
TRP CA  CB   sing N N 314 
TRP CA  HA   sing N N 315 
TRP C   O    doub N N 316 
TRP C   OXT  sing N N 317 
TRP CB  CG   sing N N 318 
TRP CB  HB2  sing N N 319 
TRP CB  HB3  sing N N 320 
TRP CG  CD1  doub Y N 321 
TRP CG  CD2  sing Y N 322 
TRP CD1 NE1  sing Y N 323 
TRP CD1 HD1  sing N N 324 
TRP CD2 CE2  doub Y N 325 
TRP CD2 CE3  sing Y N 326 
TRP NE1 CE2  sing Y N 327 
TRP NE1 HE1  sing N N 328 
TRP CE2 CZ2  sing Y N 329 
TRP CE3 CZ3  doub Y N 330 
TRP CE3 HE3  sing N N 331 
TRP CZ2 CH2  doub Y N 332 
TRP CZ2 HZ2  sing N N 333 
TRP CZ3 CH2  sing Y N 334 
TRP CZ3 HZ3  sing N N 335 
TRP CH2 HH2  sing N N 336 
TRP OXT HXT  sing N N 337 
TYR N   CA   sing N N 338 
TYR N   H    sing N N 339 
TYR N   H2   sing N N 340 
TYR CA  C    sing N N 341 
TYR CA  CB   sing N N 342 
TYR CA  HA   sing N N 343 
TYR C   O    doub N N 344 
TYR C   OXT  sing N N 345 
TYR CB  CG   sing N N 346 
TYR CB  HB2  sing N N 347 
TYR CB  HB3  sing N N 348 
TYR CG  CD1  doub Y N 349 
TYR CG  CD2  sing Y N 350 
TYR CD1 CE1  sing Y N 351 
TYR CD1 HD1  sing N N 352 
TYR CD2 CE2  doub Y N 353 
TYR CD2 HD2  sing N N 354 
TYR CE1 CZ   doub Y N 355 
TYR CE1 HE1  sing N N 356 
TYR CE2 CZ   sing Y N 357 
TYR CE2 HE2  sing N N 358 
TYR CZ  OH   sing N N 359 
TYR OH  HH   sing N N 360 
TYR OXT HXT  sing N N 361 
VAL N   CA   sing N N 362 
VAL N   H    sing N N 363 
VAL N   H2   sing N N 364 
VAL CA  C    sing N N 365 
VAL CA  CB   sing N N 366 
VAL CA  HA   sing N N 367 
VAL C   O    doub N N 368 
VAL C   OXT  sing N N 369 
VAL CB  CG1  sing N N 370 
VAL CB  CG2  sing N N 371 
VAL CB  HB   sing N N 372 
VAL CG1 HG11 sing N N 373 
VAL CG1 HG12 sing N N 374 
VAL CG1 HG13 sing N N 375 
VAL CG2 HG21 sing N N 376 
VAL CG2 HG22 sing N N 377 
VAL CG2 HG23 sing N N 378 
VAL OXT HXT  sing N N 379 
# 
_pdbx_initial_refinement_model.accession_code   ? 
_pdbx_initial_refinement_model.id               1 
_pdbx_initial_refinement_model.entity_id_list   ? 
_pdbx_initial_refinement_model.type             other 
_pdbx_initial_refinement_model.source_name      ? 
_pdbx_initial_refinement_model.details          'auracyanin B' 
# 
_atom_sites.entry_id                    2AAN 
_atom_sites.fract_transf_matrix[1][1]   0.00488092 
_atom_sites.fract_transf_matrix[1][2]   -0.00097385 
_atom_sites.fract_transf_matrix[1][3]   0.01326608 
_atom_sites.fract_transf_matrix[2][1]   -0.01275706 
_atom_sites.fract_transf_matrix[2][2]   0.00365971 
_atom_sites.fract_transf_matrix[2][3]   0.00496230 
_atom_sites.fract_transf_matrix[3][1]   -0.00582298 
_atom_sites.fract_transf_matrix[3][2]   -0.02110230 
_atom_sites.fract_transf_matrix[3][3]   0.00059332 
_atom_sites.fract_transf_vector[1]      0.211261 
_atom_sites.fract_transf_vector[2]      0.623307 
_atom_sites.fract_transf_vector[3]      0.056752 
# 
loop_
_atom_type.symbol 
C  
CU 
N  
O  
S  
# 
loop_
_atom_site.group_PDB 
_atom_site.id 
_atom_site.type_symbol 
_atom_site.label_atom_id 
_atom_site.label_alt_id 
_atom_site.label_comp_id 
_atom_site.label_asym_id 
_atom_site.label_entity_id 
_atom_site.label_seq_id 
_atom_site.pdbx_PDB_ins_code 
_atom_site.Cartn_x 
_atom_site.Cartn_y 
_atom_site.Cartn_z 
_atom_site.occupancy 
_atom_site.B_iso_or_equiv 
_atom_site.pdbx_formal_charge 
_atom_site.auth_seq_id 
_atom_site.auth_comp_id 
_atom_site.auth_asym_id 
_atom_site.auth_atom_id 
_atom_site.pdbx_PDB_model_num 
ATOM   1    N  N   . GLY A 1 17  ? 6.592   12.065  16.729  1.00 24.95 ? 17  GLY A N   1 
ATOM   2    C  CA  . GLY A 1 17  ? 5.236   12.343  16.935  1.00 24.48 ? 17  GLY A CA  1 
ATOM   3    C  C   . GLY A 1 17  ? 4.369   11.979  15.743  1.00 19.86 ? 17  GLY A C   1 
ATOM   4    O  O   . GLY A 1 17  ? 4.871   11.743  14.646  1.00 20.25 ? 17  GLY A O   1 
ATOM   5    N  N   . PRO A 1 18  ? 3.048   11.899  15.943  1.00 16.07 ? 18  PRO A N   1 
ATOM   6    C  CA  . PRO A 1 18  ? 2.237   11.443  14.821  1.00 18.74 ? 18  PRO A CA  1 
ATOM   7    C  C   . PRO A 1 18  ? 2.299   12.350  13.581  1.00 21.84 ? 18  PRO A C   1 
ATOM   8    O  O   . PRO A 1 18  ? 2.215   13.588  13.686  1.00 18.21 ? 18  PRO A O   1 
ATOM   9    C  CB  . PRO A 1 18  ? 0.827   11.428  15.396  1.00 11.86 ? 18  PRO A CB  1 
ATOM   10   C  CG  . PRO A 1 18  ? 1.006   11.357  16.847  1.00 12.81 ? 18  PRO A CG  1 
ATOM   11   C  CD  . PRO A 1 18  ? 2.239   12.140  17.135  1.00 19.99 ? 18  PRO A CD  1 
ATOM   12   N  N   . VAL A 1 19  ? 2.418   11.719  12.421  1.00 19.49 ? 19  VAL A N   1 
ATOM   13   C  CA  . VAL A 1 19  ? 2.478   12.412  11.146  1.00 21.66 ? 19  VAL A CA  1 
ATOM   14   C  C   . VAL A 1 19  ? 1.548   11.791  10.124  1.00 19.45 ? 19  VAL A C   1 
ATOM   15   O  O   . VAL A 1 19  ? 1.163   10.613  10.215  1.00 17.13 ? 19  VAL A O   1 
ATOM   16   C  CB  . VAL A 1 19  ? 3.880   12.386  10.546  1.00 17.78 ? 19  VAL A CB  1 
ATOM   17   C  CG1 . VAL A 1 19  ? 4.840   13.147  11.427  1.00 20.90 ? 19  VAL A CG1 1 
ATOM   18   C  CG2 . VAL A 1 19  ? 4.351   10.915  10.257  1.00 14.63 ? 19  VAL A CG2 1 
ATOM   19   N  N   . THR A 1 20  ? 1.136   12.607  9.178   1.00 15.52 ? 20  THR A N   1 
ATOM   20   C  CA  . THR A 1 20  ? 0.434   12.107  8.036   1.00 15.65 ? 20  THR A CA  1 
ATOM   21   C  C   . THR A 1 20  ? 1.435   12.134  6.889   1.00 20.56 ? 20  THR A C   1 
ATOM   22   O  O   . THR A 1 20  ? 2.186   13.081  6.727   1.00 17.42 ? 20  THR A O   1 
ATOM   23   C  CB  . THR A 1 20  ? -0.796  12.948  7.669   1.00 20.19 ? 20  THR A CB  1 
ATOM   24   O  OG1 . THR A 1 20  ? -1.790  12.820  8.690   1.00 17.36 ? 20  THR A OG1 1 
ATOM   25   C  CG2 . THR A 1 20  ? -1.395  12.488  6.345   1.00 17.86 ? 20  THR A CG2 1 
ATOM   26   N  N   . ILE A 1 21  ? 1.437   11.087  6.099   1.00 12.43 ? 21  ILE A N   1 
ATOM   27   C  CA  . ILE A 1 21  ? 2.188   11.077  4.857   1.00 19.12 ? 21  ILE A CA  1 
ATOM   28   C  C   . ILE A 1 21  ? 1.171   11.029  3.719   1.00 17.86 ? 21  ILE A C   1 
ATOM   29   O  O   . ILE A 1 21  ? 0.314   10.139  3.661   1.00 21.84 ? 21  ILE A O   1 
ATOM   30   C  CB  . ILE A 1 21  ? 3.132   9.896   4.768   1.00 16.65 ? 21  ILE A CB  1 
ATOM   31   C  CG1 . ILE A 1 21  ? 4.228   10.024  5.812   1.00 25.91 ? 21  ILE A CG1 1 
ATOM   32   C  CG2 . ILE A 1 21  ? 3.737   9.827   3.368   1.00 21.08 ? 21  ILE A CG2 1 
ATOM   33   C  CD1 . ILE A 1 21  ? 5.008   8.760   5.971   1.00 27.42 ? 21  ILE A CD1 1 
ATOM   34   N  N   . GLU A 1 22  ? 1.255   12.018  2.831   1.00 15.10 ? 22  GLU A N   1 
ATOM   35   C  CA  . GLU A 1 22  ? 0.365   12.096  1.677   1.00 18.56 ? 22  GLU A CA  1 
ATOM   36   C  C   . GLU A 1 22  ? 0.964   11.261  0.567   1.00 21.91 ? 22  GLU A C   1 
ATOM   37   O  O   . GLU A 1 22  ? 2.141   11.352  0.293   1.00 16.35 ? 22  GLU A O   1 
ATOM   38   C  CB  . GLU A 1 22  ? 0.250   13.519  1.161   1.00 23.44 ? 22  GLU A CB  1 
ATOM   39   C  CG  . GLU A 1 22  ? 0.117   14.578  2.200   1.00 31.36 ? 22  GLU A CG  1 
ATOM   40   C  CD  . GLU A 1 22  ? -1.275  14.739  2.681   1.00 38.60 ? 22  GLU A CD  1 
ATOM   41   O  OE1 . GLU A 1 22  ? -1.458  15.574  3.591   1.00 49.63 ? 22  GLU A OE1 1 
ATOM   42   O  OE2 . GLU A 1 22  ? -2.189  14.061  2.163   1.00 41.10 ? 22  GLU A OE2 1 
ATOM   43   N  N   . ILE A 1 23  ? 0.153   10.448  -0.080  1.00 16.24 ? 23  ILE A N   1 
ATOM   44   C  CA  . ILE A 1 23  ? 0.631   9.733   -1.258  1.00 10.68 ? 23  ILE A CA  1 
ATOM   45   C  C   . ILE A 1 23  ? -0.538  9.525   -2.158  1.00 16.15 ? 23  ILE A C   1 
ATOM   46   O  O   . ILE A 1 23  ? -1.676  9.522   -1.702  1.00 16.09 ? 23  ILE A O   1 
ATOM   47   C  CB  . ILE A 1 23  ? 1.336   8.395   -0.885  1.00 13.25 ? 23  ILE A CB  1 
ATOM   48   C  CG1 . ILE A 1 23  ? 1.962   7.731   -2.104  1.00 13.66 ? 23  ILE A CG1 1 
ATOM   49   C  CG2 . ILE A 1 23  ? 0.383   7.460   -0.128  1.00 17.56 ? 23  ILE A CG2 1 
ATOM   50   C  CD1 . ILE A 1 23  ? 2.878   6.590   -1.758  1.00 15.42 ? 23  ILE A CD1 1 
ATOM   51   N  N   . GLY A 1 24  ? -0.275  9.368   -3.449  1.00 17.67 ? 24  GLY A N   1 
ATOM   52   C  CA  . GLY A 1 24  ? -1.376  9.160   -4.362  1.00 19.05 ? 24  GLY A CA  1 
ATOM   53   C  C   . GLY A 1 24  ? -0.951  8.298   -5.516  1.00 18.70 ? 24  GLY A C   1 
ATOM   54   O  O   . GLY A 1 24  ? 0.163   7.823   -5.564  1.00 16.86 ? 24  GLY A O   1 
ATOM   55   N  N   . SER A 1 25  ? -1.871  8.078   -6.431  1.00 14.10 ? 25  SER A N   1 
ATOM   56   C  CA  . SER A 1 25  ? -1.527  7.480   -7.700  1.00 9.79  ? 25  SER A CA  1 
ATOM   57   C  C   . SER A 1 25  ? -0.852  8.580   -8.543  1.00 12.61 ? 25  SER A C   1 
ATOM   58   O  O   . SER A 1 25  ? -1.136  9.762   -8.416  1.00 16.08 ? 25  SER A O   1 
ATOM   59   C  CB  . SER A 1 25  ? -2.743  6.920   -8.385  1.00 13.07 ? 25  SER A CB  1 
ATOM   60   O  OG  . SER A 1 25  ? -3.592  7.939   -8.875  1.00 15.36 ? 25  SER A OG  1 
ATOM   61   N  N   . LYS A 1 26  ? 0.023   8.168   -9.433  1.00 14.79 ? 26  LYS A N   1 
ATOM   62   C  CA  . LYS A 1 26  ? 0.637   9.102   -10.372 1.00 13.09 ? 26  LYS A CA  1 
ATOM   63   C  C   . LYS A 1 26  ? -0.380  9.265   -11.491 1.00 18.58 ? 26  LYS A C   1 
ATOM   64   O  O   . LYS A 1 26  ? -0.309  8.617   -12.522 1.00 16.63 ? 26  LYS A O   1 
ATOM   65   C  CB  . LYS A 1 26  ? 1.953   8.551   -10.853 1.00 14.74 ? 26  LYS A CB  1 
ATOM   66   C  CG  . LYS A 1 26  ? 2.741   9.552   -11.693 1.00 23.97 ? 26  LYS A CG  1 
ATOM   67   C  CD  . LYS A 1 26  ? 3.834   8.889   -12.481 1.00 24.85 ? 26  LYS A CD  1 
ATOM   68   C  CE  . LYS A 1 26  ? 4.353   9.811   -13.583 1.00 23.16 ? 26  LYS A CE  1 
ATOM   69   N  NZ  . LYS A 1 26  ? 4.978   10.998  -12.963 1.00 30.21 ? 26  LYS A NZ  1 
ATOM   70   N  N   . GLY A 1 27  ? -1.386  10.096  -11.242 1.00 20.76 ? 27  GLY A N   1 
ATOM   71   C  CA  . GLY A 1 27  ? -2.469  10.321  -12.224 1.00 20.00 ? 27  GLY A CA  1 
ATOM   72   C  C   . GLY A 1 27  ? -3.131  9.023   -12.640 1.00 20.86 ? 27  GLY A C   1 
ATOM   73   O  O   . GLY A 1 27  ? -3.603  8.257   -11.797 1.00 16.17 ? 27  GLY A O   1 
ATOM   74   N  N   . GLU A 1 28  ? -3.139  8.767   -13.936 1.00 18.14 ? 28  GLU A N   1 
ATOM   75   C  CA  . GLU A 1 28  ? -3.763  7.586   -14.494 1.00 16.84 ? 28  GLU A CA  1 
ATOM   76   C  C   . GLU A 1 28  ? -2.811  6.388   -14.599 1.00 22.91 ? 28  GLU A C   1 
ATOM   77   O  O   . GLU A 1 28  ? -3.218  5.312   -15.012 1.00 18.71 ? 28  GLU A O   1 
ATOM   78   C  CB  . GLU A 1 28  ? -4.334  7.909   -15.871 1.00 23.63 ? 28  GLU A CB  1 
ATOM   79   C  CG  . GLU A 1 28  ? -5.391  8.968   -15.840 1.00 18.26 ? 28  GLU A CG  1 
ATOM   80   C  CD  . GLU A 1 28  ? -6.622  8.561   -15.079 1.00 25.16 ? 28  GLU A CD  1 
ATOM   81   O  OE1 . GLU A 1 28  ? -7.359  9.486   -14.665 1.00 36.19 ? 28  GLU A OE1 1 
ATOM   82   O  OE2 . GLU A 1 28  ? -6.852  7.331   -14.877 1.00 22.60 ? 28  GLU A OE2 1 
ATOM   83   N  N   . GLU A 1 29  ? -1.561  6.565   -14.180 1.00 19.80 ? 29  GLU A N   1 
ATOM   84   C  CA  . GLU A 1 29  ? -0.544  5.530   -14.319 1.00 16.92 ? 29  GLU A CA  1 
ATOM   85   C  C   . GLU A 1 29  ? -0.671  4.481   -13.212 1.00 15.08 ? 29  GLU A C   1 
ATOM   86   O  O   . GLU A 1 29  ? -1.225  4.747   -12.159 1.00 13.05 ? 29  GLU A O   1 
ATOM   87   C  CB  . GLU A 1 29  ? 0.853   6.143   -14.212 1.00 20.13 ? 29  GLU A CB  1 
ATOM   88   C  CG  . GLU A 1 29  ? 1.184   7.112   -15.326 1.00 32.30 ? 29  GLU A CG  1 
ATOM   89   C  CD  . GLU A 1 29  ? 1.218   6.432   -16.683 1.00 49.56 ? 29  GLU A CD  1 
ATOM   90   O  OE1 . GLU A 1 29  ? 1.643   5.248   -16.767 1.00 56.02 ? 29  GLU A OE1 1 
ATOM   91   O  OE2 . GLU A 1 29  ? 0.822   7.082   -17.672 1.00 61.83 ? 29  GLU A OE2 1 
ATOM   92   N  N   . LEU A 1 30  ? -0.059  3.328   -13.460 1.00 15.31 ? 30  LEU A N   1 
ATOM   93   C  CA  . LEU A 1 30  ? 0.024   2.245   -12.518 1.00 17.56 ? 30  LEU A CA  1 
ATOM   94   C  C   . LEU A 1 30  ? 1.302   2.473   -11.681 1.00 21.98 ? 30  LEU A C   1 
ATOM   95   O  O   . LEU A 1 30  ? 2.293   1.775   -11.818 1.00 16.61 ? 30  LEU A O   1 
ATOM   96   C  CB  . LEU A 1 30  ? 0.048   0.909   -13.248 1.00 20.43 ? 30  LEU A CB  1 
ATOM   97   C  CG  . LEU A 1 30  ? -1.317  0.325   -13.635 1.00 19.23 ? 30  LEU A CG  1 
ATOM   98   C  CD1 . LEU A 1 30  ? -2.451  1.286   -13.936 1.00 28.21 ? 30  LEU A CD1 1 
ATOM   99   C  CD2 . LEU A 1 30  ? -1.220  -0.700  -14.645 1.00 19.55 ? 30  LEU A CD2 1 
ATOM   100  N  N   . ALA A 1 31  ? 1.232   3.466   -10.805 1.00 18.75 ? 31  ALA A N   1 
ATOM   101  C  CA  . ALA A 1 31  ? 2.387   3.958   -10.059 1.00 14.37 ? 31  ALA A CA  1 
ATOM   102  C  C   . ALA A 1 31  ? 1.850   4.783   -8.937  1.00 17.45 ? 31  ALA A C   1 
ATOM   103  O  O   . ALA A 1 31  ? 0.828   5.477   -9.104  1.00 16.15 ? 31  ALA A O   1 
ATOM   104  C  CB  . ALA A 1 31  ? 3.272   4.847   -10.936 1.00 13.85 ? 31  ALA A CB  1 
ATOM   105  N  N   . PHE A 1 32  ? 2.549   4.725   -7.815  1.00 15.41 ? 32  PHE A N   1 
ATOM   106  C  CA  . PHE A 1 32  ? 2.394   5.709   -6.758  1.00 13.95 ? 32  PHE A CA  1 
ATOM   107  C  C   . PHE A 1 32  ? 3.171   6.943   -7.164  1.00 12.84 ? 32  PHE A C   1 
ATOM   108  O  O   . PHE A 1 32  ? 4.217   6.858   -7.826  1.00 14.11 ? 32  PHE A O   1 
ATOM   109  C  CB  . PHE A 1 32  ? 2.899   5.176   -5.421  1.00 13.52 ? 32  PHE A CB  1 
ATOM   110  C  CG  . PHE A 1 32  ? 2.118   4.002   -4.885  1.00 8.99  ? 32  PHE A CG  1 
ATOM   111  C  CD1 . PHE A 1 32  ? 2.636   2.727   -4.943  1.00 13.47 ? 32  PHE A CD1 1 
ATOM   112  C  CD2 . PHE A 1 32  ? 0.904   4.205   -4.258  1.00 14.08 ? 32  PHE A CD2 1 
ATOM   113  C  CE1 . PHE A 1 32  ? 1.923   1.645   -4.407  1.00 11.01 ? 32  PHE A CE1 1 
ATOM   114  C  CE2 . PHE A 1 32  ? 0.174   3.152   -3.757  1.00 15.51 ? 32  PHE A CE2 1 
ATOM   115  C  CZ  . PHE A 1 32  ? 0.677   1.858   -3.849  1.00 14.14 ? 32  PHE A CZ  1 
ATOM   116  N  N   . ASP A 1 33  ? 2.698   8.089   -6.726  1.00 12.72 ? 33  ASP A N   1 
ATOM   117  C  CA  . ASP A 1 33  ? 3.410   9.353   -6.970  1.00 17.14 ? 33  ASP A CA  1 
ATOM   118  C  C   . ASP A 1 33  ? 4.608   9.620   -6.082  1.00 17.10 ? 33  ASP A C   1 
ATOM   119  O  O   . ASP A 1 33  ? 5.253   10.617  -6.243  1.00 18.33 ? 33  ASP A O   1 
ATOM   120  C  CB  . ASP A 1 33  ? 2.474   10.561  -6.975  1.00 15.75 ? 33  ASP A CB  1 
ATOM   121  C  CG  . ASP A 1 33  ? 1.839   10.907  -5.630  1.00 21.16 ? 33  ASP A CG  1 
ATOM   122  O  OD1 . ASP A 1 33  ? 2.139   10.361  -4.558  1.00 21.81 ? 33  ASP A OD1 1 
ATOM   123  O  OD2 . ASP A 1 33  ? 1.003   11.833  -5.676  1.00 29.73 ? 33  ASP A OD2 1 
ATOM   124  N  N   . LYS A 1 34  ? 4.848   8.738   -5.122  1.00 14.90 ? 34  LYS A N   1 
ATOM   125  C  CA  . LYS A 1 34  ? 6.041   8.714   -4.321  1.00 15.24 ? 34  LYS A CA  1 
ATOM   126  C  C   . LYS A 1 34  ? 6.493   7.245   -4.284  1.00 13.16 ? 34  LYS A C   1 
ATOM   127  O  O   . LYS A 1 34  ? 5.697   6.319   -3.976  1.00 14.36 ? 34  LYS A O   1 
ATOM   128  C  CB  . LYS A 1 34  ? 5.767   9.210   -2.885  1.00 18.54 ? 34  LYS A CB  1 
ATOM   129  C  CG  . LYS A 1 34  ? 5.133   10.598  -2.775  1.00 17.90 ? 34  LYS A CG  1 
ATOM   130  C  CD  . LYS A 1 34  ? 5.088   11.069  -1.338  1.00 22.56 ? 34  LYS A CD  1 
ATOM   131  C  CE  . LYS A 1 34  ? 4.554   12.480  -1.183  1.00 18.64 ? 34  LYS A CE  1 
ATOM   132  N  NZ  . LYS A 1 34  ? 4.441   12.776  0.305   1.00 16.13 ? 34  LYS A NZ  1 
ATOM   133  N  N   . THR A 1 35  ? 7.767   7.036   -4.575  1.00 11.76 ? 35  THR A N   1 
ATOM   134  C  CA  . THR A 1 35  ? 8.331   5.690   -4.595  1.00 11.23 ? 35  THR A CA  1 
ATOM   135  C  C   . THR A 1 35  ? 9.188   5.448   -3.379  1.00 18.90 ? 35  THR A C   1 
ATOM   136  O  O   . THR A 1 35  ? 9.675   4.334   -3.176  1.00 14.08 ? 35  THR A O   1 
ATOM   137  C  CB  . THR A 1 35  ? 9.189   5.370   -5.843  1.00 18.73 ? 35  THR A CB  1 
ATOM   138  O  OG1 . THR A 1 35  ? 10.237  6.336   -6.000  1.00 13.79 ? 35  THR A OG1 1 
ATOM   139  C  CG2 . THR A 1 35  ? 8.325   5.274   -7.060  1.00 20.96 ? 35  THR A CG2 1 
ATOM   140  N  N   . GLU A 1 36  ? 9.313   6.462   -2.550  1.00 14.05 ? 36  GLU A N   1 
ATOM   141  C  CA  . GLU A 1 36  ? 9.810   6.200   -1.250  1.00 17.35 ? 36  GLU A CA  1 
ATOM   142  C  C   . GLU A 1 36  ? 9.409   7.138   -0.134  1.00 20.61 ? 36  GLU A C   1 
ATOM   143  O  O   . GLU A 1 36  ? 9.254   8.331   -0.327  1.00 20.86 ? 36  GLU A O   1 
ATOM   144  C  CB  . GLU A 1 36  ? 11.291  5.963   -1.302  1.00 27.66 ? 36  GLU A CB  1 
ATOM   145  C  CG  . GLU A 1 36  ? 12.068  7.203   -1.150  1.00 27.88 ? 36  GLU A CG  1 
ATOM   146  C  CD  . GLU A 1 36  ? 13.156  7.053   -0.130  1.00 42.65 ? 36  GLU A CD  1 
ATOM   147  O  OE1 . GLU A 1 36  ? 13.786  5.987   -0.101  1.00 49.72 ? 36  GLU A OE1 1 
ATOM   148  O  OE2 . GLU A 1 36  ? 13.389  8.025   0.612   1.00 40.81 ? 36  GLU A OE2 1 
ATOM   149  N  N   . LEU A 1 37  ? 9.218   6.526   1.019   1.00 14.34 ? 37  LEU A N   1 
ATOM   150  C  CA  . LEU A 1 37  ? 8.778   7.190   2.250   1.00 16.48 ? 37  LEU A CA  1 
ATOM   151  C  C   . LEU A 1 37  ? 9.728   6.823   3.358   1.00 19.36 ? 37  LEU A C   1 
ATOM   152  O  O   . LEU A 1 37  ? 10.229  5.715   3.378   1.00 22.69 ? 37  LEU A O   1 
ATOM   153  C  CB  . LEU A 1 37  ? 7.377   6.721   2.618   1.00 20.38 ? 37  LEU A CB  1 
ATOM   154  C  CG  . LEU A 1 37  ? 6.307   6.840   1.537   1.00 16.53 ? 37  LEU A CG  1 
ATOM   155  C  CD1 . LEU A 1 37  ? 4.986   6.225   2.010   1.00 25.04 ? 37  LEU A CD1 1 
ATOM   156  C  CD2 . LEU A 1 37  ? 6.108   8.296   1.087   1.00 15.75 ? 37  LEU A CD2 1 
ATOM   157  N  N   . THR A 1 38  ? 10.024  7.776   4.239   1.00 21.79 ? 38  THR A N   1 
ATOM   158  C  CA  . THR A 1 38  ? 10.903  7.538   5.358   1.00 26.83 ? 38  THR A CA  1 
ATOM   159  C  C   . THR A 1 38  ? 10.181  7.946   6.616   1.00 26.06 ? 38  THR A C   1 
ATOM   160  O  O   . THR A 1 38  ? 9.605   9.026   6.676   1.00 24.71 ? 38  THR A O   1 
ATOM   161  C  CB  . THR A 1 38  ? 12.193  8.345   5.262   1.00 28.52 ? 38  THR A CB  1 
ATOM   162  O  OG1 . THR A 1 38  ? 12.860  8.020   4.048   1.00 33.48 ? 38  THR A OG1 1 
ATOM   163  C  CG2 . THR A 1 38  ? 13.118  7.994   6.421   1.00 36.41 ? 38  THR A CG2 1 
ATOM   164  N  N   . VAL A 1 39  ? 10.179  7.042   7.591   1.00 19.66 ? 39  VAL A N   1 
ATOM   165  C  CA  . VAL A 1 39  ? 9.582   7.296   8.890   1.00 22.94 ? 39  VAL A CA  1 
ATOM   166  C  C   . VAL A 1 39  ? 10.554  6.756   9.934   1.00 22.91 ? 39  VAL A C   1 
ATOM   167  O  O   . VAL A 1 39  ? 11.564  6.136   9.573   1.00 16.15 ? 39  VAL A O   1 
ATOM   168  C  CB  . VAL A 1 39  ? 8.182   6.645   9.035   1.00 22.71 ? 39  VAL A CB  1 
ATOM   169  C  CG1 . VAL A 1 39  ? 7.196   7.275   8.024   1.00 17.56 ? 39  VAL A CG1 1 
ATOM   170  C  CG2 . VAL A 1 39  ? 8.232   5.126   8.855   1.00 23.03 ? 39  VAL A CG2 1 
ATOM   171  N  N   . SER A 1 40  ? 10.232  6.975   11.208  1.00 20.56 ? 40  SER A N   1 
ATOM   172  C  CA  . SER A 1 40  ? 11.007  6.420   12.341  1.00 24.38 ? 40  SER A CA  1 
ATOM   173  C  C   . SER A 1 40  ? 10.298  5.205   12.892  1.00 21.44 ? 40  SER A C   1 
ATOM   174  O  O   . SER A 1 40  ? 9.080   5.157   12.893  1.00 20.42 ? 40  SER A O   1 
ATOM   175  C  CB  . SER A 1 40  ? 11.142  7.451   13.468  1.00 20.48 ? 40  SER A CB  1 
ATOM   176  O  OG  . SER A 1 40  ? 11.452  8.726   12.938  1.00 28.77 ? 40  SER A OG  1 
ATOM   177  N  N   . ALA A 1 41  ? 11.053  4.235   13.394  1.00 20.38 ? 41  ALA A N   1 
ATOM   178  C  CA  . ALA A 1 41  ? 10.459  3.054   13.985  1.00 20.36 ? 41  ALA A CA  1 
ATOM   179  C  C   . ALA A 1 41  ? 9.521   3.438   15.163  1.00 22.72 ? 41  ALA A C   1 
ATOM   180  O  O   . ALA A 1 41  ? 9.838   4.308   15.954  1.00 21.82 ? 41  ALA A O   1 
ATOM   181  C  CB  . ALA A 1 41  ? 11.550  2.099   14.459  1.00 23.68 ? 41  ALA A CB  1 
ATOM   182  N  N   . GLY A 1 42  ? 8.362   2.812   15.246  1.00 19.61 ? 42  GLY A N   1 
ATOM   183  C  CA  . GLY A 1 42  ? 7.424   3.051   16.346  1.00 19.16 ? 42  GLY A CA  1 
ATOM   184  C  C   . GLY A 1 42  ? 6.578   4.311   16.164  1.00 24.92 ? 42  GLY A C   1 
ATOM   185  O  O   . GLY A 1 42  ? 5.622   4.532   16.910  1.00 23.45 ? 42  GLY A O   1 
ATOM   186  N  N   . GLN A 1 43  ? 6.936   5.155   15.200  1.00 20.01 ? 43  GLN A N   1 
ATOM   187  C  CA  . GLN A 1 43  ? 6.198   6.381   14.935  1.00 21.10 ? 43  GLN A CA  1 
ATOM   188  C  C   . GLN A 1 43  ? 4.784   6.063   14.453  1.00 23.98 ? 43  GLN A C   1 
ATOM   189  O  O   . GLN A 1 43  ? 4.603   5.126   13.663  1.00 21.37 ? 43  GLN A O   1 
ATOM   190  C  CB  . GLN A 1 43  ? 6.938   7.223   13.886  1.00 18.96 ? 43  GLN A CB  1 
ATOM   191  C  CG  . GLN A 1 43  ? 6.282   8.544   13.580  1.00 25.30 ? 43  GLN A CG  1 
ATOM   192  C  CD  . GLN A 1 43  ? 7.123   9.427   12.689  1.00 19.72 ? 43  GLN A CD  1 
ATOM   193  O  OE1 . GLN A 1 43  ? 7.874   8.950   11.845  1.00 21.34 ? 43  GLN A OE1 1 
ATOM   194  N  NE2 . GLN A 1 43  ? 7.014   10.737  12.894  1.00 22.28 ? 43  GLN A NE2 1 
ATOM   195  N  N   . THR A 1 44  ? 3.803   6.858   14.908  1.00 18.96 ? 44  THR A N   1 
ATOM   196  C  CA  . THR A 1 44  ? 2.431   6.790   14.400  1.00 22.60 ? 44  THR A CA  1 
ATOM   197  C  C   . THR A 1 44  ? 2.368   7.520   13.055  1.00 22.55 ? 44  THR A C   1 
ATOM   198  O  O   . THR A 1 44  ? 2.610   8.743   12.978  1.00 18.65 ? 44  THR A O   1 
ATOM   199  C  CB  . THR A 1 44  ? 1.364   7.389   15.381  1.00 23.78 ? 44  THR A CB  1 
ATOM   200  O  OG1 . THR A 1 44  ? 1.427   6.715   16.636  1.00 18.50 ? 44  THR A OG1 1 
ATOM   201  C  CG2 . THR A 1 44  ? -0.049  7.222   14.827  1.00 21.01 ? 44  THR A CG2 1 
ATOM   202  N  N   . VAL A 1 45  ? 2.064   6.739   12.016  1.00 17.66 ? 45  VAL A N   1 
ATOM   203  C  CA  . VAL A 1 45  ? 2.001   7.170   10.623  1.00 22.05 ? 45  VAL A CA  1 
ATOM   204  C  C   . VAL A 1 45  ? 0.570   6.999   10.117  1.00 13.85 ? 45  VAL A C   1 
ATOM   205  O  O   . VAL A 1 45  ? -0.007  5.913   10.241  1.00 15.45 ? 45  VAL A O   1 
ATOM   206  C  CB  . VAL A 1 45  ? 2.907   6.299   9.698   1.00 18.34 ? 45  VAL A CB  1 
ATOM   207  C  CG1 . VAL A 1 45  ? 2.885   6.867   8.221   1.00 17.90 ? 45  VAL A CG1 1 
ATOM   208  C  CG2 . VAL A 1 45  ? 4.310   6.208   10.244  1.00 24.58 ? 45  VAL A CG2 1 
ATOM   209  N  N   . THR A 1 46  ? -0.025  8.087   9.633   1.00 12.92 ? 46  THR A N   1 
ATOM   210  C  CA  . THR A 1 46  ? -1.268  8.031   8.897   1.00 16.13 ? 46  THR A CA  1 
ATOM   211  C  C   . THR A 1 46  ? -0.894  8.207   7.413   1.00 20.94 ? 46  THR A C   1 
ATOM   212  O  O   . THR A 1 46  ? -0.336  9.219   7.021   1.00 16.05 ? 46  THR A O   1 
ATOM   213  C  CB  . THR A 1 46  ? -2.300  9.104   9.358   1.00 19.37 ? 46  THR A CB  1 
ATOM   214  O  OG1 . THR A 1 46  ? -2.634  8.907   10.755  1.00 18.92 ? 46  THR A OG1 1 
ATOM   215  C  CG2 . THR A 1 46  ? -3.585  9.003   8.504   1.00 17.59 ? 46  THR A CG2 1 
ATOM   216  N  N   . ILE A 1 47  ? -1.151  7.186   6.619   1.00 14.31 ? 47  ILE A N   1 
ATOM   217  C  CA  . ILE A 1 47  ? -1.065  7.299   5.162   1.00 11.50 ? 47  ILE A CA  1 
ATOM   218  C  C   . ILE A 1 47  ? -2.413  7.773   4.639   1.00 12.53 ? 47  ILE A C   1 
ATOM   219  O  O   . ILE A 1 47  ? -3.454  7.180   4.926   1.00 19.22 ? 47  ILE A O   1 
ATOM   220  C  CB  . ILE A 1 47  ? -0.666  5.943   4.511   1.00 17.46 ? 47  ILE A CB  1 
ATOM   221  C  CG1 . ILE A 1 47  ? 0.737   5.516   4.968   1.00 20.27 ? 47  ILE A CG1 1 
ATOM   222  C  CG2 . ILE A 1 47  ? -0.805  6.032   2.989   1.00 24.69 ? 47  ILE A CG2 1 
ATOM   223  C  CD1 . ILE A 1 47  ? 1.842   6.243   4.327   1.00 21.81 ? 47  ILE A CD1 1 
ATOM   224  N  N   . ARG A 1 48  ? -2.386  8.907   3.979   1.00 14.15 ? 48  ARG A N   1 
ATOM   225  C  CA  . ARG A 1 48  ? -3.539  9.449   3.318   1.00 18.05 ? 48  ARG A CA  1 
ATOM   226  C  C   . ARG A 1 48  ? -3.310  9.265   1.820   1.00 19.34 ? 48  ARG A C   1 
ATOM   227  O  O   . ARG A 1 48  ? -2.529  9.970   1.198   1.00 14.74 ? 48  ARG A O   1 
ATOM   228  C  CB  . ARG A 1 48  ? -3.704  10.913  3.694   1.00 18.84 ? 48  ARG A CB  1 
ATOM   229  C  CG  . ARG A 1 48  ? -4.957  11.576  3.126   1.00 24.43 ? 48  ARG A CG  1 
ATOM   230  C  CD  . ARG A 1 48  ? -5.127  12.996  3.669   1.00 34.34 ? 48  ARG A CD  1 
ATOM   231  N  NE  . ARG A 1 48  ? -6.184  13.718  2.965   1.00 43.97 ? 48  ARG A NE  1 
ATOM   232  C  CZ  . ARG A 1 48  ? -7.491  13.615  3.224   1.00 52.87 ? 48  ARG A CZ  1 
ATOM   233  N  NH1 . ARG A 1 48  ? -7.948  12.819  4.197   1.00 53.03 ? 48  ARG A NH1 1 
ATOM   234  N  NH2 . ARG A 1 48  ? -8.357  14.320  2.497   1.00 54.25 ? 48  ARG A NH2 1 
ATOM   235  N  N   . PHE A 1 49  ? -3.977  8.268   1.264   1.00 13.82 ? 49  PHE A N   1 
ATOM   236  C  CA  . PHE A 1 49  ? -3.781  7.854   -0.100  1.00 15.58 ? 49  PHE A CA  1 
ATOM   237  C  C   . PHE A 1 49  ? -4.874  8.423   -0.952  1.00 16.65 ? 49  PHE A C   1 
ATOM   238  O  O   . PHE A 1 49  ? -6.042  8.162   -0.733  1.00 17.13 ? 49  PHE A O   1 
ATOM   239  C  CB  . PHE A 1 49  ? -3.787  6.341   -0.158  1.00 16.98 ? 49  PHE A CB  1 
ATOM   240  C  CG  . PHE A 1 49  ? -3.665  5.778   -1.528  1.00 10.52 ? 49  PHE A CG  1 
ATOM   241  C  CD1 . PHE A 1 49  ? -2.668  6.172   -2.376  1.00 12.68 ? 49  PHE A CD1 1 
ATOM   242  C  CD2 . PHE A 1 49  ? -4.568  4.817   -1.972  1.00 25.43 ? 49  PHE A CD2 1 
ATOM   243  C  CE1 . PHE A 1 49  ? -2.521  5.617   -3.638  1.00 16.53 ? 49  PHE A CE1 1 
ATOM   244  C  CE2 . PHE A 1 49  ? -4.445  4.276   -3.245  1.00 30.50 ? 49  PHE A CE2 1 
ATOM   245  C  CZ  . PHE A 1 49  ? -3.409  4.711   -4.095  1.00 22.18 ? 49  PHE A CZ  1 
ATOM   246  N  N   . LYS A 1 50  ? -4.464  9.239   -1.899  1.00 12.32 ? 50  LYS A N   1 
ATOM   247  C  CA  . LYS A 1 50  ? -5.373  9.923   -2.775  1.00 16.69 ? 50  LYS A CA  1 
ATOM   248  C  C   . LYS A 1 50  ? -5.335  9.247   -4.136  1.00 20.28 ? 50  LYS A C   1 
ATOM   249  O  O   . LYS A 1 50  ? -4.292  9.207   -4.821  1.00 15.25 ? 50  LYS A O   1 
ATOM   250  C  CB  . LYS A 1 50  ? -4.963  11.377  -2.921  1.00 19.66 ? 50  LYS A CB  1 
ATOM   251  C  CG  . LYS A 1 50  ? -5.957  12.226  -3.701  1.00 25.98 ? 50  LYS A CG  1 
ATOM   252  C  CD  . LYS A 1 50  ? -5.403  13.654  -3.842  1.00 30.29 ? 50  LYS A CD  1 
ATOM   253  C  CE  . LYS A 1 50  ? -6.442  14.631  -4.412  1.00 39.49 ? 50  LYS A CE  1 
ATOM   254  N  NZ  . LYS A 1 50  ? -7.266  14.031  -5.505  1.00 48.00 ? 50  LYS A NZ  1 
ATOM   255  N  N   . ASN A 1 51  ? -6.472  8.702   -4.531  1.00 19.56 ? 51  ASN A N   1 
ATOM   256  C  CA  . ASN A 1 51  ? -6.600  8.163   -5.875  1.00 14.56 ? 51  ASN A CA  1 
ATOM   257  C  C   . ASN A 1 51  ? -6.801  9.292   -6.854  1.00 15.71 ? 51  ASN A C   1 
ATOM   258  O  O   . ASN A 1 51  ? -7.858  9.904   -6.895  1.00 18.77 ? 51  ASN A O   1 
ATOM   259  C  CB  . ASN A 1 51  ? -7.768  7.162   -5.962  1.00 16.62 ? 51  ASN A CB  1 
ATOM   260  C  CG  . ASN A 1 51  ? -7.743  6.376   -7.233  1.00 14.02 ? 51  ASN A CG  1 
ATOM   261  O  OD1 . ASN A 1 51  ? -6.948  6.680   -8.133  1.00 13.47 ? 51  ASN A OD1 1 
ATOM   262  N  ND2 . ASN A 1 51  ? -8.564  5.343   -7.319  1.00 16.63 ? 51  ASN A ND2 1 
ATOM   263  N  N   . ASN A 1 52  ? -5.796  9.555   -7.673  1.00 15.97 ? 52  ASN A N   1 
ATOM   264  C  CA  . ASN A 1 52  ? -5.861  10.628  -8.668  1.00 13.20 ? 52  ASN A CA  1 
ATOM   265  C  C   . ASN A 1 52  ? -6.385  10.173  -10.021 1.00 23.22 ? 52  ASN A C   1 
ATOM   266  O  O   . ASN A 1 52  ? -6.293  10.899  -11.000 1.00 18.20 ? 52  ASN A O   1 
ATOM   267  C  CB  . ASN A 1 52  ? -4.465  11.241  -8.818  1.00 17.27 ? 52  ASN A CB  1 
ATOM   268  C  CG  . ASN A 1 52  ? -4.053  11.994  -7.581  1.00 18.88 ? 52  ASN A CG  1 
ATOM   269  O  OD1 . ASN A 1 52  ? -4.768  12.889  -7.155  1.00 18.90 ? 52  ASN A OD1 1 
ATOM   270  N  ND2 . ASN A 1 52  ? -2.909  11.639  -6.987  1.00 18.22 ? 52  ASN A ND2 1 
ATOM   271  N  N   . SER A 1 53  ? -6.890  8.952   -10.085 1.00 12.40 ? 53  SER A N   1 
ATOM   272  C  CA  . SER A 1 53  ? -7.559  8.465   -11.292 1.00 17.96 ? 53  SER A CA  1 
ATOM   273  C  C   . SER A 1 53  ? -9.056  8.397   -11.020 1.00 17.10 ? 53  SER A C   1 
ATOM   274  O  O   . SER A 1 53  ? -9.492  8.087   -9.899  1.00 15.66 ? 53  SER A O   1 
ATOM   275  C  CB  . SER A 1 53  ? -7.070  7.067   -11.669 1.00 20.15 ? 53  SER A CB  1 
ATOM   276  O  OG  . SER A 1 53  ? -7.840  6.506   -12.734 1.00 18.22 ? 53  SER A OG  1 
ATOM   277  N  N   . ALA A 1 54  ? -9.825  8.649   -12.069 1.00 16.28 ? 54  ALA A N   1 
ATOM   278  C  CA  . ALA A 1 54  ? -11.273 8.574   -12.027 1.00 16.50 ? 54  ALA A CA  1 
ATOM   279  C  C   . ALA A 1 54  ? -11.716 7.158   -12.371 1.00 15.01 ? 54  ALA A C   1 
ATOM   280  O  O   . ALA A 1 54  ? -12.856 6.807   -12.160 1.00 15.98 ? 54  ALA A O   1 
ATOM   281  C  CB  . ALA A 1 54  ? -11.852 9.561   -13.035 1.00 23.71 ? 54  ALA A CB  1 
ATOM   282  N  N   . VAL A 1 55  ? -10.797 6.327   -12.878 1.00 17.85 ? 55  VAL A N   1 
ATOM   283  C  CA  . VAL A 1 55  ? -11.182 5.056   -13.515 1.00 15.65 ? 55  VAL A CA  1 
ATOM   284  C  C   . VAL A 1 55  ? -10.388 3.819   -13.050 1.00 12.97 ? 55  VAL A C   1 
ATOM   285  O  O   . VAL A 1 55  ? -10.490 2.734   -13.630 1.00 11.53 ? 55  VAL A O   1 
ATOM   286  C  CB  . VAL A 1 55  ? -11.075 5.208   -15.049 1.00 10.82 ? 55  VAL A CB  1 
ATOM   287  C  CG1 . VAL A 1 55  ? -11.975 6.359   -15.530 1.00 13.32 ? 55  VAL A CG1 1 
ATOM   288  C  CG2 . VAL A 1 55  ? -9.628  5.451   -15.495 1.00 14.92 ? 55  VAL A CG2 1 
ATOM   289  N  N   . GLN A 1 56  ? -9.624  3.974   -11.982 1.00 13.19 ? 56  GLN A N   1 
ATOM   290  C  CA  . GLN A 1 56  ? -8.873  2.883   -11.442 1.00 12.33 ? 56  GLN A CA  1 
ATOM   291  C  C   . GLN A 1 56  ? -9.329  2.810   -10.017 1.00 16.54 ? 56  GLN A C   1 
ATOM   292  O  O   . GLN A 1 56  ? -9.774  3.833   -9.459  1.00 17.20 ? 56  GLN A O   1 
ATOM   293  C  CB  . GLN A 1 56  ? -7.409  3.204   -11.513 1.00 17.85 ? 56  GLN A CB  1 
ATOM   294  C  CG  . GLN A 1 56  ? -6.882  3.291   -12.901 1.00 16.27 ? 56  GLN A CG  1 
ATOM   295  C  CD  . GLN A 1 56  ? -6.657  1.933   -13.523 1.00 19.88 ? 56  GLN A CD  1 
ATOM   296  O  OE1 . GLN A 1 56  ? -6.792  0.888   -12.864 1.00 20.33 ? 56  GLN A OE1 1 
ATOM   297  N  NE2 . GLN A 1 56  ? -6.242  1.940   -14.772 1.00 17.92 ? 56  GLN A NE2 1 
ATOM   298  N  N   . GLN A 1 57  ? -9.277  1.597   -9.473  1.00 14.29 ? 57  GLN A N   1 
ATOM   299  C  CA  . GLN A 1 57  ? -9.226  1.400   -8.033  1.00 18.27 ? 57  GLN A CA  1 
ATOM   300  C  C   . GLN A 1 57  ? -7.776  1.170   -7.681  1.00 16.50 ? 57  GLN A C   1 
ATOM   301  O  O   . GLN A 1 57  ? -7.040  0.653   -8.483  1.00 11.59 ? 57  GLN A O   1 
ATOM   302  C  CB  . GLN A 1 57  ? -10.122 0.229   -7.544  1.00 19.93 ? 57  GLN A CB  1 
ATOM   303  C  CG  . GLN A 1 57  ? -10.153 -0.948  -8.453  1.00 21.21 ? 57  GLN A CG  1 
ATOM   304  C  CD  . GLN A 1 57  ? -10.997 -2.074  -7.968  1.00 19.55 ? 57  GLN A CD  1 
ATOM   305  O  OE1 . GLN A 1 57  ? -11.526 -2.054  -6.859  1.00 16.54 ? 57  GLN A OE1 1 
ATOM   306  N  NE2 . GLN A 1 57  ? -11.118 -3.092  -8.806  1.00 16.06 ? 57  GLN A NE2 1 
ATOM   307  N  N   . HIS A 1 58  ? -7.388  1.558   -6.478  1.00 13.48 ? 58  HIS A N   1 
ATOM   308  C  CA  . HIS A 1 58  ? -6.055  1.302   -5.958  1.00 14.40 ? 58  HIS A CA  1 
ATOM   309  C  C   . HIS A 1 58  ? -6.134  1.058   -4.455  1.00 9.54  ? 58  HIS A C   1 
ATOM   310  O  O   . HIS A 1 58  ? -7.009  1.590   -3.765  1.00 11.68 ? 58  HIS A O   1 
ATOM   311  C  CB  . HIS A 1 58  ? -5.159  2.522   -6.120  1.00 14.53 ? 58  HIS A CB  1 
ATOM   312  C  CG  . HIS A 1 58  ? -4.841  2.897   -7.539  1.00 11.59 ? 58  HIS A CG  1 
ATOM   313  N  ND1 . HIS A 1 58  ? -4.069  2.113   -8.367  1.00 14.17 ? 58  HIS A ND1 1 
ATOM   314  C  CD2 . HIS A 1 58  ? -5.194  3.986   -8.271  1.00 13.59 ? 58  HIS A CD2 1 
ATOM   315  C  CE1 . HIS A 1 58  ? -3.956  2.701   -9.548  1.00 17.14 ? 58  HIS A CE1 1 
ATOM   316  N  NE2 . HIS A 1 58  ? -4.606  3.857   -9.507  1.00 12.11 ? 58  HIS A NE2 1 
ATOM   317  N  N   . ASN A 1 59  ? -5.102  0.409   -3.948  1.00 13.20 ? 59  ASN A N   1 
ATOM   318  C  CA  . ASN A 1 59  ? -4.855  0.414   -2.512  1.00 13.76 ? 59  ASN A CA  1 
ATOM   319  C  C   . ASN A 1 59  ? -3.376  0.619   -2.219  1.00 16.63 ? 59  ASN A C   1 
ATOM   320  O  O   . ASN A 1 59  ? -2.559  0.758   -3.137  1.00 12.55 ? 59  ASN A O   1 
ATOM   321  C  CB  . ASN A 1 59  ? -5.457  -0.829  -1.824  1.00 12.45 ? 59  ASN A CB  1 
ATOM   322  C  CG  . ASN A 1 59  ? -4.941  -2.141  -2.371  1.00 12.62 ? 59  ASN A CG  1 
ATOM   323  O  OD1 . ASN A 1 59  ? -3.872  -2.186  -2.925  1.00 15.09 ? 59  ASN A OD1 1 
ATOM   324  N  ND2 . ASN A 1 59  ? -5.716  -3.230  -2.210  1.00 13.32 ? 59  ASN A ND2 1 
ATOM   325  N  N   . TRP A 1 60  ? -3.066  0.711   -0.936  1.00 13.72 ? 60  TRP A N   1 
ATOM   326  C  CA  . TRP A 1 60  ? -1.679  0.888   -0.434  1.00 7.70  ? 60  TRP A CA  1 
ATOM   327  C  C   . TRP A 1 60  ? -1.536  -0.111  0.671   1.00 14.27 ? 60  TRP A C   1 
ATOM   328  O  O   . TRP A 1 60  ? -2.187  0.035   1.692   1.00 11.88 ? 60  TRP A O   1 
ATOM   329  C  CB  . TRP A 1 60  ? -1.462  2.295   0.107   1.00 11.35 ? 60  TRP A CB  1 
ATOM   330  C  CG  . TRP A 1 60  ? -0.066  2.586   0.576   1.00 13.33 ? 60  TRP A CG  1 
ATOM   331  C  CD1 . TRP A 1 60  ? 0.907   3.189   -0.135  1.00 11.90 ? 60  TRP A CD1 1 
ATOM   332  C  CD2 . TRP A 1 60  ? 0.466   2.371   1.890   1.00 14.74 ? 60  TRP A CD2 1 
ATOM   333  N  NE1 . TRP A 1 60  ? 2.067   3.285   0.617   1.00 15.35 ? 60  TRP A NE1 1 
ATOM   334  C  CE2 . TRP A 1 60  ? 1.811   2.817   1.876   1.00 14.76 ? 60  TRP A CE2 1 
ATOM   335  C  CE3 . TRP A 1 60  ? -0.036  1.809   3.056   1.00 17.02 ? 60  TRP A CE3 1 
ATOM   336  C  CZ2 . TRP A 1 60  ? 2.650   2.710   2.981   1.00 15.11 ? 60  TRP A CZ2 1 
ATOM   337  C  CZ3 . TRP A 1 60  ? 0.800   1.706   4.157   1.00 13.49 ? 60  TRP A CZ3 1 
ATOM   338  C  CH2 . TRP A 1 60  ? 2.117   2.178   4.122   1.00 15.99 ? 60  TRP A CH2 1 
ATOM   339  N  N   . ILE A 1 61  ? -0.731  -1.138  0.416   1.00 13.24 ? 61  ILE A N   1 
ATOM   340  C  CA  . ILE A 1 61  ? -0.539  -2.236  1.339   1.00 14.58 ? 61  ILE A CA  1 
ATOM   341  C  C   . ILE A 1 61  ? 0.946   -2.345  1.692   1.00 16.57 ? 61  ILE A C   1 
ATOM   342  O  O   . ILE A 1 61  ? 1.797   -2.511  0.813   1.00 14.95 ? 61  ILE A O   1 
ATOM   343  C  CB  . ILE A 1 61  ? -1.011  -3.572  0.720   1.00 17.40 ? 61  ILE A CB  1 
ATOM   344  C  CG1 . ILE A 1 61  ? -2.428  -3.460  0.119   1.00 13.52 ? 61  ILE A CG1 1 
ATOM   345  C  CG2 . ILE A 1 61  ? -0.904  -4.730  1.704   1.00 17.92 ? 61  ILE A CG2 1 
ATOM   346  C  CD1 . ILE A 1 61  ? -3.577  -3.057  1.030   1.00 20.79 ? 61  ILE A CD1 1 
ATOM   347  N  N   . LEU A 1 62  ? 1.237   -2.289  2.981   1.00 13.32 ? 62  LEU A N   1 
ATOM   348  C  CA  . LEU A 1 62  ? 2.590   -2.420  3.484   1.00 13.63 ? 62  LEU A CA  1 
ATOM   349  C  C   . LEU A 1 62  ? 2.863   -3.831  3.876   1.00 17.04 ? 62  LEU A C   1 
ATOM   350  O  O   . LEU A 1 62  ? 2.182   -4.381  4.740   1.00 16.34 ? 62  LEU A O   1 
ATOM   351  C  CB  . LEU A 1 62  ? 2.776   -1.543  4.709   1.00 12.38 ? 62  LEU A CB  1 
ATOM   352  C  CG  . LEU A 1 62  ? 4.151   -1.472  5.349   1.00 10.42 ? 62  LEU A CG  1 
ATOM   353  C  CD1 . LEU A 1 62  ? 5.191   -0.947  4.375   1.00 12.15 ? 62  LEU A CD1 1 
ATOM   354  C  CD2 . LEU A 1 62  ? 4.082   -0.557  6.521   1.00 12.78 ? 62  LEU A CD2 1 
ATOM   355  N  N   . VAL A 1 63  ? 3.858   -4.431  3.258   1.00 11.30 ? 63  VAL A N   1 
ATOM   356  C  CA  . VAL A 1 63  ? 4.052   -5.845  3.469   1.00 11.35 ? 63  VAL A CA  1 
ATOM   357  C  C   . VAL A 1 63  ? 5.387   -6.133  4.087   1.00 12.23 ? 63  VAL A C   1 
ATOM   358  O  O   . VAL A 1 63  ? 6.295   -5.294  4.075   1.00 18.36 ? 63  VAL A O   1 
ATOM   359  C  CB  . VAL A 1 63  ? 3.886   -6.647  2.197   1.00 23.23 ? 63  VAL A CB  1 
ATOM   360  C  CG1 . VAL A 1 63  ? 2.505   -6.394  1.587   1.00 21.82 ? 63  VAL A CG1 1 
ATOM   361  C  CG2 . VAL A 1 63  ? 4.957   -6.309  1.265   1.00 16.67 ? 63  VAL A CG2 1 
ATOM   362  N  N   . LYS A 1 64  ? 5.480   -7.362  4.594   1.00 13.55 ? 64  LYS A N   1 
ATOM   363  C  CA  . LYS A 1 64  ? 6.658   -7.927  5.197   1.00 22.35 ? 64  LYS A CA  1 
ATOM   364  C  C   . LYS A 1 64  ? 7.217   -8.907  4.164   1.00 25.94 ? 64  LYS A C   1 
ATOM   365  O  O   . LYS A 1 64  ? 6.477   -9.702  3.594   1.00 36.87 ? 64  LYS A O   1 
ATOM   366  C  CB  . LYS A 1 64  ? 6.210   -8.652  6.480   1.00 33.02 ? 64  LYS A CB  1 
ATOM   367  C  CG  . LYS A 1 64  ? 7.264   -9.001  7.489   1.00 32.73 ? 64  LYS A CG  1 
ATOM   368  C  CD  . LYS A 1 64  ? 6.639   -9.643  8.766   1.00 32.13 ? 64  LYS A CD  1 
ATOM   369  C  CE  . LYS A 1 64  ? 7.726   -10.040 9.798   1.00 41.63 ? 64  LYS A CE  1 
ATOM   370  N  NZ  . LYS A 1 64  ? 8.363   -11.363 9.510   1.00 40.73 ? 64  LYS A NZ  1 
ATOM   371  N  N   . GLY A 1 65  ? 8.507   -8.827  3.885   1.00 25.26 ? 65  GLY A N   1 
ATOM   372  C  CA  . GLY A 1 65  ? 9.153   -9.798  2.997   1.00 21.77 ? 65  GLY A CA  1 
ATOM   373  C  C   . GLY A 1 65  ? 9.558   -9.110  1.719   1.00 24.14 ? 65  GLY A C   1 
ATOM   374  O  O   . GLY A 1 65  ? 9.324   -7.912  1.532   1.00 26.24 ? 65  GLY A O   1 
ATOM   375  N  N   . GLY A 1 66  ? 10.128  -9.856  0.803   1.00 20.69 ? 66  GLY A N   1 
ATOM   376  C  CA  . GLY A 1 66  ? 10.644  -9.219  -0.399  1.00 24.05 ? 66  GLY A CA  1 
ATOM   377  C  C   . GLY A 1 66  ? 9.599   -9.130  -1.474  1.00 17.89 ? 66  GLY A C   1 
ATOM   378  O  O   . GLY A 1 66  ? 8.403   -9.261  -1.225  1.00 13.58 ? 66  GLY A O   1 
ATOM   379  N  N   . GLU A 1 67  ? 10.075  -8.962  -2.695  1.00 12.63 ? 67  GLU A N   1 
ATOM   380  C  CA  . GLU A 1 67  ? 9.240   -8.924  -3.854  1.00 16.11 ? 67  GLU A CA  1 
ATOM   381  C  C   . GLU A 1 67  ? 8.507   -10.240 -4.039  1.00 20.71 ? 67  GLU A C   1 
ATOM   382  O  O   . GLU A 1 67  ? 7.400   -10.259 -4.526  1.00 19.23 ? 67  GLU A O   1 
ATOM   383  C  CB  . GLU A 1 67  ? 10.081  -8.636  -5.109  1.00 13.90 ? 67  GLU A CB  1 
ATOM   384  C  CG  . GLU A 1 67  ? 10.783  -7.250  -5.134  1.00 15.76 ? 67  GLU A CG  1 
ATOM   385  C  CD  . GLU A 1 67  ? 9.883   -6.034  -5.408  1.00 18.57 ? 67  GLU A CD  1 
ATOM   386  O  OE1 . GLU A 1 67  ? 8.658   -6.177  -5.649  1.00 16.66 ? 67  GLU A OE1 1 
ATOM   387  O  OE2 . GLU A 1 67  ? 10.438  -4.903  -5.372  1.00 15.25 ? 67  GLU A OE2 1 
ATOM   388  N  N   . ALA A 1 68  ? 9.135   -11.361 -3.703  1.00 24.88 ? 68  ALA A N   1 
ATOM   389  C  CA  . ALA A 1 68  ? 8.423   -12.653 -3.757  1.00 18.77 ? 68  ALA A CA  1 
ATOM   390  C  C   . ALA A 1 68  ? 7.176   -12.693 -2.845  1.00 17.51 ? 68  ALA A C   1 
ATOM   391  O  O   . ALA A 1 68  ? 6.098   -13.200 -3.220  1.00 21.18 ? 68  ALA A O   1 
ATOM   392  C  CB  . ALA A 1 68  ? 9.387   -13.772 -3.388  1.00 24.87 ? 68  ALA A CB  1 
ATOM   393  N  N   . GLU A 1 69  ? 7.285   -12.140 -1.647  1.00 18.84 ? 69  GLU A N   1 
ATOM   394  C  CA  . GLU A 1 69  ? 6.129   -12.144 -0.772  1.00 18.96 ? 69  GLU A CA  1 
ATOM   395  C  C   . GLU A 1 69  ? 5.069   -11.183 -1.351  1.00 19.82 ? 69  GLU A C   1 
ATOM   396  O  O   . GLU A 1 69  ? 3.885   -11.497 -1.337  1.00 18.75 ? 69  GLU A O   1 
ATOM   397  C  CB  . GLU A 1 69  ? 6.509   -11.824 0.665   1.00 24.14 ? 69  GLU A CB  1 
ATOM   398  C  CG  . GLU A 1 69  ? 5.351   -11.969 1.647   1.00 25.04 ? 69  GLU A CG  1 
ATOM   399  C  CD  . GLU A 1 69  ? 4.579   -13.296 1.491   1.00 31.34 ? 69  GLU A CD  1 
ATOM   400  O  OE1 . GLU A 1 69  ? 5.221   -14.364 1.362   1.00 38.31 ? 69  GLU A OE1 1 
ATOM   401  O  OE2 . GLU A 1 69  ? 3.325   -13.265 1.458   1.00 38.29 ? 69  GLU A OE2 1 
ATOM   402  N  N   . ALA A 1 70  ? 5.506   -10.040 -1.897  1.00 15.34 ? 70  ALA A N   1 
ATOM   403  C  CA  . ALA A 1 70  ? 4.603   -9.079  -2.572  1.00 11.84 ? 70  ALA A CA  1 
ATOM   404  C  C   . ALA A 1 70  ? 3.836   -9.742  -3.721  1.00 15.37 ? 70  ALA A C   1 
ATOM   405  O  O   . ALA A 1 70  ? 2.610   -9.581  -3.865  1.00 12.97 ? 70  ALA A O   1 
ATOM   406  C  CB  . ALA A 1 70  ? 5.407   -7.891  -3.106  1.00 13.34 ? 70  ALA A CB  1 
ATOM   407  N  N   . ALA A 1 71  ? 4.556   -10.473 -4.557  1.00 13.71 ? 71  ALA A N   1 
ATOM   408  C  CA  . ALA A 1 71  ? 3.918   -11.104 -5.701  1.00 18.67 ? 71  ALA A CA  1 
ATOM   409  C  C   . ALA A 1 71  ? 2.894   -12.154 -5.260  1.00 19.80 ? 71  ALA A C   1 
ATOM   410  O  O   . ALA A 1 71  ? 1.795   -12.272 -5.840  1.00 20.32 ? 71  ALA A O   1 
ATOM   411  C  CB  . ALA A 1 71  ? 4.947   -11.737 -6.603  1.00 17.01 ? 71  ALA A CB  1 
ATOM   412  N  N   . ASN A 1 72  ? 3.257   -12.916 -4.239  1.00 20.18 ? 72  ASN A N   1 
ATOM   413  C  CA  . ASN A 1 72  ? 2.345   -13.893 -3.643  1.00 23.61 ? 72  ASN A CA  1 
ATOM   414  C  C   . ASN A 1 72  ? 1.049   -13.247 -3.122  1.00 19.43 ? 72  ASN A C   1 
ATOM   415  O  O   . ASN A 1 72  ? -0.043  -13.756 -3.371  1.00 16.97 ? 72  ASN A O   1 
ATOM   416  C  CB  . ASN A 1 72  ? 3.081   -14.670 -2.542  1.00 28.16 ? 72  ASN A CB  1 
ATOM   417  C  CG  . ASN A 1 72  ? 2.172   -15.646 -1.789  1.00 40.49 ? 72  ASN A CG  1 
ATOM   418  O  OD1 . ASN A 1 72  ? 1.766   -15.375 -0.644  1.00 47.51 ? 72  ASN A OD1 1 
ATOM   419  N  ND2 . ASN A 1 72  ? 1.855   -16.785 -2.418  1.00 46.52 ? 72  ASN A ND2 1 
ATOM   420  N  N   . ILE A 1 73  ? 1.181   -12.141 -2.393  1.00 20.53 ? 73  ILE A N   1 
ATOM   421  C  CA  . ILE A 1 73  ? 0.036   -11.438 -1.856  1.00 13.48 ? 73  ILE A CA  1 
ATOM   422  C  C   . ILE A 1 73  ? -0.834  -10.890 -2.983  1.00 19.19 ? 73  ILE A C   1 
ATOM   423  O  O   . ILE A 1 73  ? -2.041  -11.186 -3.066  1.00 20.07 ? 73  ILE A O   1 
ATOM   424  C  CB  . ILE A 1 73  ? 0.475   -10.306 -0.891  1.00 16.20 ? 73  ILE A CB  1 
ATOM   425  C  CG1 . ILE A 1 73  ? 1.036   -10.919 0.377   1.00 18.88 ? 73  ILE A CG1 1 
ATOM   426  C  CG2 . ILE A 1 73  ? -0.697  -9.402  -0.566  1.00 18.71 ? 73  ILE A CG2 1 
ATOM   427  C  CD1 . ILE A 1 73  ? 1.809   -9.985  1.191   1.00 13.96 ? 73  ILE A CD1 1 
ATOM   428  N  N   . ALA A 1 74  ? -0.239  -10.136 -3.888  1.00 17.21 ? 74  ALA A N   1 
ATOM   429  C  CA  . ALA A 1 74  ? -1.006  -9.678  -5.071  1.00 16.08 ? 74  ALA A CA  1 
ATOM   430  C  C   . ALA A 1 74  ? -1.666  -10.841 -5.816  1.00 17.69 ? 74  ALA A C   1 
ATOM   431  O  O   . ALA A 1 74  ? -2.836  -10.763 -6.216  1.00 14.61 ? 74  ALA A O   1 
ATOM   432  C  CB  . ALA A 1 74  ? -0.125  -8.874  -6.009  1.00 19.53 ? 74  ALA A CB  1 
ATOM   433  N  N   . ASN A 1 75  ? -0.949  -11.940 -5.995  1.00 17.18 ? 75  ASN A N   1 
ATOM   434  C  CA  . ASN A 1 75  ? -1.544  -13.050 -6.740  1.00 21.15 ? 75  ASN A CA  1 
ATOM   435  C  C   . ASN A 1 75  ? -2.777  -13.628 -6.027  1.00 15.04 ? 75  ASN A C   1 
ATOM   436  O  O   . ASN A 1 75  ? -3.777  -13.968 -6.682  1.00 20.17 ? 75  ASN A O   1 
ATOM   437  C  CB  . ASN A 1 75  ? -0.527  -14.148 -7.003  1.00 23.48 ? 75  ASN A CB  1 
ATOM   438  C  CG  . ASN A 1 75  ? -1.115  -15.278 -7.772  1.00 31.65 ? 75  ASN A CG  1 
ATOM   439  O  OD1 . ASN A 1 75  ? -1.332  -15.184 -8.982  1.00 30.57 ? 75  ASN A OD1 1 
ATOM   440  N  ND2 . ASN A 1 75  ? -1.402  -16.364 -7.079  1.00 24.96 ? 75  ASN A ND2 1 
ATOM   441  N  N   . ALA A 1 76  ? -2.704  -13.723 -4.695  1.00 21.65 ? 76  ALA A N   1 
ATOM   442  C  CA  . ALA A 1 76  ? -3.825  -14.172 -3.876  1.00 18.61 ? 76  ALA A CA  1 
ATOM   443  C  C   . ALA A 1 76  ? -5.007  -13.230 -4.052  1.00 16.57 ? 76  ALA A C   1 
ATOM   444  O  O   . ALA A 1 76  ? -6.160  -13.660 -4.119  1.00 14.16 ? 76  ALA A O   1 
ATOM   445  C  CB  . ALA A 1 76  ? -3.418  -14.240 -2.397  1.00 21.79 ? 76  ALA A CB  1 
ATOM   446  N  N   . GLY A 1 77  ? -4.723  -11.941 -4.190  1.00 16.24 ? 77  GLY A N   1 
ATOM   447  C  CA  . GLY A 1 77  ? -5.763  -10.953 -4.342  1.00 18.93 ? 77  GLY A CA  1 
ATOM   448  C  C   . GLY A 1 77  ? -6.593  -11.136 -5.600  1.00 19.95 ? 77  GLY A C   1 
ATOM   449  O  O   . GLY A 1 77  ? -7.737  -10.721 -5.659  1.00 20.52 ? 77  GLY A O   1 
ATOM   450  N  N   . LEU A 1 78  ? -6.019  -11.743 -6.627  1.00 11.37 ? 78  LEU A N   1 
ATOM   451  C  CA  . LEU A 1 78  ? -6.776  -11.959 -7.885  1.00 11.60 ? 78  LEU A CA  1 
ATOM   452  C  C   . LEU A 1 78  ? -8.041  -12.764 -7.692  1.00 20.30 ? 78  LEU A C   1 
ATOM   453  O  O   . LEU A 1 78  ? -9.027  -12.593 -8.432  1.00 18.11 ? 78  LEU A O   1 
ATOM   454  C  CB  . LEU A 1 78  ? -5.913  -12.667 -8.931  1.00 11.01 ? 78  LEU A CB  1 
ATOM   455  C  CG  . LEU A 1 78  ? -4.754  -11.901 -9.532  1.00 14.96 ? 78  LEU A CG  1 
ATOM   456  C  CD1 . LEU A 1 78  ? -4.016  -12.823 -10.465 1.00 14.23 ? 78  LEU A CD1 1 
ATOM   457  C  CD2 . LEU A 1 78  ? -5.208  -10.637 -10.272 1.00 13.66 ? 78  LEU A CD2 1 
ATOM   458  N  N   . SER A 1 79  ? -8.011  -13.680 -6.738  1.00 13.26 ? 79  SER A N   1 
ATOM   459  C  CA  . SER A 1 79  ? -9.148  -14.539 -6.548  1.00 17.89 ? 79  SER A CA  1 
ATOM   460  C  C   . SER A 1 79  ? -9.842  -14.173 -5.244  1.00 17.69 ? 79  SER A C   1 
ATOM   461  O  O   . SER A 1 79  ? -10.954 -14.626 -4.971  1.00 19.50 ? 79  SER A O   1 
ATOM   462  C  CB  . SER A 1 79  ? -8.712  -16.002 -6.613  1.00 19.85 ? 79  SER A CB  1 
ATOM   463  O  OG  . SER A 1 79  ? -7.817  -16.281 -5.564  1.00 23.39 ? 79  SER A OG  1 
ATOM   464  N  N   . ALA A 1 80  ? -9.208  -13.325 -4.444  1.00 15.14 ? 80  ALA A N   1 
ATOM   465  C  CA  . ALA A 1 80  ? -9.864  -12.760 -3.246  1.00 17.35 ? 80  ALA A CA  1 
ATOM   466  C  C   . ALA A 1 80  ? -10.985 -11.775 -3.593  1.00 20.92 ? 80  ALA A C   1 
ATOM   467  O  O   . ALA A 1 80  ? -12.035 -11.777 -2.960  1.00 16.03 ? 80  ALA A O   1 
ATOM   468  C  CB  . ALA A 1 80  ? -8.860  -12.076 -2.405  1.00 15.82 ? 80  ALA A CB  1 
ATOM   469  N  N   . GLY A 1 81  ? -10.733 -10.897 -4.567  1.00 19.67 ? 81  GLY A N   1 
ATOM   470  C  CA  . GLY A 1 81  ? -11.734 -9.960  -5.055  1.00 12.33 ? 81  GLY A CA  1 
ATOM   471  C  C   . GLY A 1 81  ? -11.907 -8.713  -4.218  1.00 16.53 ? 81  GLY A C   1 
ATOM   472  O  O   . GLY A 1 81  ? -11.280 -8.586  -3.180  1.00 16.66 ? 81  GLY A O   1 
ATOM   473  N  N   . PRO A 1 82  ? -12.762 -7.774  -4.675  1.00 15.88 ? 82  PRO A N   1 
ATOM   474  C  CA  . PRO A 1 82  ? -12.791 -6.431  -4.081  1.00 18.56 ? 82  PRO A CA  1 
ATOM   475  C  C   . PRO A 1 82  ? -13.318 -6.350  -2.638  1.00 23.06 ? 82  PRO A C   1 
ATOM   476  O  O   . PRO A 1 82  ? -12.830 -5.527  -1.845  1.00 21.65 ? 82  PRO A O   1 
ATOM   477  C  CB  . PRO A 1 82  ? -13.649 -5.612  -5.053  1.00 20.21 ? 82  PRO A CB  1 
ATOM   478  C  CG  . PRO A 1 82  ? -14.396 -6.601  -5.862  1.00 20.23 ? 82  PRO A CG  1 
ATOM   479  C  CD  . PRO A 1 82  ? -13.658 -7.896  -5.830  1.00 18.31 ? 82  PRO A CD  1 
ATOM   480  N  N   . ALA A 1 83  ? -14.258 -7.211  -2.273  1.00 21.91 ? 83  ALA A N   1 
ATOM   481  C  CA  . ALA A 1 83  ? -14.809 -7.150  -0.932  1.00 27.46 ? 83  ALA A CA  1 
ATOM   482  C  C   . ALA A 1 83  ? -13.768 -7.524  0.146   1.00 25.25 ? 83  ALA A C   1 
ATOM   483  O  O   . ALA A 1 83  ? -13.929 -7.147  1.294   1.00 33.08 ? 83  ALA A O   1 
ATOM   484  C  CB  . ALA A 1 83  ? -16.045 -8.014  -0.828  1.00 30.19 ? 83  ALA A CB  1 
ATOM   485  N  N   . ALA A 1 84  ? -12.709 -8.240  -0.245  1.00 19.42 ? 84  ALA A N   1 
ATOM   486  C  CA  . ALA A 1 84  ? -11.566 -8.571  0.609   1.00 17.07 ? 84  ALA A CA  1 
ATOM   487  C  C   . ALA A 1 84  ? -10.365 -7.692  0.298   1.00 15.17 ? 84  ALA A C   1 
ATOM   488  O  O   . ALA A 1 84  ? -9.226  -8.061  0.611   1.00 16.17 ? 84  ALA A O   1 
ATOM   489  C  CB  . ALA A 1 84  ? -11.172 -10.010 0.405   1.00 16.72 ? 84  ALA A CB  1 
ATOM   490  N  N   . ASN A 1 85  ? -10.613 -6.560  -0.361  1.00 17.06 ? 85  ASN A N   1 
ATOM   491  C  CA  . ASN A 1 85  ? -9.564  -5.610  -0.711  1.00 18.45 ? 85  ASN A CA  1 
ATOM   492  C  C   . ASN A 1 85  ? -8.506  -6.285  -1.569  1.00 17.20 ? 85  ASN A C   1 
ATOM   493  O  O   . ASN A 1 85  ? -7.347  -5.929  -1.497  1.00 17.76 ? 85  ASN A O   1 
ATOM   494  C  CB  . ASN A 1 85  ? -8.937  -5.006  0.572   1.00 16.36 ? 85  ASN A CB  1 
ATOM   495  C  CG  . ASN A 1 85  ? -8.217  -3.627  0.340   1.00 19.07 ? 85  ASN A CG  1 
ATOM   496  O  OD1 . ASN A 1 85  ? -8.242  -3.046  -0.748  1.00 21.79 ? 85  ASN A OD1 1 
ATOM   497  N  ND2 . ASN A 1 85  ? -7.588  -3.121  1.392   1.00 16.22 ? 85  ASN A ND2 1 
ATOM   498  N  N   . TYR A 1 86  ? -8.903  -7.254  -2.398  1.00 12.43 ? 86  TYR A N   1 
ATOM   499  C  CA  . TYR A 1 86  ? -7.939  -8.004  -3.209  1.00 13.36 ? 86  TYR A CA  1 
ATOM   500  C  C   . TYR A 1 86  ? -6.770  -8.429  -2.342  1.00 16.89 ? 86  TYR A C   1 
ATOM   501  O  O   . TYR A 1 86  ? -5.613  -8.284  -2.731  1.00 10.70 ? 86  TYR A O   1 
ATOM   502  C  CB  . TYR A 1 86  ? -7.453  -7.180  -4.401  1.00 11.62 ? 86  TYR A CB  1 
ATOM   503  C  CG  . TYR A 1 86  ? -8.568  -6.793  -5.356  1.00 14.85 ? 86  TYR A CG  1 
ATOM   504  C  CD1 . TYR A 1 86  ? -9.092  -5.521  -5.348  1.00 15.92 ? 86  TYR A CD1 1 
ATOM   505  C  CD2 . TYR A 1 86  ? -9.104  -7.714  -6.254  1.00 17.12 ? 86  TYR A CD2 1 
ATOM   506  C  CE1 . TYR A 1 86  ? -10.109 -5.156  -6.232  1.00 12.90 ? 86  TYR A CE1 1 
ATOM   507  C  CE2 . TYR A 1 86  ? -10.132 -7.359  -7.147  1.00 12.72 ? 86  TYR A CE2 1 
ATOM   508  C  CZ  . TYR A 1 86  ? -10.626 -6.063  -7.110  1.00 12.12 ? 86  TYR A CZ  1 
ATOM   509  O  OH  . TYR A 1 86  ? -11.642 -5.696  -7.970  1.00 13.46 ? 86  TYR A OH  1 
ATOM   510  N  N   . LEU A 1 87  ? -7.078  -8.968  -1.169  1.00 16.53 ? 87  LEU A N   1 
ATOM   511  C  CA  . LEU A 1 87  ? -6.033  -9.427  -0.248  1.00 14.30 ? 87  LEU A CA  1 
ATOM   512  C  C   . LEU A 1 87  ? -6.402  -10.747 0.386   1.00 15.74 ? 87  LEU A C   1 
ATOM   513  O  O   . LEU A 1 87  ? -7.578  -11.075 0.503   1.00 13.80 ? 87  LEU A O   1 
ATOM   514  C  CB  . LEU A 1 87  ? -5.851  -8.412  0.875   1.00 17.10 ? 87  LEU A CB  1 
ATOM   515  C  CG  . LEU A 1 87  ? -5.024  -7.177  0.578   1.00 16.46 ? 87  LEU A CG  1 
ATOM   516  C  CD1 . LEU A 1 87  ? -5.101  -6.309  1.820   1.00 19.95 ? 87  LEU A CD1 1 
ATOM   517  C  CD2 . LEU A 1 87  ? -3.592  -7.526  0.250   1.00 23.42 ? 87  LEU A CD2 1 
ATOM   518  N  N   . PRO A 1 88  ? -5.388  -11.514 0.793   1.00 14.63 ? 88  PRO A N   1 
ATOM   519  C  CA  . PRO A 1 88  ? -5.653  -12.717 1.587   1.00 16.21 ? 88  PRO A CA  1 
ATOM   520  C  C   . PRO A 1 88  ? -6.083  -12.392 3.013   1.00 16.55 ? 88  PRO A C   1 
ATOM   521  O  O   . PRO A 1 88  ? -5.652  -11.379 3.600   1.00 15.97 ? 88  PRO A O   1 
ATOM   522  C  CB  . PRO A 1 88  ? -4.306  -13.426 1.608   1.00 14.52 ? 88  PRO A CB  1 
ATOM   523  C  CG  . PRO A 1 88  ? -3.333  -12.358 1.464   1.00 16.53 ? 88  PRO A CG  1 
ATOM   524  C  CD  . PRO A 1 88  ? -3.953  -11.300 0.578   1.00 17.96 ? 88  PRO A CD  1 
ATOM   525  N  N   . ALA A 1 89  ? -6.915  -13.277 3.557   1.00 15.31 ? 89  ALA A N   1 
ATOM   526  C  CA  . ALA A 1 89  ? -7.388  -13.182 4.943   1.00 13.13 ? 89  ALA A CA  1 
ATOM   527  C  C   . ALA A 1 89  ? -6.237  -13.467 5.940   1.00 15.48 ? 89  ALA A C   1 
ATOM   528  O  O   . ALA A 1 89  ? -6.265  -13.022 7.074   1.00 13.89 ? 89  ALA A O   1 
ATOM   529  C  CB  . ALA A 1 89  ? -8.529  -14.144 5.160   1.00 14.63 ? 89  ALA A CB  1 
ATOM   530  N  N   . ASP A 1 90  ? -5.214  -14.176 5.478   1.00 11.69 ? 90  ASP A N   1 
ATOM   531  C  CA  . ASP A 1 90  ? -3.975  -14.349 6.228   1.00 11.43 ? 90  ASP A CA  1 
ATOM   532  C  C   . ASP A 1 90  ? -3.166  -13.046 6.182   1.00 19.05 ? 90  ASP A C   1 
ATOM   533  O  O   . ASP A 1 90  ? -2.715  -12.561 5.106   1.00 14.83 ? 90  ASP A O   1 
ATOM   534  C  CB  . ASP A 1 90  ? -3.191  -15.527 5.661   1.00 15.69 ? 90  ASP A CB  1 
ATOM   535  C  CG  . ASP A 1 90  ? -1.891  -15.824 6.419   1.00 19.99 ? 90  ASP A CG  1 
ATOM   536  O  OD1 . ASP A 1 90  ? -1.488  -15.060 7.327   1.00 20.14 ? 90  ASP A OD1 1 
ATOM   537  O  OD2 . ASP A 1 90  ? -1.261  -16.846 6.063   1.00 17.61 ? 90  ASP A OD2 1 
ATOM   538  N  N   . LYS A 1 91  ? -3.006  -12.465 7.366   1.00 12.83 ? 91  LYS A N   1 
ATOM   539  C  CA  . LYS A 1 91  ? -2.306  -11.162 7.524   1.00 13.67 ? 91  LYS A CA  1 
ATOM   540  C  C   . LYS A 1 91  ? -0.906  -11.311 8.121   1.00 14.73 ? 91  LYS A C   1 
ATOM   541  O  O   . LYS A 1 91  ? -0.314  -10.335 8.593   1.00 14.38 ? 91  LYS A O   1 
ATOM   542  C  CB  . LYS A 1 91  ? -3.145  -10.192 8.409   1.00 12.32 ? 91  LYS A CB  1 
ATOM   543  C  CG  . LYS A 1 91  ? -4.604  -10.000 7.976   1.00 13.59 ? 91  LYS A CG  1 
ATOM   544  C  CD  . LYS A 1 91  ? -4.751  -9.448  6.547   1.00 15.38 ? 91  LYS A CD  1 
ATOM   545  C  CE  . LYS A 1 91  ? -6.213  -9.329  6.144   1.00 17.19 ? 91  LYS A CE  1 
ATOM   546  N  NZ  . LYS A 1 91  ? -6.451  -8.990  4.701   1.00 16.59 ? 91  LYS A NZ  1 
ATOM   547  N  N   . SER A 1 92  ? -0.339  -12.517 8.074   1.00 17.21 ? 92  SER A N   1 
ATOM   548  C  CA  . SER A 1 92  ? 0.983   -12.761 8.652   1.00 19.26 ? 92  SER A CA  1 
ATOM   549  C  C   . SER A 1 92  ? 2.059   -11.826 8.068   1.00 15.35 ? 92  SER A C   1 
ATOM   550  O  O   . SER A 1 92  ? 2.928   -11.365 8.772   1.00 15.65 ? 92  SER A O   1 
ATOM   551  C  CB  . SER A 1 92  ? 1.377   -14.246 8.498   1.00 19.60 ? 92  SER A CB  1 
ATOM   552  O  OG  . SER A 1 92  ? 0.403   -15.115 9.089   1.00 18.40 ? 92  SER A OG  1 
ATOM   553  N  N   . ASN A 1 93  ? 1.969   -11.514 6.792   1.00 14.80 ? 93  ASN A N   1 
ATOM   554  C  CA  . ASN A 1 93  ? 2.970   -10.677 6.140   1.00 14.83 ? 93  ASN A CA  1 
ATOM   555  C  C   . ASN A 1 93  ? 2.422   -9.325  5.660   1.00 17.08 ? 93  ASN A C   1 
ATOM   556  O  O   . ASN A 1 93  ? 2.979   -8.708  4.765   1.00 19.46 ? 93  ASN A O   1 
ATOM   557  C  CB  . ASN A 1 93  ? 3.569   -11.457 4.961   1.00 20.98 ? 93  ASN A CB  1 
ATOM   558  C  CG  . ASN A 1 93  ? 4.432   -12.605 5.415   1.00 22.56 ? 93  ASN A CG  1 
ATOM   559  O  OD1 . ASN A 1 93  ? 5.381   -12.405 6.141   1.00 25.20 ? 93  ASN A OD1 1 
ATOM   560  N  ND2 . ASN A 1 93  ? 4.107   -13.804 4.985   1.00 25.06 ? 93  ASN A ND2 1 
ATOM   561  N  N   . ILE A 1 94  ? 1.324   -8.892  6.250   1.00 13.45 ? 94  ILE A N   1 
ATOM   562  C  CA  . ILE A 1 94  ? 0.730   -7.614  5.975   1.00 9.91  ? 94  ILE A CA  1 
ATOM   563  C  C   . ILE A 1 94  ? 0.828   -6.818  7.264   1.00 12.23 ? 94  ILE A C   1 
ATOM   564  O  O   . ILE A 1 94  ? 0.302   -7.226  8.328   1.00 13.91 ? 94  ILE A O   1 
ATOM   565  C  CB  . ILE A 1 94  ? -0.715  -7.770  5.442   1.00 10.84 ? 94  ILE A CB  1 
ATOM   566  C  CG1 . ILE A 1 94  ? -0.671  -8.459  4.066   1.00 12.86 ? 94  ILE A CG1 1 
ATOM   567  C  CG2 . ILE A 1 94  ? -1.442  -6.459  5.343   1.00 16.24 ? 94  ILE A CG2 1 
ATOM   568  C  CD1 . ILE A 1 94  ? -2.012  -9.026  3.611   1.00 21.26 ? 94  ILE A CD1 1 
ATOM   569  N  N   . ILE A 1 95  ? 1.488   -5.667  7.171   1.00 11.26 ? 95  ILE A N   1 
ATOM   570  C  CA  . ILE A 1 95  ? 1.674   -4.782  8.311   1.00 11.74 ? 95  ILE A CA  1 
ATOM   571  C  C   . ILE A 1 95  ? 0.531   -3.795  8.435   1.00 16.15 ? 95  ILE A C   1 
ATOM   572  O  O   . ILE A 1 95  ? 0.054   -3.495  9.553   1.00 15.60 ? 95  ILE A O   1 
ATOM   573  C  CB  . ILE A 1 95  ? 3.012   -4.035  8.216   1.00 12.65 ? 95  ILE A CB  1 
ATOM   574  C  CG1 . ILE A 1 95  ? 4.168   -5.051  8.268   1.00 16.89 ? 95  ILE A CG1 1 
ATOM   575  C  CG2 . ILE A 1 95  ? 3.136   -3.059  9.357   1.00 21.36 ? 95  ILE A CG2 1 
ATOM   576  C  CD1 . ILE A 1 95  ? 5.505   -4.494  7.908   1.00 21.10 ? 95  ILE A CD1 1 
ATOM   577  N  N   . ALA A 1 96  ? 0.118   -3.247  7.300   1.00 11.83 ? 96  ALA A N   1 
ATOM   578  C  CA  . ALA A 1 96  ? -0.981  -2.289  7.288   1.00 14.43 ? 96  ALA A CA  1 
ATOM   579  C  C   . ALA A 1 96  ? -1.653  -2.307  5.923   1.00 17.80 ? 96  ALA A C   1 
ATOM   580  O  O   . ALA A 1 96  ? -0.991  -2.627  4.919   1.00 16.10 ? 96  ALA A O   1 
ATOM   581  C  CB  . ALA A 1 96  ? -0.449  -0.899  7.627   1.00 16.40 ? 96  ALA A CB  1 
ATOM   582  N  N   . GLU A 1 97  ? -2.968  -2.026  5.912   1.00 17.63 ? 97  GLU A N   1 
ATOM   583  C  CA  . GLU A 1 97  ? -3.755  -1.987  4.689   1.00 12.39 ? 97  GLU A CA  1 
ATOM   584  C  C   . GLU A 1 97  ? -4.600  -0.740  4.611   1.00 15.59 ? 97  GLU A C   1 
ATOM   585  O  O   . GLU A 1 97  ? -5.445  -0.504  5.482   1.00 16.18 ? 97  GLU A O   1 
ATOM   586  C  CB  . GLU A 1 97  ? -4.765  -3.145  4.593   1.00 20.01 ? 97  GLU A CB  1 
ATOM   587  C  CG  . GLU A 1 97  ? -4.304  -4.518  4.799   1.00 18.74 ? 97  GLU A CG  1 
ATOM   588  C  CD  . GLU A 1 97  ? -5.494  -5.489  4.989   1.00 19.24 ? 97  GLU A CD  1 
ATOM   589  O  OE1 . GLU A 1 97  ? -6.667  -5.093  4.803   1.00 26.27 ? 97  GLU A OE1 1 
ATOM   590  O  OE2 . GLU A 1 97  ? -5.253  -6.654  5.316   1.00 23.48 ? 97  GLU A OE2 1 
ATOM   591  N  N   . SER A 1 98  ? -4.431  0.020   3.536   1.00 13.40 ? 98  SER A N   1 
ATOM   592  C  CA  . SER A 1 98  ? -5.396  1.064   3.234   1.00 13.44 ? 98  SER A CA  1 
ATOM   593  C  C   . SER A 1 98  ? -6.731  0.401   2.849   1.00 12.35 ? 98  SER A C   1 
ATOM   594  O  O   . SER A 1 98  ? -6.768  -0.700  2.306   1.00 13.92 ? 98  SER A O   1 
ATOM   595  C  CB  . SER A 1 98  ? -4.927  1.997   2.124   1.00 20.54 ? 98  SER A CB  1 
ATOM   596  O  OG  . SER A 1 98  ? -5.161  1.411   0.873   1.00 16.16 ? 98  SER A OG  1 
ATOM   597  N  N   . PRO A 1 99  ? -7.837  1.081   3.134   1.00 19.94 ? 99  PRO A N   1 
ATOM   598  C  CA  . PRO A 1 99  ? -9.062  0.692   2.486   1.00 17.12 ? 99  PRO A CA  1 
ATOM   599  C  C   . PRO A 1 99  ? -8.857  0.765   0.967   1.00 21.59 ? 99  PRO A C   1 
ATOM   600  O  O   . PRO A 1 99  ? -7.929  1.423   0.496   1.00 19.91 ? 99  PRO A O   1 
ATOM   601  C  CB  . PRO A 1 99  ? -10.038 1.780   2.947   1.00 17.69 ? 99  PRO A CB  1 
ATOM   602  C  CG  . PRO A 1 99  ? -9.490  2.267   4.191   1.00 20.31 ? 99  PRO A CG  1 
ATOM   603  C  CD  . PRO A 1 99  ? -8.027  2.240   4.003   1.00 16.26 ? 99  PRO A CD  1 
ATOM   604  N  N   . LEU A 1 100 ? -9.741  0.118   0.218   1.00 15.37 ? 100 LEU A N   1 
ATOM   605  C  CA  . LEU A 1 100 ? -9.724  0.165   -1.214  1.00 16.13 ? 100 LEU A CA  1 
ATOM   606  C  C   . LEU A 1 100 ? -10.230 1.497   -1.697  1.00 18.03 ? 100 LEU A C   1 
ATOM   607  O  O   . LEU A 1 100 ? -11.314 1.910   -1.343  1.00 16.87 ? 100 LEU A O   1 
ATOM   608  C  CB  . LEU A 1 100 ? -10.608 -0.932  -1.759  1.00 19.96 ? 100 LEU A CB  1 
ATOM   609  C  CG  . LEU A 1 100 ? -10.590 -1.287  -3.238  1.00 19.95 ? 100 LEU A CG  1 
ATOM   610  C  CD1 . LEU A 1 100 ? -9.220  -1.624  -3.754  1.00 20.03 ? 100 LEU A CD1 1 
ATOM   611  C  CD2 . LEU A 1 100 ? -11.474 -2.487  -3.434  1.00 18.16 ? 100 LEU A CD2 1 
ATOM   612  N  N   . ALA A 1 101 ? -9.463  2.169   -2.540  1.00 12.54 ? 101 ALA A N   1 
ATOM   613  C  CA  . ALA A 1 101 ? -9.874  3.491   -2.977  1.00 19.66 ? 101 ALA A CA  1 
ATOM   614  C  C   . ALA A 1 101 ? -10.445 3.419   -4.386  1.00 20.50 ? 101 ALA A C   1 
ATOM   615  O  O   . ALA A 1 101 ? -9.783  3.004   -5.319  1.00 15.25 ? 101 ALA A O   1 
ATOM   616  C  CB  . ALA A 1 101 ? -8.756  4.445   -2.887  1.00 22.60 ? 101 ALA A CB  1 
ATOM   617  N  N   . ASN A 1 102 ? -11.706 3.814   -4.523  1.00 15.13 ? 102 ASN A N   1 
ATOM   618  C  CA  . ASN A 1 102 ? -12.344 3.941   -5.822  1.00 16.61 ? 102 ASN A CA  1 
ATOM   619  C  C   . ASN A 1 102 ? -11.933 5.213   -6.505  1.00 18.94 ? 102 ASN A C   1 
ATOM   620  O  O   . ASN A 1 102 ? -11.167 6.010   -5.947  1.00 20.78 ? 102 ASN A O   1 
ATOM   621  C  CB  . ASN A 1 102 ? -13.863 3.854   -5.656  1.00 25.92 ? 102 ASN A CB  1 
ATOM   622  C  CG  . ASN A 1 102 ? -14.304 2.459   -5.238  1.00 32.58 ? 102 ASN A CG  1 
ATOM   623  O  OD1 . ASN A 1 102 ? -13.669 1.465   -5.590  1.00 27.43 ? 102 ASN A OD1 1 
ATOM   624  N  ND2 . ASN A 1 102 ? -15.376 2.381   -4.495  1.00 34.92 ? 102 ASN A ND2 1 
ATOM   625  N  N   . GLY A 1 103 ? -12.425 5.408   -7.725  1.00 19.51 ? 103 GLY A N   1 
ATOM   626  C  CA  . GLY A 1 103 ? -12.105 6.608   -8.508  1.00 17.88 ? 103 GLY A CA  1 
ATOM   627  C  C   . GLY A 1 103 ? -12.232 7.916   -7.728  1.00 23.19 ? 103 GLY A C   1 
ATOM   628  O  O   . GLY A 1 103 ? -13.235 8.145   -7.059  1.00 19.82 ? 103 GLY A O   1 
ATOM   629  N  N   . ASN A 1 104 ? -11.189 8.747   -7.788  1.00 18.92 ? 104 ASN A N   1 
ATOM   630  C  CA  . ASN A 1 104 ? -11.144 10.052  -7.131  1.00 23.47 ? 104 ASN A CA  1 
ATOM   631  C  C   . ASN A 1 104 ? -11.313 10.027  -5.608  1.00 21.51 ? 104 ASN A C   1 
ATOM   632  O  O   . ASN A 1 104 ? -11.519 11.051  -5.009  1.00 22.15 ? 104 ASN A O   1 
ATOM   633  C  CB  . ASN A 1 104 ? -12.138 11.012  -7.777  1.00 27.17 ? 104 ASN A CB  1 
ATOM   634  C  CG  . ASN A 1 104 ? -11.832 11.265  -9.242  1.00 27.84 ? 104 ASN A CG  1 
ATOM   635  O  OD1 . ASN A 1 104 ? -12.702 11.156  -10.097 1.00 33.31 ? 104 ASN A OD1 1 
ATOM   636  N  ND2 . ASN A 1 104 ? -10.587 11.597  -9.533  1.00 20.46 ? 104 ASN A ND2 1 
ATOM   637  N  N   . GLU A 1 105 ? -11.157 8.871   -4.980  1.00 17.70 ? 105 GLU A N   1 
ATOM   638  C  CA  . GLU A 1 105 ? -11.381 8.734   -3.552  1.00 18.45 ? 105 GLU A CA  1 
ATOM   639  C  C   . GLU A 1 105 ? -10.090 8.878   -2.759  1.00 21.66 ? 105 GLU A C   1 
ATOM   640  O  O   . GLU A 1 105 ? -9.034  8.454   -3.199  1.00 18.81 ? 105 GLU A O   1 
ATOM   641  C  CB  . GLU A 1 105 ? -12.021 7.375   -3.267  1.00 25.10 ? 105 GLU A CB  1 
ATOM   642  C  CG  . GLU A 1 105 ? -12.403 7.138   -1.817  1.00 34.16 ? 105 GLU A CG  1 
ATOM   643  C  CD  . GLU A 1 105 ? -13.164 5.809   -1.561  1.00 41.85 ? 105 GLU A CD  1 
ATOM   644  O  OE1 . GLU A 1 105 ? -13.324 4.954   -2.490  1.00 25.63 ? 105 GLU A OE1 1 
ATOM   645  O  OE2 . GLU A 1 105 ? -13.609 5.643   -0.393  1.00 45.36 ? 105 GLU A OE2 1 
ATOM   646  N  N   . THR A 1 106 ? -10.189 9.458   -1.571  1.00 16.51 ? 106 THR A N   1 
ATOM   647  C  CA  . THR A 1 106 ? -9.071  9.469   -0.624  1.00 14.73 ? 106 THR A CA  1 
ATOM   648  C  C   . THR A 1 106 ? -9.388  8.576   0.539   1.00 17.68 ? 106 THR A C   1 
ATOM   649  O  O   . THR A 1 106 ? -10.443 8.682   1.127   1.00 20.49 ? 106 THR A O   1 
ATOM   650  C  CB  . THR A 1 106 ? -8.746  10.891  -0.112  1.00 19.62 ? 106 THR A CB  1 
ATOM   651  O  OG1 . THR A 1 106 ? -8.283  11.691  -1.204  1.00 25.04 ? 106 THR A OG1 1 
ATOM   652  C  CG2 . THR A 1 106 ? -7.646  10.875  0.950   1.00 19.85 ? 106 THR A CG2 1 
ATOM   653  N  N   . VAL A 1 107 ? -8.435  7.732   0.901   1.00 14.07 ? 107 VAL A N   1 
ATOM   654  C  CA  . VAL A 1 107 ? -8.581  6.814   1.997   1.00 14.27 ? 107 VAL A CA  1 
ATOM   655  C  C   . VAL A 1 107 ? -7.398  6.983   2.941   1.00 19.14 ? 107 VAL A C   1 
ATOM   656  O  O   . VAL A 1 107 ? -6.381  7.578   2.596   1.00 20.08 ? 107 VAL A O   1 
ATOM   657  C  CB  . VAL A 1 107 ? -8.687  5.372   1.517   1.00 19.08 ? 107 VAL A CB  1 
ATOM   658  C  CG1 . VAL A 1 107 ? -9.858  5.225   0.539   1.00 18.84 ? 107 VAL A CG1 1 
ATOM   659  C  CG2 . VAL A 1 107 ? -7.401  4.894   0.863   1.00 19.29 ? 107 VAL A CG2 1 
ATOM   660  N  N   . GLU A 1 108 ? -7.537  6.470   4.152   1.00 15.89 ? 108 GLU A N   1 
ATOM   661  C  CA  . GLU A 1 108 ? -6.464  6.589   5.143   1.00 14.71 ? 108 GLU A CA  1 
ATOM   662  C  C   . GLU A 1 108 ? -6.246  5.299   5.844   1.00 15.64 ? 108 GLU A C   1 
ATOM   663  O  O   . GLU A 1 108 ? -7.177  4.552   6.113   1.00 20.36 ? 108 GLU A O   1 
ATOM   664  C  CB  . GLU A 1 108 ? -6.786  7.631   6.232   1.00 18.14 ? 108 GLU A CB  1 
ATOM   665  C  CG  . GLU A 1 108 ? -6.952  9.055   5.711   1.00 25.03 ? 108 GLU A CG  1 
ATOM   666  C  CD  . GLU A 1 108 ? -7.027  10.101  6.839   1.00 33.01 ? 108 GLU A CD  1 
ATOM   667  O  OE1 . GLU A 1 108 ? -6.372  11.166  6.689   1.00 40.83 ? 108 GLU A OE1 1 
ATOM   668  O  OE2 . GLU A 1 108 ? -7.741  9.854   7.853   1.00 34.54 ? 108 GLU A OE2 1 
ATOM   669  N  N   . VAL A 1 109 ? -5.001  5.064   6.191   1.00 14.41 ? 109 VAL A N   1 
ATOM   670  C  CA  . VAL A 1 109 ? -4.657  4.030   7.171   1.00 12.40 ? 109 VAL A CA  1 
ATOM   671  C  C   . VAL A 1 109 ? -3.646  4.566   8.172   1.00 18.91 ? 109 VAL A C   1 
ATOM   672  O  O   . VAL A 1 109 ? -2.643  5.124   7.777   1.00 19.25 ? 109 VAL A O   1 
ATOM   673  C  CB  . VAL A 1 109 ? -4.099  2.750   6.500   1.00 13.13 ? 109 VAL A CB  1 
ATOM   674  C  CG1 . VAL A 1 109 ? -3.126  3.088   5.412   1.00 18.90 ? 109 VAL A CG1 1 
ATOM   675  C  CG2 . VAL A 1 109 ? -3.430  1.858   7.553   1.00 20.16 ? 109 VAL A CG2 1 
ATOM   676  N  N   . THR A 1 110 ? -3.940  4.425   9.471   1.00 14.15 ? 110 THR A N   1 
ATOM   677  C  CA  . THR A 1 110 ? -2.999  4.780   10.532  1.00 13.57 ? 110 THR A CA  1 
ATOM   678  C  C   . THR A 1 110 ? -2.368  3.513   11.094  1.00 20.28 ? 110 THR A C   1 
ATOM   679  O  O   . THR A 1 110 ? -3.078  2.538   11.402  1.00 14.85 ? 110 THR A O   1 
ATOM   680  C  CB  . THR A 1 110 ? -3.716  5.564   11.672  1.00 16.38 ? 110 THR A CB  1 
ATOM   681  O  OG1 . THR A 1 110 ? -4.354  6.732   11.128  1.00 17.94 ? 110 THR A OG1 1 
ATOM   682  C  CG2 . THR A 1 110 ? -2.771  5.983   12.749  1.00 19.86 ? 110 THR A CG2 1 
ATOM   683  N  N   . PHE A 1 111 ? -1.039  3.501   11.205  1.00 14.05 ? 111 PHE A N   1 
ATOM   684  C  CA  . PHE A 1 111 ? -0.335  2.345   11.764  1.00 12.16 ? 111 PHE A CA  1 
ATOM   685  C  C   . PHE A 1 111 ? 0.889   2.804   12.553  1.00 14.61 ? 111 PHE A C   1 
ATOM   686  O  O   . PHE A 1 111 ? 1.317   3.935   12.450  1.00 17.70 ? 111 PHE A O   1 
ATOM   687  C  CB  . PHE A 1 111 ? 0.068   1.352   10.666  1.00 13.69 ? 111 PHE A CB  1 
ATOM   688  C  CG  . PHE A 1 111 ? 1.103   1.886   9.693   1.00 13.70 ? 111 PHE A CG  1 
ATOM   689  C  CD1 . PHE A 1 111 ? 2.447   1.553   9.820   1.00 17.27 ? 111 PHE A CD1 1 
ATOM   690  C  CD2 . PHE A 1 111 ? 0.722   2.674   8.615   1.00 16.31 ? 111 PHE A CD2 1 
ATOM   691  C  CE1 . PHE A 1 111 ? 3.389   2.019   8.930   1.00 20.58 ? 111 PHE A CE1 1 
ATOM   692  C  CE2 . PHE A 1 111 ? 1.667   3.135   7.712   1.00 17.92 ? 111 PHE A CE2 1 
ATOM   693  C  CZ  . PHE A 1 111 ? 2.990   2.818   7.867   1.00 19.60 ? 111 PHE A CZ  1 
ATOM   694  N  N   . THR A 1 112 ? 1.370   1.925   13.410  1.00 16.48 ? 112 THR A N   1 
ATOM   695  C  CA  . THR A 1 112 ? 2.619   2.118   14.112  1.00 14.55 ? 112 THR A CA  1 
ATOM   696  C  C   . THR A 1 112 ? 3.727   1.586   13.221  1.00 20.14 ? 112 THR A C   1 
ATOM   697  O  O   . THR A 1 112 ? 3.704   0.424   12.816  1.00 15.20 ? 112 THR A O   1 
ATOM   698  C  CB  . THR A 1 112 ? 2.648   1.339   15.424  1.00 16.11 ? 112 THR A CB  1 
ATOM   699  O  OG1 . THR A 1 112 ? 1.620   1.841   16.301  1.00 17.30 ? 112 THR A OG1 1 
ATOM   700  C  CG2 . THR A 1 112 ? 4.025   1.475   16.107  1.00 19.96 ? 112 THR A CG2 1 
ATOM   701  N  N   . ALA A 1 113 ? 4.723   2.414   12.940  1.00 20.00 ? 113 ALA A N   1 
ATOM   702  C  CA  . ALA A 1 113 ? 5.773   1.992   12.014  1.00 13.79 ? 113 ALA A CA  1 
ATOM   703  C  C   . ALA A 1 113 ? 6.486   0.804   12.591  1.00 18.88 ? 113 ALA A C   1 
ATOM   704  O  O   . ALA A 1 113 ? 6.720   0.770   13.811  1.00 20.52 ? 113 ALA A O   1 
ATOM   705  C  CB  . ALA A 1 113 ? 6.757   3.078   11.794  1.00 18.07 ? 113 ALA A CB  1 
ATOM   706  N  N   . PRO A 1 114 ? 6.852   -0.170  11.747  1.00 20.87 ? 114 PRO A N   1 
ATOM   707  C  CA  . PRO A 1 114 ? 7.526   -1.373  12.227  1.00 20.69 ? 114 PRO A CA  1 
ATOM   708  C  C   . PRO A 1 114 ? 8.960   -1.120  12.715  1.00 21.36 ? 114 PRO A C   1 
ATOM   709  O  O   . PRO A 1 114 ? 9.392   0.014   12.828  1.00 20.81 ? 114 PRO A O   1 
ATOM   710  C  CB  . PRO A 1 114 ? 7.523   -2.277  11.001  1.00 21.24 ? 114 PRO A CB  1 
ATOM   711  C  CG  . PRO A 1 114 ? 7.470   -1.339  9.839   1.00 21.06 ? 114 PRO A CG  1 
ATOM   712  C  CD  . PRO A 1 114 ? 6.611   -0.218  10.292  1.00 26.12 ? 114 PRO A CD  1 
ATOM   713  N  N   . ALA A 1 115 ? 9.707   -2.184  12.979  1.00 25.99 ? 115 ALA A N   1 
ATOM   714  C  CA  . ALA A 1 115 ? 11.121  -2.056  13.351  1.00 26.36 ? 115 ALA A CA  1 
ATOM   715  C  C   . ALA A 1 115 ? 11.934  -1.416  12.231  1.00 29.14 ? 115 ALA A C   1 
ATOM   716  O  O   . ALA A 1 115 ? 11.528  -1.471  11.071  1.00 19.21 ? 115 ALA A O   1 
ATOM   717  C  CB  . ALA A 1 115 ? 11.693  -3.428  13.694  1.00 25.18 ? 115 ALA A CB  1 
ATOM   718  N  N   . ALA A 1 116 ? 13.071  -0.805  12.583  1.00 24.75 ? 116 ALA A N   1 
ATOM   719  C  CA  . ALA A 1 116 ? 14.008  -0.276  11.585  1.00 25.06 ? 116 ALA A CA  1 
ATOM   720  C  C   . ALA A 1 116 ? 14.282  -1.279  10.469  1.00 21.44 ? 116 ALA A C   1 
ATOM   721  O  O   . ALA A 1 116 ? 14.428  -2.479  10.711  1.00 20.71 ? 116 ALA A O   1 
ATOM   722  C  CB  . ALA A 1 116 ? 15.317  0.150   12.233  1.00 31.01 ? 116 ALA A CB  1 
ATOM   723  N  N   . GLY A 1 117 ? 14.363  -0.770  9.245   1.00 22.55 ? 117 GLY A N   1 
ATOM   724  C  CA  . GLY A 1 117 ? 14.424  -1.611  8.050   1.00 27.58 ? 117 GLY A CA  1 
ATOM   725  C  C   . GLY A 1 117 ? 13.780  -0.953  6.833   1.00 22.71 ? 117 GLY A C   1 
ATOM   726  O  O   . GLY A 1 117 ? 13.363  0.204   6.880   1.00 26.62 ? 117 GLY A O   1 
ATOM   727  N  N   . THR A 1 118 ? 13.731  -1.680  5.727   1.00 21.54 ? 118 THR A N   1 
ATOM   728  C  CA  . THR A 1 118 ? 13.017  -1.214  4.544   1.00 21.61 ? 118 THR A CA  1 
ATOM   729  C  C   . THR A 1 118 ? 11.928  -2.216  4.212   1.00 19.60 ? 118 THR A C   1 
ATOM   730  O  O   . THR A 1 118 ? 12.091  -3.416  4.394   1.00 17.49 ? 118 THR A O   1 
ATOM   731  C  CB  . THR A 1 118 ? 13.953  -0.977  3.333   1.00 26.98 ? 118 THR A CB  1 
ATOM   732  O  OG1 . THR A 1 118 ? 14.541  -2.214  2.936   1.00 31.95 ? 118 THR A OG1 1 
ATOM   733  C  CG2 . THR A 1 118 ? 15.051  -0.017  3.715   1.00 23.36 ? 118 THR A CG2 1 
ATOM   734  N  N   . TYR A 1 119 ? 10.792  -1.704  3.769   1.00 14.59 ? 119 TYR A N   1 
ATOM   735  C  CA  . TYR A 1 119 ? 9.605   -2.519  3.541   1.00 18.12 ? 119 TYR A CA  1 
ATOM   736  C  C   . TYR A 1 119 ? 9.041   -2.125  2.202   1.00 15.64 ? 119 TYR A C   1 
ATOM   737  O  O   . TYR A 1 119 ? 9.224   -1.015  1.761   1.00 23.90 ? 119 TYR A O   1 
ATOM   738  C  CB  . TYR A 1 119 ? 8.575   -2.236  4.638   1.00 19.14 ? 119 TYR A CB  1 
ATOM   739  C  CG  . TYR A 1 119 ? 9.089   -2.570  6.032   1.00 20.15 ? 119 TYR A CG  1 
ATOM   740  C  CD1 . TYR A 1 119 ? 8.806   -3.806  6.618   1.00 20.91 ? 119 TYR A CD1 1 
ATOM   741  C  CD2 . TYR A 1 119 ? 9.858   -1.655  6.751   1.00 23.20 ? 119 TYR A CD2 1 
ATOM   742  C  CE1 . TYR A 1 119 ? 9.281   -4.126  7.891   1.00 19.03 ? 119 TYR A CE1 1 
ATOM   743  C  CE2 . TYR A 1 119 ? 10.349  -1.961  8.032   1.00 21.88 ? 119 TYR A CE2 1 
ATOM   744  C  CZ  . TYR A 1 119 ? 10.047  -3.189  8.596   1.00 21.79 ? 119 TYR A CZ  1 
ATOM   745  O  OH  . TYR A 1 119 ? 10.517  -3.485  9.847   1.00 23.70 ? 119 TYR A OH  1 
ATOM   746  N  N   . LEU A 1 120 ? 8.358   -3.035  1.551   1.00 11.57 ? 120 LEU A N   1 
ATOM   747  C  CA  . LEU A 1 120 ? 7.691   -2.698  0.288   1.00 13.66 ? 120 LEU A CA  1 
ATOM   748  C  C   . LEU A 1 120 ? 6.274   -2.290  0.563   1.00 11.10 ? 120 LEU A C   1 
ATOM   749  O  O   . LEU A 1 120 ? 5.632   -2.848  1.450   1.00 15.78 ? 120 LEU A O   1 
ATOM   750  C  CB  . LEU A 1 120 ? 7.667   -3.902  -0.650  1.00 17.50 ? 120 LEU A CB  1 
ATOM   751  C  CG  . LEU A 1 120 ? 9.014   -4.396  -1.125  1.00 14.03 ? 120 LEU A CG  1 
ATOM   752  C  CD1 . LEU A 1 120 ? 8.880   -5.752  -1.816  1.00 22.00 ? 120 LEU A CD1 1 
ATOM   753  C  CD2 . LEU A 1 120 ? 9.689   -3.406  -2.042  1.00 24.62 ? 120 LEU A CD2 1 
ATOM   754  N  N   . TYR A 1 121 ? 5.800   -1.287  -0.175  1.00 11.99 ? 121 TYR A N   1 
ATOM   755  C  CA  . TYR A 1 121 ? 4.387   -1.055  -0.278  1.00 11.34 ? 121 TYR A CA  1 
ATOM   756  C  C   . TYR A 1 121 ? 3.991   -1.273  -1.715  1.00 15.39 ? 121 TYR A C   1 
ATOM   757  O  O   . TYR A 1 121 ? 4.783   -1.018  -2.606  1.00 13.92 ? 121 TYR A O   1 
ATOM   758  C  CB  . TYR A 1 121 ? 3.945   0.313   0.277   1.00 14.39 ? 121 TYR A CB  1 
ATOM   759  C  CG  . TYR A 1 121 ? 4.624   1.551   -0.273  1.00 15.41 ? 121 TYR A CG  1 
ATOM   760  C  CD1 . TYR A 1 121 ? 4.224   2.104   -1.485  1.00 15.98 ? 121 TYR A CD1 1 
ATOM   761  C  CD2 . TYR A 1 121 ? 5.622   2.211   0.449   1.00 12.86 ? 121 TYR A CD2 1 
ATOM   762  C  CE1 . TYR A 1 121 ? 4.805   3.263   -1.965  1.00 16.68 ? 121 TYR A CE1 1 
ATOM   763  C  CE2 . TYR A 1 121 ? 6.197   3.366   -0.023  1.00 13.54 ? 121 TYR A CE2 1 
ATOM   764  C  CZ  . TYR A 1 121 ? 5.807   3.888   -1.239  1.00 12.47 ? 121 TYR A CZ  1 
ATOM   765  O  OH  . TYR A 1 121 ? 6.394   5.035   -1.750  1.00 15.03 ? 121 TYR A OH  1 
ATOM   766  N  N   . ILE A 1 122 ? 2.808   -1.867  -1.888  1.00 12.97 ? 122 ILE A N   1 
ATOM   767  C  CA  . ILE A 1 122 ? 2.302   -2.315  -3.171  1.00 13.06 ? 122 ILE A CA  1 
ATOM   768  C  C   . ILE A 1 122 ? 0.810   -2.023  -3.259  1.00 16.15 ? 122 ILE A C   1 
ATOM   769  O  O   . ILE A 1 122 ? 0.147   -1.725  -2.265  1.00 13.87 ? 122 ILE A O   1 
ATOM   770  C  CB  . ILE A 1 122 ? 2.524   -3.831  -3.423  1.00 9.31  ? 122 ILE A CB  1 
ATOM   771  C  CG1 . ILE A 1 122 ? 1.701   -4.701  -2.439  1.00 14.26 ? 122 ILE A CG1 1 
ATOM   772  C  CG2 . ILE A 1 122 ? 3.989   -4.174  -3.270  1.00 13.07 ? 122 ILE A CG2 1 
ATOM   773  C  CD1 . ILE A 1 122 ? 1.735   -6.188  -2.706  1.00 20.07 ? 122 ILE A CD1 1 
ATOM   774  N  N   . CYS A 1 123 ? 0.296   -2.085  -4.479  1.00 14.97 ? 123 CYS A N   1 
ATOM   775  C  CA  . CYS A 1 123 ? -1.155  -2.101  -4.680  1.00 13.27 ? 123 CYS A CA  1 
ATOM   776  C  C   . CYS A 1 123 ? -1.511  -3.494  -5.155  1.00 12.19 ? 123 CYS A C   1 
ATOM   777  O  O   . CYS A 1 123 ? -0.853  -3.994  -6.051  1.00 13.02 ? 123 CYS A O   1 
ATOM   778  C  CB  . CYS A 1 123 ? -1.539  -1.088  -5.727  1.00 14.14 ? 123 CYS A CB  1 
ATOM   779  S  SG  . CYS A 1 123 ? -3.254  -1.165  -6.290  1.00 12.11 ? 123 CYS A SG  1 
ATOM   780  N  N   . THR A 1 124 ? -2.545  -4.098  -4.593  1.00 13.42 ? 124 THR A N   1 
ATOM   781  C  CA  . THR A 1 124 ? -2.963  -5.446  -4.996  1.00 11.06 ? 124 THR A CA  1 
ATOM   782  C  C   . THR A 1 124 ? -4.181  -5.482  -5.929  1.00 11.33 ? 124 THR A C   1 
ATOM   783  O  O   . THR A 1 124 ? -4.737  -6.538  -6.180  1.00 12.64 ? 124 THR A O   1 
ATOM   784  C  CB  . THR A 1 124 ? -3.254  -6.300  -3.749  1.00 12.05 ? 124 THR A CB  1 
ATOM   785  O  OG1 . THR A 1 124 ? -4.330  -5.732  -3.029  1.00 10.92 ? 124 THR A OG1 1 
ATOM   786  C  CG2 . THR A 1 124 ? -2.026  -6.373  -2.863  1.00 13.60 ? 124 THR A CG2 1 
ATOM   787  N  N   . VAL A 1 125 ? -4.574  -4.349  -6.489  1.00 11.53 ? 125 VAL A N   1 
ATOM   788  C  CA  . VAL A 1 125 ? -5.626  -4.359  -7.495  1.00 9.84  ? 125 VAL A CA  1 
ATOM   789  C  C   . VAL A 1 125 ? -5.088  -5.172  -8.711  1.00 12.78 ? 125 VAL A C   1 
ATOM   790  O  O   . VAL A 1 125 ? -3.928  -5.023  -9.082  1.00 11.91 ? 125 VAL A O   1 
ATOM   791  C  CB  . VAL A 1 125 ? -6.069  -2.918  -7.820  1.00 9.37  ? 125 VAL A CB  1 
ATOM   792  C  CG1 . VAL A 1 125 ? -6.904  -2.836  -9.146  1.00 12.04 ? 125 VAL A CG1 1 
ATOM   793  C  CG2 . VAL A 1 125 ? -6.810  -2.311  -6.604  1.00 10.68 ? 125 VAL A CG2 1 
ATOM   794  N  N   . PRO A 1 126 ? -5.911  -6.082  -9.268  1.00 10.34 ? 126 PRO A N   1 
ATOM   795  C  CA  . PRO A 1 126 ? -5.449  -6.967  -10.320 1.00 10.38 ? 126 PRO A CA  1 
ATOM   796  C  C   . PRO A 1 126 ? -4.631  -6.261  -11.393 1.00 12.26 ? 126 PRO A C   1 
ATOM   797  O  O   . PRO A 1 126 ? -5.095  -5.305  -11.989 1.00 10.97 ? 126 PRO A O   1 
ATOM   798  C  CB  . PRO A 1 126 ? -6.768  -7.524  -10.906 1.00 13.36 ? 126 PRO A CB  1 
ATOM   799  C  CG  . PRO A 1 126 ? -7.623  -7.664  -9.706  1.00 13.07 ? 126 PRO A CG  1 
ATOM   800  C  CD  . PRO A 1 126 ? -7.296  -6.416  -8.880  1.00 12.90 ? 126 PRO A CD  1 
ATOM   801  N  N   . GLY A 1 127 ? -3.425  -6.763  -11.637 1.00 11.94 ? 127 GLY A N   1 
ATOM   802  C  CA  . GLY A 1 127 ? -2.569  -6.223  -12.687 1.00 15.79 ? 127 GLY A CA  1 
ATOM   803  C  C   . GLY A 1 127 ? -1.705  -5.017  -12.335 1.00 13.00 ? 127 GLY A C   1 
ATOM   804  O  O   . GLY A 1 127 ? -0.833  -4.627  -13.128 1.00 15.00 ? 127 GLY A O   1 
ATOM   805  N  N   . HIS A 1 128 ? -1.910  -4.383  -11.186 1.00 14.07 ? 128 HIS A N   1 
ATOM   806  C  CA  . HIS A 1 128 ? -1.129  -3.139  -10.893 1.00 12.91 ? 128 HIS A CA  1 
ATOM   807  C  C   . HIS A 1 128 ? 0.276   -3.409  -10.396 1.00 13.82 ? 128 HIS A C   1 
ATOM   808  O  O   . HIS A 1 128 ? 1.209   -2.700  -10.768 1.00 14.13 ? 128 HIS A O   1 
ATOM   809  C  CB  . HIS A 1 128 ? -1.877  -2.252  -9.922  1.00 12.70 ? 128 HIS A CB  1 
ATOM   810  C  CG  . HIS A 1 128 ? -3.122  -1.698  -10.504 1.00 9.48  ? 128 HIS A CG  1 
ATOM   811  N  ND1 . HIS A 1 128 ? -3.813  -0.658  -9.927  1.00 13.32 ? 128 HIS A ND1 1 
ATOM   812  C  CD2 . HIS A 1 128 ? -3.801  -2.035  -11.629 1.00 13.19 ? 128 HIS A CD2 1 
ATOM   813  C  CE1 . HIS A 1 128 ? -4.873  -0.382  -10.674 1.00 7.82  ? 128 HIS A CE1 1 
ATOM   814  N  NE2 . HIS A 1 128 ? -4.873  -1.188  -11.724 1.00 11.37 ? 128 HIS A NE2 1 
ATOM   815  N  N   . TYR A 1 129 ? 0.417   -4.425  -9.548  1.00 13.93 ? 129 TYR A N   1 
ATOM   816  C  CA  . TYR A 1 129 ? 1.725   -4.963  -9.174  1.00 12.55 ? 129 TYR A CA  1 
ATOM   817  C  C   . TYR A 1 129 ? 2.109   -5.881  -10.313 1.00 15.16 ? 129 TYR A C   1 
ATOM   818  O  O   . TYR A 1 129 ? 1.238   -6.604  -10.826 1.00 14.81 ? 129 TYR A O   1 
ATOM   819  C  CB  . TYR A 1 129 ? 1.648   -5.720  -7.817  1.00 8.86  ? 129 TYR A CB  1 
ATOM   820  C  CG  . TYR A 1 129 ? 2.976   -6.334  -7.418  1.00 9.33  ? 129 TYR A CG  1 
ATOM   821  C  CD1 . TYR A 1 129 ? 3.940   -5.569  -6.771  1.00 15.05 ? 129 TYR A CD1 1 
ATOM   822  C  CD2 . TYR A 1 129 ? 3.324   -7.609  -7.829  1.00 14.48 ? 129 TYR A CD2 1 
ATOM   823  C  CE1 . TYR A 1 129 ? 5.174   -6.063  -6.467  1.00 18.49 ? 129 TYR A CE1 1 
ATOM   824  C  CE2 . TYR A 1 129 ? 4.599   -8.138  -7.530  1.00 19.38 ? 129 TYR A CE2 1 
ATOM   825  C  CZ  . TYR A 1 129 ? 5.511   -7.366  -6.833  1.00 14.63 ? 129 TYR A CZ  1 
ATOM   826  O  OH  . TYR A 1 129 ? 6.772   -7.834  -6.493  1.00 18.23 ? 129 TYR A OH  1 
ATOM   827  N  N   . PRO A 1 130 ? 3.398   -5.932  -10.687 1.00 15.11 ? 130 PRO A N   1 
ATOM   828  C  CA  . PRO A 1 130 ? 4.618   -5.386  -10.070 1.00 12.48 ? 130 PRO A CA  1 
ATOM   829  C  C   . PRO A 1 130 ? 4.983   -3.958  -10.398 1.00 10.78 ? 130 PRO A C   1 
ATOM   830  O  O   . PRO A 1 130 ? 5.890   -3.431  -9.788  1.00 12.96 ? 130 PRO A O   1 
ATOM   831  C  CB  . PRO A 1 130 ? 5.705   -6.322  -10.626 1.00 18.88 ? 130 PRO A CB  1 
ATOM   832  C  CG  . PRO A 1 130 ? 5.223   -6.583  -12.013 1.00 19.60 ? 130 PRO A CG  1 
ATOM   833  C  CD  . PRO A 1 130 ? 3.737   -6.739  -11.871 1.00 13.63 ? 130 PRO A CD  1 
ATOM   834  N  N   . LEU A 1 131 ? 4.270   -3.276  -11.287 1.00 13.89 ? 131 LEU A N   1 
ATOM   835  C  CA  . LEU A 1 131 ? 4.659   -1.899  -11.535 1.00 10.73 ? 131 LEU A CA  1 
ATOM   836  C  C   . LEU A 1 131 ? 4.404   -1.000  -10.338 1.00 15.86 ? 131 LEU A C   1 
ATOM   837  O  O   . LEU A 1 131 ? 5.186   -0.111  -10.029 1.00 15.32 ? 131 LEU A O   1 
ATOM   838  C  CB  . LEU A 1 131 ? 3.920   -1.325  -12.746 1.00 22.23 ? 131 LEU A CB  1 
ATOM   839  C  CG  . LEU A 1 131 ? 4.468   -1.728  -14.112 1.00 20.54 ? 131 LEU A CG  1 
ATOM   840  C  CD1 . LEU A 1 131 ? 3.446   -1.302  -15.148 1.00 24.81 ? 131 LEU A CD1 1 
ATOM   841  C  CD2 . LEU A 1 131 ? 5.799   -1.073  -14.364 1.00 26.10 ? 131 LEU A CD2 1 
ATOM   842  N  N   . MET A 1 132 ? 3.270   -1.192  -9.689  1.00 13.08 ? 132 MET A N   1 
ATOM   843  C  CA  . MET A 1 132 ? 2.840   -0.241  -8.694  1.00 13.05 ? 132 MET A CA  1 
ATOM   844  C  C   . MET A 1 132 ? 3.408   -0.669  -7.346  1.00 13.52 ? 132 MET A C   1 
ATOM   845  O  O   . MET A 1 132 ? 2.820   -1.458  -6.580  1.00 9.64  ? 132 MET A O   1 
ATOM   846  C  CB  . MET A 1 132 ? 1.322   -0.130  -8.744  1.00 12.02 ? 132 MET A CB  1 
ATOM   847  C  CG  . MET A 1 132 ? 0.803   1.091   -8.010  1.00 15.12 ? 132 MET A CG  1 
ATOM   848  S  SD  . MET A 1 132 ? -0.876  1.485   -8.413  1.00 15.21 ? 132 MET A SD  1 
ATOM   849  C  CE  . MET A 1 132 ? -1.168  2.735   -7.143  1.00 12.10 ? 132 MET A CE  1 
ATOM   850  N  N   . GLN A 1 133 ? 4.581   -0.139  -7.058  1.00 12.21 ? 133 GLN A N   1 
ATOM   851  C  CA  . GLN A 1 133 ? 5.268   -0.444  -5.820  1.00 13.03 ? 133 GLN A CA  1 
ATOM   852  C  C   . GLN A 1 133 ? 6.194   0.685   -5.402  1.00 11.53 ? 133 GLN A C   1 
ATOM   853  O  O   . GLN A 1 133 ? 6.608   1.525   -6.211  1.00 13.82 ? 133 GLN A O   1 
ATOM   854  C  CB  . GLN A 1 133 ? 6.070   -1.750  -5.944  1.00 10.62 ? 133 GLN A CB  1 
ATOM   855  C  CG  . GLN A 1 133 ? 7.103   -1.767  -7.058  1.00 9.45  ? 133 GLN A CG  1 
ATOM   856  C  CD  . GLN A 1 133 ? 8.055   -2.924  -6.955  1.00 13.00 ? 133 GLN A CD  1 
ATOM   857  O  OE1 . GLN A 1 133 ? 8.874   -2.997  -6.019  1.00 16.61 ? 133 GLN A OE1 1 
ATOM   858  N  NE2 . GLN A 1 133 ? 7.977   -3.847  -7.936  1.00 12.11 ? 133 GLN A NE2 1 
ATOM   859  N  N   . GLY A 1 134 ? 6.512   0.683   -4.122  1.00 13.36 ? 134 GLY A N   1 
ATOM   860  C  CA  . GLY A 1 134 ? 7.478   1.589   -3.576  1.00 14.98 ? 134 GLY A CA  1 
ATOM   861  C  C   . GLY A 1 134 ? 8.111   1.009   -2.326  1.00 14.96 ? 134 GLY A C   1 
ATOM   862  O  O   . GLY A 1 134 ? 7.926   -0.175  -2.008  1.00 14.08 ? 134 GLY A O   1 
ATOM   863  N  N   . LYS A 1 135 ? 8.849   1.865   -1.631  1.00 12.61 ? 135 LYS A N   1 
ATOM   864  C  CA  . LYS A 1 135 ? 9.669   1.464   -0.499  1.00 15.22 ? 135 LYS A CA  1 
ATOM   865  C  C   . LYS A 1 135 ? 9.431   2.376   0.718   1.00 14.50 ? 135 LYS A C   1 
ATOM   866  O  O   . LYS A 1 135 ? 9.468   3.580   0.580   1.00 13.94 ? 135 LYS A O   1 
ATOM   867  C  CB  . LYS A 1 135 ? 11.125  1.595   -0.944  1.00 21.41 ? 135 LYS A CB  1 
ATOM   868  C  CG  . LYS A 1 135 ? 12.184  1.117   -0.015  1.00 20.29 ? 135 LYS A CG  1 
ATOM   869  C  CD  . LYS A 1 135 ? 13.544  1.168   -0.721  1.00 18.76 ? 135 LYS A CD  1 
ATOM   870  C  CE  . LYS A 1 135 ? 14.134  2.591   -0.723  1.00 16.47 ? 135 LYS A CE  1 
ATOM   871  N  NZ  . LYS A 1 135 ? 15.461  2.655   -1.461  1.00 21.20 ? 135 LYS A NZ  1 
ATOM   872  N  N   . LEU A 1 136 ? 9.186   1.777   1.882   1.00 16.14 ? 136 LEU A N   1 
ATOM   873  C  CA  . LEU A 1 136 ? 9.099   2.500   3.148   1.00 10.26 ? 136 LEU A CA  1 
ATOM   874  C  C   . LEU A 1 136 ? 10.432  2.281   3.894   1.00 17.32 ? 136 LEU A C   1 
ATOM   875  O  O   . LEU A 1 136 ? 10.797  1.153   4.177   1.00 19.38 ? 136 LEU A O   1 
ATOM   876  C  CB  . LEU A 1 136 ? 7.940   1.983   3.996   1.00 15.49 ? 136 LEU A CB  1 
ATOM   877  C  CG  . LEU A 1 136 ? 7.887   2.633   5.378   1.00 13.19 ? 136 LEU A CG  1 
ATOM   878  C  CD1 . LEU A 1 136 ? 7.379   4.065   5.261   1.00 19.08 ? 136 LEU A CD1 1 
ATOM   879  C  CD2 . LEU A 1 136 ? 7.017   1.836   6.336   1.00 17.10 ? 136 LEU A CD2 1 
ATOM   880  N  N   . VAL A 1 137 ? 11.133  3.369   4.192   1.00 17.28 ? 137 VAL A N   1 
ATOM   881  C  CA  . VAL A 1 137 ? 12.367  3.327   4.979   1.00 18.80 ? 137 VAL A CA  1 
ATOM   882  C  C   . VAL A 1 137 ? 12.044  3.704   6.410   1.00 14.57 ? 137 VAL A C   1 
ATOM   883  O  O   . VAL A 1 137 ? 11.542  4.803   6.671   1.00 20.99 ? 137 VAL A O   1 
ATOM   884  C  CB  . VAL A 1 137 ? 13.426  4.283   4.423   1.00 19.76 ? 137 VAL A CB  1 
ATOM   885  C  CG1 . VAL A 1 137 ? 14.747  4.143   5.209   1.00 23.74 ? 137 VAL A CG1 1 
ATOM   886  C  CG2 . VAL A 1 137 ? 13.695  3.985   2.949   1.00 21.82 ? 137 VAL A CG2 1 
ATOM   887  N  N   . VAL A 1 138 ? 12.325  2.795   7.329   1.00 18.65 ? 138 VAL A N   1 
ATOM   888  C  CA  . VAL A 1 138 ? 12.087  3.041   8.748   1.00 17.69 ? 138 VAL A CA  1 
ATOM   889  C  C   . VAL A 1 138 ? 13.449  3.099   9.424   1.00 21.26 ? 138 VAL A C   1 
ATOM   890  O  O   . VAL A 1 138 ? 14.229  2.133   9.328   1.00 21.73 ? 138 VAL A O   1 
ATOM   891  C  CB  . VAL A 1 138 ? 11.232  1.938   9.371   1.00 15.45 ? 138 VAL A CB  1 
ATOM   892  C  CG1 . VAL A 1 138 ? 10.865  2.318   10.815  1.00 21.54 ? 138 VAL A CG1 1 
ATOM   893  C  CG2 . VAL A 1 138 ? 9.982   1.721   8.564   1.00 16.79 ? 138 VAL A CG2 1 
ATOM   894  N  N   . ASN A 1 139 ? 13.744  4.233   10.057  1.00 31.20 ? 139 ASN A N   1 
ATOM   895  C  CA  . ASN A 1 139 ? 15.036  4.461   10.722  1.00 37.66 ? 139 ASN A CA  1 
ATOM   896  C  C   . ASN A 1 139 ? 14.985  4.151   12.212  1.00 36.51 ? 139 ASN A C   1 
ATOM   897  O  O   . ASN A 1 139 ? 13.981  4.428   12.879  1.00 43.18 ? 139 ASN A O   1 
ATOM   898  C  CB  . ASN A 1 139 ? 15.492  5.901   10.486  1.00 41.16 ? 139 ASN A CB  1 
ATOM   899  C  CG  . ASN A 1 139 ? 15.878  6.152   9.040   1.00 52.93 ? 139 ASN A CG  1 
ATOM   900  O  OD1 . ASN A 1 139 ? 15.450  7.133   8.423   1.00 52.23 ? 139 ASN A OD1 1 
ATOM   901  N  ND2 . ASN A 1 139 ? 16.690  5.249   8.481   1.00 58.16 ? 139 ASN A ND2 1 
HETATM 902  CU CU  . CU  B 2 .   ? -3.443  0.175   -8.049  1.00 13.33 ? 140 CU  A CU  1 
HETATM 903  S  S   . SO4 C 3 .   ? -8.771  -16.560 2.154   0.50 24.93 ? 143 SO4 A S   1 
HETATM 904  O  O1  . SO4 C 3 .   ? -9.470  -17.284 1.107   0.50 31.01 ? 143 SO4 A O1  1 
HETATM 905  O  O2  . SO4 C 3 .   ? -9.410  -15.268 2.366   0.50 36.43 ? 143 SO4 A O2  1 
HETATM 906  O  O3  . SO4 C 3 .   ? -8.886  -17.343 3.367   0.50 10.58 ? 143 SO4 A O3  1 
HETATM 907  O  O4  . SO4 C 3 .   ? -7.420  -16.233 1.739   0.50 20.36 ? 143 SO4 A O4  1 
HETATM 908  S  S   . SO4 D 3 .   ? 17.673  0.949   0.483   0.50 33.11 ? 144 SO4 A S   1 
HETATM 909  O  O1  . SO4 D 3 .   ? 16.653  0.387   -0.372  0.50 32.69 ? 144 SO4 A O1  1 
HETATM 910  O  O2  . SO4 D 3 .   ? 18.483  -0.138  1.029   0.50 37.85 ? 144 SO4 A O2  1 
HETATM 911  O  O3  . SO4 D 3 .   ? 17.108  1.734   1.578   0.50 26.29 ? 144 SO4 A O3  1 
HETATM 912  O  O4  . SO4 D 3 .   ? 18.514  1.828   -0.327  0.50 36.87 ? 144 SO4 A O4  1 
HETATM 913  O  O   . HOH E 4 .   ? -1.562  -5.750  -8.072  1.00 10.32 ? 145 HOH A O   1 
HETATM 914  O  O   . HOH E 4 .   ? -11.950 -6.986  -10.196 1.00 15.60 ? 146 HOH A O   1 
HETATM 915  O  O   . HOH E 4 .   ? 5.156   1.979   -11.763 1.00 15.87 ? 147 HOH A O   1 
HETATM 916  O  O   . HOH E 4 .   ? -9.480  -12.852 1.306   1.00 18.08 ? 148 HOH A O   1 
HETATM 917  O  O   . HOH E 4 .   ? -0.313  -8.784  10.237  0.50 9.26  ? 149 HOH A O   1 
HETATM 918  O  O   . HOH E 4 .   ? -5.457  -4.871  -14.535 1.00 16.29 ? 150 HOH A O   1 
HETATM 919  O  O   . HOH E 4 .   ? 2.216   -4.255  -13.356 1.00 17.94 ? 151 HOH A O   1 
HETATM 920  O  O   . HOH E 4 .   ? -8.895  -9.229  3.299   1.00 22.83 ? 152 HOH A O   1 
HETATM 921  O  O   . HOH E 4 .   ? 4.955   3.173   -7.849  1.00 13.73 ? 153 HOH A O   1 
HETATM 922  O  O   . HOH E 4 .   ? -4.224  -8.771  -7.542  1.00 14.55 ? 154 HOH A O   1 
HETATM 923  O  O   . HOH E 4 .   ? 8.694   -5.674  2.558   1.00 21.21 ? 155 HOH A O   1 
HETATM 924  O  O   . HOH E 4 .   ? -5.180  1.303   12.459  1.00 20.99 ? 156 HOH A O   1 
HETATM 925  O  O   . HOH E 4 .   ? -3.695  5.552   -11.609 1.00 11.17 ? 157 HOH A O   1 
HETATM 926  O  O   . HOH E 4 .   ? -2.252  -8.311  -9.513  1.00 19.07 ? 158 HOH A O   1 
HETATM 927  O  O   . HOH E 4 .   ? -0.102  -12.172 4.849   1.00 22.12 ? 159 HOH A O   1 
HETATM 928  O  O   . HOH E 4 .   ? -1.247  13.080  -2.213  1.00 24.34 ? 160 HOH A O   1 
HETATM 929  O  O   . HOH E 4 .   ? -5.788  4.725   -15.654 1.00 21.64 ? 161 HOH A O   1 
HETATM 930  O  O   . HOH E 4 .   ? 1.221   12.833  -2.892  1.00 28.65 ? 162 HOH A O   1 
HETATM 931  O  O   . HOH E 4 .   ? 7.957   -9.844  -8.098  1.00 24.59 ? 163 HOH A O   1 
HETATM 932  O  O   . HOH E 4 .   ? 14.999  -3.852  13.028  1.00 34.92 ? 164 HOH A O   1 
HETATM 933  O  O   . HOH E 4 .   ? 4.267   9.024   16.804  1.00 31.21 ? 165 HOH A O   1 
HETATM 934  O  O   . HOH E 4 .   ? 3.689   13.564  3.124   1.00 21.37 ? 166 HOH A O   1 
HETATM 935  O  O   . HOH E 4 .   ? -1.863  -17.979 3.535   1.00 34.42 ? 167 HOH A O   1 
HETATM 936  O  O   . HOH E 4 .   ? -2.805  12.430  -0.188  1.00 24.03 ? 168 HOH A O   1 
HETATM 937  O  O   . HOH E 4 .   ? 1.118   15.349  15.530  1.00 21.55 ? 169 HOH A O   1 
HETATM 938  O  O   . HOH E 4 .   ? -4.344  1.715   -17.426 1.00 22.81 ? 170 HOH A O   1 
HETATM 939  O  O   . HOH E 4 .   ? 0.877   -13.959 2.990   1.00 34.45 ? 171 HOH A O   1 
HETATM 940  O  O   . HOH E 4 .   ? -0.580  -16.306 -4.161  1.00 27.14 ? 172 HOH A O   1 
HETATM 941  O  O   . HOH E 4 .   ? -1.348  12.744  -10.041 1.00 24.70 ? 173 HOH A O   1 
HETATM 942  O  O   . HOH E 4 .   ? -5.400  -16.228 -6.933  1.00 21.68 ? 174 HOH A O   1 
HETATM 943  O  O   . HOH E 4 .   ? -1.638  -4.202  -15.697 1.00 24.58 ? 175 HOH A O   1 
HETATM 944  O  O   . HOH E 4 .   ? 9.234   10.590  1.208   1.00 39.28 ? 176 HOH A O   1 
HETATM 945  O  O   . HOH E 4 .   ? -10.332 5.887   4.820   1.00 22.10 ? 177 HOH A O   1 
HETATM 946  O  O   . HOH E 4 .   ? -8.564  3.185   7.724   1.00 26.08 ? 178 HOH A O   1 
HETATM 947  O  O   . HOH E 4 .   ? 7.437   -0.781  15.794  1.00 35.32 ? 179 HOH A O   1 
HETATM 948  O  O   . HOH E 4 .   ? 13.710  -0.322  15.158  1.00 33.12 ? 180 HOH A O   1 
HETATM 949  O  O   . HOH E 4 .   ? 0.356   13.188  -8.192  1.00 36.70 ? 181 HOH A O   1 
HETATM 950  O  O   . HOH E 4 .   ? -0.835  10.108  12.390  1.00 21.67 ? 182 HOH A O   1 
HETATM 951  O  O   . HOH E 4 .   ? -8.135  -3.485  6.831   1.00 32.73 ? 183 HOH A O   1 
HETATM 952  O  O   . HOH E 4 .   ? -12.937 10.669  -0.891  1.00 26.93 ? 184 HOH A O   1 
HETATM 953  O  O   . HOH E 4 .   ? -8.195  -1.244  5.898   1.00 41.57 ? 185 HOH A O   1 
HETATM 954  O  O   . HOH E 4 .   ? -11.704 -1.495  1.542   1.00 28.49 ? 186 HOH A O   1 
HETATM 955  O  O   . HOH E 4 .   ? -12.123 -13.605 -0.424  1.00 36.86 ? 187 HOH A O   1 
HETATM 956  O  O   . HOH E 4 .   ? -1.329  12.598  11.550  1.00 33.36 ? 188 HOH A O   1 
HETATM 957  O  O   . HOH E 4 .   ? 15.579  8.120   3.504   1.00 34.91 ? 189 HOH A O   1 
HETATM 958  O  O   . HOH E 4 .   ? -1.449  12.952  -4.971  1.00 24.72 ? 190 HOH A O   1 
HETATM 959  O  O   . HOH E 4 .   ? 6.009   11.587  -15.528 1.00 34.72 ? 191 HOH A O   1 
HETATM 960  O  O   . HOH E 4 .   ? -4.121  -2.606  -15.116 1.00 21.57 ? 192 HOH A O   1 
HETATM 961  O  O   . HOH E 4 .   ? 6.160   8.248   -9.258  1.00 23.24 ? 193 HOH A O   1 
HETATM 962  O  O   . HOH E 4 .   ? -0.589  -10.263 -10.003 1.00 24.26 ? 194 HOH A O   1 
HETATM 963  O  O   . HOH E 4 .   ? 4.096   -2.020  13.333  1.00 23.67 ? 195 HOH A O   1 
HETATM 964  O  O   . HOH E 4 .   ? 0.182   7.870   18.769  1.00 35.08 ? 196 HOH A O   1 
HETATM 965  O  O   . HOH E 4 .   ? 1.652   2.781   -15.579 1.00 31.42 ? 197 HOH A O   1 
HETATM 966  O  O   . HOH E 4 .   ? 1.795   -11.000 -8.613  1.00 31.18 ? 198 HOH A O   1 
HETATM 967  O  O   . HOH E 4 .   ? -6.484  6.350   9.835   1.00 38.75 ? 199 HOH A O   1 
HETATM 968  O  O   . HOH E 4 .   ? -1.601  10.312  -15.677 1.00 24.56 ? 200 HOH A O   1 
HETATM 969  O  O   . HOH E 4 .   ? 9.063   -12.172 -7.338  1.00 33.06 ? 201 HOH A O   1 
HETATM 970  O  O   . HOH E 4 .   ? 16.205  -6.057  12.866  1.00 41.54 ? 202 HOH A O   1 
HETATM 971  O  O   . HOH E 4 .   ? -1.731  9.773   17.651  1.00 38.35 ? 203 HOH A O   1 
HETATM 972  O  O   . HOH E 4 .   ? 16.782  -2.011  0.746   1.00 44.14 ? 204 HOH A O   1 
HETATM 973  O  O   . HOH E 4 .   ? 4.465   3.020   -14.246 1.00 26.37 ? 205 HOH A O   1 
HETATM 974  O  O   . HOH E 4 .   ? -10.410 12.607  -3.022  1.00 33.11 ? 206 HOH A O   1 
HETATM 975  O  O   . HOH E 4 .   ? -6.919  14.147  -8.584  1.00 36.41 ? 207 HOH A O   1 
HETATM 976  O  O   . HOH E 4 .   ? 6.772   12.673  -11.544 1.00 33.21 ? 208 HOH A O   1 
HETATM 977  O  O   . HOH E 4 .   ? 10.281  -12.580 -0.121  1.00 45.75 ? 209 HOH A O   1 
HETATM 978  O  O   . HOH E 4 .   ? 4.215   15.503  15.339  1.00 49.33 ? 210 HOH A O   1 
HETATM 979  O  O   . HOH E 4 .   ? 16.303  -0.167  15.358  1.00 46.90 ? 211 HOH A O   1 
HETATM 980  O  O   . HOH E 4 .   ? -5.213  -16.643 -9.407  1.00 34.95 ? 212 HOH A O   1 
HETATM 981  O  O   . HOH E 4 .   ? 9.434   1.653   -6.637  1.00 35.90 ? 213 HOH A O   1 
HETATM 982  O  O   . HOH E 4 .   ? 0.346   -8.825  -12.051 1.00 26.56 ? 214 HOH A O   1 
HETATM 983  O  O   . HOH E 4 .   ? 5.462   12.394  -7.914  1.00 34.42 ? 215 HOH A O   1 
HETATM 984  O  O   . HOH E 4 .   ? 8.010   -4.723  13.218  1.00 40.47 ? 216 HOH A O   1 
HETATM 985  O  O   . HOH E 4 .   ? -2.502  9.966   14.966  1.00 33.29 ? 217 HOH A O   1 
HETATM 986  O  O   . HOH E 4 .   ? -1.454  15.528  -5.425  1.00 41.60 ? 218 HOH A O   1 
HETATM 987  O  O   . HOH E 4 .   ? 5.350   -14.358 8.468   1.00 45.21 ? 219 HOH A O   1 
HETATM 988  O  O   . HOH E 4 .   ? -12.504 -17.040 -4.992  1.00 38.40 ? 220 HOH A O   1 
HETATM 989  O  O   . HOH E 4 .   ? -13.011 3.302   0.502   1.00 40.68 ? 221 HOH A O   1 
HETATM 990  O  O   . HOH E 4 .   ? -14.115 12.154  -12.156 1.00 34.50 ? 222 HOH A O   1 
HETATM 991  O  O   . HOH E 4 .   ? 12.978  -8.839  -2.737  1.00 36.85 ? 223 HOH A O   1 
HETATM 992  O  O   . HOH E 4 .   ? 5.807   2.264   -16.609 1.00 30.68 ? 224 HOH A O   1 
HETATM 993  O  O   . HOH E 4 .   ? 8.085   -12.302 5.358   1.00 48.37 ? 225 HOH A O   1 
HETATM 994  O  O   . HOH E 4 .   ? -13.927 -3.113  -0.750  1.00 45.00 ? 226 HOH A O   1 
HETATM 995  O  O   . HOH E 4 .   ? 3.153   -10.422 -12.866 1.00 36.97 ? 227 HOH A O   1 
HETATM 996  O  O   . HOH E 4 .   ? 12.352  -11.901 -2.873  1.00 42.46 ? 228 HOH A O   1 
HETATM 997  O  O   . HOH E 4 .   ? -7.362  14.688  -0.649  1.00 49.65 ? 229 HOH A O   1 
HETATM 998  O  O   . HOH E 4 .   ? -6.318  7.078   13.211  1.00 45.70 ? 230 HOH A O   1 
HETATM 999  O  O   . HOH E 4 .   ? -11.719 -12.971 2.803   1.00 35.85 ? 231 HOH A O   1 
HETATM 1000 O  O   . HOH E 4 .   ? -7.033  -15.788 -2.885  1.00 37.08 ? 232 HOH A O   1 
HETATM 1001 O  O   . HOH E 4 .   ? 4.047   -10.699 -10.380 1.00 45.86 ? 233 HOH A O   1 
HETATM 1002 O  O   . HOH E 4 .   ? 0.806   0.127   18.579  1.00 42.74 ? 234 HOH A O   1 
HETATM 1003 O  O   . HOH E 4 .   ? -0.488  -12.924 -10.299 1.00 39.81 ? 235 HOH A O   1 
HETATM 1004 O  O   . HOH E 4 .   ? 18.968  -2.986  1.936   1.00 54.17 ? 236 HOH A O   1 
# 
